data_4N5T
# 
_entry.id   4N5T 
# 
_audit_conform.dict_name       mmcif_pdbx.dic 
_audit_conform.dict_version    5.399 
_audit_conform.dict_location   http://mmcif.pdb.org/dictionaries/ascii/mmcif_pdbx.dic 
# 
loop_
_database_2.database_id 
_database_2.database_code 
_database_2.pdbx_database_accession 
_database_2.pdbx_DOI 
PDB   4N5T         pdb_00004n5t 10.2210/pdb4n5t/pdb 
RCSB  RCSB082788   ?            ?                   
WWPDB D_1000082788 ?            ?                   
# 
loop_
_pdbx_audit_revision_history.ordinal 
_pdbx_audit_revision_history.data_content_type 
_pdbx_audit_revision_history.major_revision 
_pdbx_audit_revision_history.minor_revision 
_pdbx_audit_revision_history.revision_date 
1 'Structure model' 1 0 2013-11-20 
2 'Structure model' 1 1 2017-11-15 
3 'Structure model' 2 0 2023-11-15 
4 'Structure model' 2 1 2024-11-27 
# 
_pdbx_audit_revision_details.ordinal             1 
_pdbx_audit_revision_details.revision_ordinal    1 
_pdbx_audit_revision_details.data_content_type   'Structure model' 
_pdbx_audit_revision_details.provider            repository 
_pdbx_audit_revision_details.type                'Initial release' 
_pdbx_audit_revision_details.description         ? 
_pdbx_audit_revision_details.details             ? 
# 
loop_
_pdbx_audit_revision_group.ordinal 
_pdbx_audit_revision_group.revision_ordinal 
_pdbx_audit_revision_group.data_content_type 
_pdbx_audit_revision_group.group 
1 2 'Structure model' 'Refinement description' 
2 3 'Structure model' 'Atomic model'           
3 3 'Structure model' 'Data collection'        
4 3 'Structure model' 'Database references'    
5 3 'Structure model' 'Derived calculations'   
6 4 'Structure model' 'Structure summary'      
# 
loop_
_pdbx_audit_revision_category.ordinal 
_pdbx_audit_revision_category.revision_ordinal 
_pdbx_audit_revision_category.data_content_type 
_pdbx_audit_revision_category.category 
1  2 'Structure model' software                  
2  3 'Structure model' atom_site                 
3  3 'Structure model' chem_comp_atom            
4  3 'Structure model' chem_comp_bond            
5  3 'Structure model' database_2                
6  3 'Structure model' struct_conn               
7  3 'Structure model' struct_ref_seq_dif        
8  3 'Structure model' struct_site               
9  4 'Structure model' pdbx_entry_details        
10 4 'Structure model' pdbx_modification_feature 
# 
loop_
_pdbx_audit_revision_item.ordinal 
_pdbx_audit_revision_item.revision_ordinal 
_pdbx_audit_revision_item.data_content_type 
_pdbx_audit_revision_item.item 
1  3 'Structure model' '_atom_site.auth_atom_id'             
2  3 'Structure model' '_atom_site.label_atom_id'            
3  3 'Structure model' '_database_2.pdbx_DOI'                
4  3 'Structure model' '_database_2.pdbx_database_accession' 
5  3 'Structure model' '_struct_conn.pdbx_dist_value'        
6  3 'Structure model' '_struct_conn.pdbx_leaving_atom_flag' 
7  3 'Structure model' '_struct_conn.pdbx_value_order'       
8  3 'Structure model' '_struct_conn.ptnr1_auth_comp_id'     
9  3 'Structure model' '_struct_conn.ptnr1_auth_seq_id'      
10 3 'Structure model' '_struct_conn.ptnr1_label_atom_id'    
11 3 'Structure model' '_struct_conn.ptnr1_label_comp_id'    
12 3 'Structure model' '_struct_conn.ptnr1_label_seq_id'     
13 3 'Structure model' '_struct_conn.ptnr2_auth_comp_id'     
14 3 'Structure model' '_struct_conn.ptnr2_auth_seq_id'      
15 3 'Structure model' '_struct_conn.ptnr2_label_atom_id'    
16 3 'Structure model' '_struct_conn.ptnr2_label_comp_id'    
17 3 'Structure model' '_struct_conn.ptnr2_label_seq_id'     
18 3 'Structure model' '_struct_ref_seq_dif.details'         
19 3 'Structure model' '_struct_site.pdbx_auth_asym_id'      
20 3 'Structure model' '_struct_site.pdbx_auth_comp_id'      
21 3 'Structure model' '_struct_site.pdbx_auth_seq_id'       
# 
_pdbx_database_status.status_code                     REL 
_pdbx_database_status.entry_id                        4N5T 
_pdbx_database_status.recvd_initial_deposition_date   2013-10-10 
_pdbx_database_status.deposit_site                    RCSB 
_pdbx_database_status.process_site                    RCSB 
_pdbx_database_status.status_code_sf                  REL 
_pdbx_database_status.status_code_mr                  ? 
_pdbx_database_status.SG_entry                        ? 
_pdbx_database_status.status_code_cs                  ? 
_pdbx_database_status.methods_development_category    ? 
_pdbx_database_status.pdb_format_compatible           Y 
_pdbx_database_status.status_code_nmr_data            ? 
# 
loop_
_audit_author.name 
_audit_author.pdbx_ordinal 
'Graves, B.J.' 1 
'Lukacs, C.'   2 
'Janson, C.A.' 3 
# 
_citation.id                        primary 
_citation.title                     
'Stapled alpha-helical peptide drug development: a potent dual inhibitor of MDM2 and MDMX for p53-dependent cancer therapy.' 
_citation.journal_abbrev            Proc.Natl.Acad.Sci.USA 
_citation.journal_volume            110 
_citation.page_first                E3445 
_citation.page_last                 E3454 
_citation.year                      2013 
_citation.journal_id_ASTM           PNASA6 
_citation.country                   US 
_citation.journal_id_ISSN           0027-8424 
_citation.journal_id_CSD            0040 
_citation.book_publisher            ? 
_citation.pdbx_database_id_PubMed   23946421 
_citation.pdbx_database_id_DOI      10.1073/pnas.1303002110 
# 
loop_
_citation_author.citation_id 
_citation_author.name 
_citation_author.ordinal 
_citation_author.identifier_ORCID 
primary 'Chang, Y.S.'    1  ? 
primary 'Graves, B.'     2  ? 
primary 'Guerlavais, V.' 3  ? 
primary 'Tovar, C.'      4  ? 
primary 'Packman, K.'    5  ? 
primary 'To, K.H.'       6  ? 
primary 'Olson, K.A.'    7  ? 
primary 'Kesavan, K.'    8  ? 
primary 'Gangurde, P.'   9  ? 
primary 'Mukherjee, A.'  10 ? 
primary 'Baker, T.'      11 ? 
primary 'Darlak, K.'     12 ? 
primary 'Elkin, C.'      13 ? 
primary 'Filipovic, Z.'  14 ? 
primary 'Qureshi, F.Z.'  15 ? 
primary 'Cai, H.'        16 ? 
primary 'Berry, P.'      17 ? 
primary 'Feyfant, E.'    18 ? 
primary 'Shi, X.E.'      19 ? 
primary 'Horstick, J.'   20 ? 
primary 'Annis, D.A.'    21 ? 
primary 'Manning, A.M.'  22 ? 
primary 'Fotouhi, N.'    23 ? 
primary 'Nash, H.'       24 ? 
primary 'Vassilev, L.T.' 25 ? 
primary 'Sawyer, T.K.'   26 ? 
# 
loop_
_entity.id 
_entity.type 
_entity.src_method 
_entity.pdbx_description 
_entity.formula_weight 
_entity.pdbx_number_of_molecules 
_entity.pdbx_ec 
_entity.pdbx_mutation 
_entity.pdbx_fragment 
_entity.details 
1 polymer man 'Protein Mdm4'              10322.081 1   ? 'L46V, V95L' 'SWIB Domain (UNP Residues 15-106)' ? 
2 polymer syn 'ATSP-7041 stapled-peptide' 1734.042  1   ? ?            ?                                   ? 
3 water   nat water                       18.015    125 ? ?            ?                                   ? 
# 
_entity_name_com.entity_id   1 
_entity_name_com.name        'Double minute 4 protein, Mdm2-like p53-binding protein, Protein Mdmx, p53-binding protein Mdm4' 
# 
loop_
_entity_poly.entity_id 
_entity_poly.type 
_entity_poly.nstd_linkage 
_entity_poly.nstd_monomer 
_entity_poly.pdbx_seq_one_letter_code 
_entity_poly.pdbx_seq_one_letter_code_can 
_entity_poly.pdbx_strand_id 
_entity_poly.pdbx_target_identifier 
1 'polypeptide(L)' no no  
;LPGEGTQVHPRAPLLQILKVAGAQEEVFTVKEVMHYLGQYIMMKQLYDKQRQHIVHCHDDPLGELLEVGSFSVKNPSPLY
EMLKRNLVIL
;
;LPGEGTQVHPRAPLLQILKVAGAQEEVFTVKEVMHYLGQYIMMKQLYDKQRQHIVHCHDDPLGELLEVGSFSVKNPSPLY
EMLKRNLVIL
;
A ? 
2 'polypeptide(L)' no yes '(ACE)LTF(0EH)EYWAQ(2JH)(MK8)SAA'                                                             
XLTFXEYWAQXLSAA                                                                               B ? 
# 
_pdbx_entity_nonpoly.entity_id   3 
_pdbx_entity_nonpoly.name        water 
_pdbx_entity_nonpoly.comp_id     HOH 
# 
loop_
_entity_poly_seq.entity_id 
_entity_poly_seq.num 
_entity_poly_seq.mon_id 
_entity_poly_seq.hetero 
1 1  LEU n 
1 2  PRO n 
1 3  GLY n 
1 4  GLU n 
1 5  GLY n 
1 6  THR n 
1 7  GLN n 
1 8  VAL n 
1 9  HIS n 
1 10 PRO n 
1 11 ARG n 
1 12 ALA n 
1 13 PRO n 
1 14 LEU n 
1 15 LEU n 
1 16 GLN n 
1 17 ILE n 
1 18 LEU n 
1 19 LYS n 
1 20 VAL n 
1 21 ALA n 
1 22 GLY n 
1 23 ALA n 
1 24 GLN n 
1 25 GLU n 
1 26 GLU n 
1 27 VAL n 
1 28 PHE n 
1 29 THR n 
1 30 VAL n 
1 31 LYS n 
1 32 GLU n 
1 33 VAL n 
1 34 MET n 
1 35 HIS n 
1 36 TYR n 
1 37 LEU n 
1 38 GLY n 
1 39 GLN n 
1 40 TYR n 
1 41 ILE n 
1 42 MET n 
1 43 MET n 
1 44 LYS n 
1 45 GLN n 
1 46 LEU n 
1 47 TYR n 
1 48 ASP n 
1 49 LYS n 
1 50 GLN n 
1 51 ARG n 
1 52 GLN n 
1 53 HIS n 
1 54 ILE n 
1 55 VAL n 
1 56 HIS n 
1 57 CYS n 
1 58 HIS n 
1 59 ASP n 
1 60 ASP n 
1 61 PRO n 
1 62 LEU n 
1 63 GLY n 
1 64 GLU n 
1 65 LEU n 
1 66 LEU n 
1 67 GLU n 
1 68 VAL n 
1 69 GLY n 
1 70 SER n 
1 71 PHE n 
1 72 SER n 
1 73 VAL n 
1 74 LYS n 
1 75 ASN n 
1 76 PRO n 
1 77 SER n 
1 78 PRO n 
1 79 LEU n 
1 80 TYR n 
1 81 GLU n 
1 82 MET n 
1 83 LEU n 
1 84 LYS n 
1 85 ARG n 
1 86 ASN n 
1 87 LEU n 
1 88 VAL n 
1 89 ILE n 
1 90 LEU n 
2 1  ACE n 
2 2  LEU n 
2 3  THR n 
2 4  PHE n 
2 5  0EH n 
2 6  GLU n 
2 7  TYR n 
2 8  TRP n 
2 9  ALA n 
2 10 GLN n 
2 11 2JH n 
2 12 MK8 n 
2 13 SER n 
2 14 ALA n 
2 15 ALA n 
# 
_entity_src_gen.entity_id                          1 
_entity_src_gen.pdbx_src_id                        1 
_entity_src_gen.pdbx_alt_source_flag               sample 
_entity_src_gen.pdbx_seq_type                      ? 
_entity_src_gen.pdbx_beg_seq_num                   ? 
_entity_src_gen.pdbx_end_seq_num                   ? 
_entity_src_gen.gene_src_common_name               'leopard danio, zebra danio, zebra fish' 
_entity_src_gen.gene_src_genus                     ? 
_entity_src_gen.pdbx_gene_src_gene                 'mdm4, mdmx' 
_entity_src_gen.gene_src_species                   ? 
_entity_src_gen.gene_src_strain                    ? 
_entity_src_gen.gene_src_tissue                    ? 
_entity_src_gen.gene_src_tissue_fraction           ? 
_entity_src_gen.gene_src_details                   ? 
_entity_src_gen.pdbx_gene_src_fragment             ? 
_entity_src_gen.pdbx_gene_src_scientific_name      'Danio rerio' 
_entity_src_gen.pdbx_gene_src_ncbi_taxonomy_id     7955 
_entity_src_gen.pdbx_gene_src_variant              ? 
_entity_src_gen.pdbx_gene_src_cell_line            ? 
_entity_src_gen.pdbx_gene_src_atcc                 ? 
_entity_src_gen.pdbx_gene_src_organ                ? 
_entity_src_gen.pdbx_gene_src_organelle            ? 
_entity_src_gen.pdbx_gene_src_cell                 ? 
_entity_src_gen.pdbx_gene_src_cellular_location    ? 
_entity_src_gen.host_org_common_name               ? 
_entity_src_gen.pdbx_host_org_scientific_name      'Escherichia coli' 
_entity_src_gen.pdbx_host_org_ncbi_taxonomy_id     469008 
_entity_src_gen.host_org_genus                     ? 
_entity_src_gen.pdbx_host_org_gene                 ? 
_entity_src_gen.pdbx_host_org_organ                ? 
_entity_src_gen.host_org_species                   ? 
_entity_src_gen.pdbx_host_org_tissue               ? 
_entity_src_gen.pdbx_host_org_tissue_fraction      ? 
_entity_src_gen.pdbx_host_org_strain               'BL21(DE3)' 
_entity_src_gen.pdbx_host_org_variant              ? 
_entity_src_gen.pdbx_host_org_cell_line            ? 
_entity_src_gen.pdbx_host_org_atcc                 ? 
_entity_src_gen.pdbx_host_org_culture_collection   ? 
_entity_src_gen.pdbx_host_org_cell                 ? 
_entity_src_gen.pdbx_host_org_organelle            ? 
_entity_src_gen.pdbx_host_org_cellular_location    ? 
_entity_src_gen.pdbx_host_org_vector_type          Plasmid 
_entity_src_gen.pdbx_host_org_vector               ? 
_entity_src_gen.host_org_details                   ? 
_entity_src_gen.expression_system_id               ? 
_entity_src_gen.plasmid_name                       pET15b 
_entity_src_gen.plasmid_details                    ? 
_entity_src_gen.pdbx_description                   ? 
# 
_pdbx_entity_src_syn.entity_id              2 
_pdbx_entity_src_syn.pdbx_src_id            1 
_pdbx_entity_src_syn.pdbx_alt_source_flag   sample 
_pdbx_entity_src_syn.pdbx_beg_seq_num       ? 
_pdbx_entity_src_syn.pdbx_end_seq_num       ? 
_pdbx_entity_src_syn.organism_scientific    'synthetic construct' 
_pdbx_entity_src_syn.organism_common_name   ? 
_pdbx_entity_src_syn.ncbi_taxonomy_id       32630 
_pdbx_entity_src_syn.details                'ATSP-7041 was chemically synthesized and is loosely based on a sequence from p53' 
# 
loop_
_chem_comp.id 
_chem_comp.type 
_chem_comp.mon_nstd_flag 
_chem_comp.name 
_chem_comp.pdbx_synonyms 
_chem_comp.formula 
_chem_comp.formula_weight 
0EH 'D-peptide linking' . '(2R)-2-amino-2-methylnonanoic acid' ? 'C10 H21 N O2'   187.279 
2JH 'L-peptide linking' . 3-cyclobutyl-L-alanine               ? 'C7 H13 N O2'    143.184 
ACE non-polymer         . 'ACETYL GROUP'                       ? 'C2 H4 O'        44.053  
ALA 'L-peptide linking' y ALANINE                              ? 'C3 H7 N O2'     89.093  
ARG 'L-peptide linking' y ARGININE                             ? 'C6 H15 N4 O2 1' 175.209 
ASN 'L-peptide linking' y ASPARAGINE                           ? 'C4 H8 N2 O3'    132.118 
ASP 'L-peptide linking' y 'ASPARTIC ACID'                      ? 'C4 H7 N O4'     133.103 
CYS 'L-peptide linking' y CYSTEINE                             ? 'C3 H7 N O2 S'   121.158 
GLN 'L-peptide linking' y GLUTAMINE                            ? 'C5 H10 N2 O3'   146.144 
GLU 'L-peptide linking' y 'GLUTAMIC ACID'                      ? 'C5 H9 N O4'     147.129 
GLY 'peptide linking'   y GLYCINE                              ? 'C2 H5 N O2'     75.067  
HIS 'L-peptide linking' y HISTIDINE                            ? 'C6 H10 N3 O2 1' 156.162 
HOH non-polymer         . WATER                                ? 'H2 O'           18.015  
ILE 'L-peptide linking' y ISOLEUCINE                           ? 'C6 H13 N O2'    131.173 
LEU 'L-peptide linking' y LEUCINE                              ? 'C6 H13 N O2'    131.173 
LYS 'L-peptide linking' y LYSINE                               ? 'C6 H15 N2 O2 1' 147.195 
MET 'L-peptide linking' y METHIONINE                           ? 'C5 H11 N O2 S'  149.211 
MK8 'L-peptide linking' n 2-methyl-L-norleucine                ? 'C7 H15 N O2'    145.199 
PHE 'L-peptide linking' y PHENYLALANINE                        ? 'C9 H11 N O2'    165.189 
PRO 'L-peptide linking' y PROLINE                              ? 'C5 H9 N O2'     115.130 
SER 'L-peptide linking' y SERINE                               ? 'C3 H7 N O3'     105.093 
THR 'L-peptide linking' y THREONINE                            ? 'C4 H9 N O3'     119.119 
TRP 'L-peptide linking' y TRYPTOPHAN                           ? 'C11 H12 N2 O2'  204.225 
TYR 'L-peptide linking' y TYROSINE                             ? 'C9 H11 N O3'    181.189 
VAL 'L-peptide linking' y VALINE                               ? 'C5 H11 N O2'    117.146 
# 
loop_
_pdbx_poly_seq_scheme.asym_id 
_pdbx_poly_seq_scheme.entity_id 
_pdbx_poly_seq_scheme.seq_id 
_pdbx_poly_seq_scheme.mon_id 
_pdbx_poly_seq_scheme.ndb_seq_num 
_pdbx_poly_seq_scheme.pdb_seq_num 
_pdbx_poly_seq_scheme.auth_seq_num 
_pdbx_poly_seq_scheme.pdb_mon_id 
_pdbx_poly_seq_scheme.auth_mon_id 
_pdbx_poly_seq_scheme.pdb_strand_id 
_pdbx_poly_seq_scheme.pdb_ins_code 
_pdbx_poly_seq_scheme.hetero 
A 1 1  LEU 1  17  17  LEU LEU A . n 
A 1 2  PRO 2  18  18  PRO PRO A . n 
A 1 3  GLY 3  19  19  GLY GLY A . n 
A 1 4  GLU 4  20  20  GLU GLU A . n 
A 1 5  GLY 5  21  21  GLY GLY A . n 
A 1 6  THR 6  22  22  THR THR A . n 
A 1 7  GLN 7  23  23  GLN GLN A . n 
A 1 8  VAL 8  24  24  VAL VAL A . n 
A 1 9  HIS 9  25  25  HIS HIS A . n 
A 1 10 PRO 10 26  26  PRO PRO A . n 
A 1 11 ARG 11 27  27  ARG ARG A . n 
A 1 12 ALA 12 28  28  ALA ALA A . n 
A 1 13 PRO 13 29  29  PRO PRO A . n 
A 1 14 LEU 14 30  30  LEU LEU A . n 
A 1 15 LEU 15 31  31  LEU LEU A . n 
A 1 16 GLN 16 32  32  GLN GLN A . n 
A 1 17 ILE 17 33  33  ILE ILE A . n 
A 1 18 LEU 18 34  34  LEU LEU A . n 
A 1 19 LYS 19 35  35  LYS LYS A . n 
A 1 20 VAL 20 36  36  VAL VAL A . n 
A 1 21 ALA 21 37  37  ALA ALA A . n 
A 1 22 GLY 22 38  38  GLY GLY A . n 
A 1 23 ALA 23 39  39  ALA ALA A . n 
A 1 24 GLN 24 40  40  GLN GLN A . n 
A 1 25 GLU 25 41  41  GLU GLU A . n 
A 1 26 GLU 26 42  42  GLU GLU A . n 
A 1 27 VAL 27 43  43  VAL VAL A . n 
A 1 28 PHE 28 44  44  PHE PHE A . n 
A 1 29 THR 29 45  45  THR THR A . n 
A 1 30 VAL 30 46  46  VAL VAL A . n 
A 1 31 LYS 31 47  47  LYS LYS A . n 
A 1 32 GLU 32 48  48  GLU GLU A . n 
A 1 33 VAL 33 49  49  VAL VAL A . n 
A 1 34 MET 34 50  50  MET MET A . n 
A 1 35 HIS 35 51  51  HIS HIS A . n 
A 1 36 TYR 36 52  52  TYR TYR A . n 
A 1 37 LEU 37 53  53  LEU LEU A . n 
A 1 38 GLY 38 54  54  GLY GLY A . n 
A 1 39 GLN 39 55  55  GLN GLN A . n 
A 1 40 TYR 40 56  56  TYR TYR A . n 
A 1 41 ILE 41 57  57  ILE ILE A . n 
A 1 42 MET 42 58  58  MET MET A . n 
A 1 43 MET 43 59  59  MET MET A . n 
A 1 44 LYS 44 60  60  LYS LYS A . n 
A 1 45 GLN 45 61  61  GLN GLN A . n 
A 1 46 LEU 46 62  62  LEU LEU A . n 
A 1 47 TYR 47 63  63  TYR TYR A . n 
A 1 48 ASP 48 64  64  ASP ASP A . n 
A 1 49 LYS 49 65  65  LYS LYS A . n 
A 1 50 GLN 50 66  66  GLN GLN A . n 
A 1 51 ARG 51 67  67  ARG ARG A . n 
A 1 52 GLN 52 68  68  GLN GLN A . n 
A 1 53 HIS 53 69  69  HIS HIS A . n 
A 1 54 ILE 54 70  70  ILE ILE A . n 
A 1 55 VAL 55 71  71  VAL VAL A . n 
A 1 56 HIS 56 72  72  HIS HIS A . n 
A 1 57 CYS 57 73  73  CYS CYS A . n 
A 1 58 HIS 58 74  74  HIS HIS A . n 
A 1 59 ASP 59 75  75  ASP ASP A . n 
A 1 60 ASP 60 76  76  ASP ASP A . n 
A 1 61 PRO 61 77  77  PRO PRO A . n 
A 1 62 LEU 62 78  78  LEU LEU A . n 
A 1 63 GLY 63 79  79  GLY GLY A . n 
A 1 64 GLU 64 80  80  GLU GLU A . n 
A 1 65 LEU 65 81  81  LEU LEU A . n 
A 1 66 LEU 66 82  82  LEU LEU A . n 
A 1 67 GLU 67 83  83  GLU GLU A . n 
A 1 68 VAL 68 84  84  VAL VAL A . n 
A 1 69 GLY 69 85  85  GLY GLY A . n 
A 1 70 SER 70 86  86  SER SER A . n 
A 1 71 PHE 71 87  87  PHE PHE A . n 
A 1 72 SER 72 88  88  SER SER A . n 
A 1 73 VAL 73 89  89  VAL VAL A . n 
A 1 74 LYS 74 90  90  LYS LYS A . n 
A 1 75 ASN 75 91  91  ASN ASN A . n 
A 1 76 PRO 76 92  92  PRO PRO A . n 
A 1 77 SER 77 93  93  SER SER A . n 
A 1 78 PRO 78 94  94  PRO PRO A . n 
A 1 79 LEU 79 95  95  LEU LEU A . n 
A 1 80 TYR 80 96  96  TYR TYR A . n 
A 1 81 GLU 81 97  97  GLU GLU A . n 
A 1 82 MET 82 98  98  MET MET A . n 
A 1 83 LEU 83 99  99  LEU LEU A . n 
A 1 84 LYS 84 100 100 LYS LYS A . n 
A 1 85 ARG 85 101 101 ARG ARG A . n 
A 1 86 ASN 86 102 102 ASN ASN A . n 
A 1 87 LEU 87 103 103 LEU LEU A . n 
A 1 88 VAL 88 104 104 VAL VAL A . n 
A 1 89 ILE 89 105 105 ILE ILE A . n 
A 1 90 LEU 90 106 106 LEU LEU A . n 
B 2 1  ACE 1  16  16  ACE ACE B . n 
B 2 2  LEU 2  17  17  LEU LEU B . n 
B 2 3  THR 3  18  18  THR THR B . n 
B 2 4  PHE 4  19  19  PHE PHE B . n 
B 2 5  0EH 5  20  20  0EH 0EH B . n 
B 2 6  GLU 6  21  21  GLU GLU B . n 
B 2 7  TYR 7  22  22  TYR TYR B . n 
B 2 8  TRP 8  23  23  TRP TRP B . n 
B 2 9  ALA 9  24  24  ALA ALA B . n 
B 2 10 GLN 10 25  25  GLN GLN B . n 
B 2 11 2JH 11 26  26  2JH 2JH B . n 
B 2 12 MK8 12 27  27  MK8 MK8 B . n 
B 2 13 SER 13 28  28  SER SER B . n 
B 2 14 ALA 14 29  29  ALA ALA B . n 
B 2 15 ALA 15 30  30  ALA ALA B . n 
# 
loop_
_pdbx_nonpoly_scheme.asym_id 
_pdbx_nonpoly_scheme.entity_id 
_pdbx_nonpoly_scheme.mon_id 
_pdbx_nonpoly_scheme.ndb_seq_num 
_pdbx_nonpoly_scheme.pdb_seq_num 
_pdbx_nonpoly_scheme.auth_seq_num 
_pdbx_nonpoly_scheme.pdb_mon_id 
_pdbx_nonpoly_scheme.auth_mon_id 
_pdbx_nonpoly_scheme.pdb_strand_id 
_pdbx_nonpoly_scheme.pdb_ins_code 
C 3 HOH 1   201 1   HOH HOH A . 
C 3 HOH 2   202 3   HOH HOH A . 
C 3 HOH 3   203 5   HOH HOH A . 
C 3 HOH 4   204 6   HOH HOH A . 
C 3 HOH 5   205 7   HOH HOH A . 
C 3 HOH 6   206 8   HOH HOH A . 
C 3 HOH 7   207 11  HOH HOH A . 
C 3 HOH 8   208 12  HOH HOH A . 
C 3 HOH 9   209 14  HOH HOH A . 
C 3 HOH 10  210 15  HOH HOH A . 
C 3 HOH 11  211 16  HOH HOH A . 
C 3 HOH 12  212 17  HOH HOH A . 
C 3 HOH 13  213 18  HOH HOH A . 
C 3 HOH 14  214 19  HOH HOH A . 
C 3 HOH 15  215 20  HOH HOH A . 
C 3 HOH 16  216 21  HOH HOH A . 
C 3 HOH 17  217 23  HOH HOH A . 
C 3 HOH 18  218 24  HOH HOH A . 
C 3 HOH 19  219 25  HOH HOH A . 
C 3 HOH 20  220 26  HOH HOH A . 
C 3 HOH 21  221 27  HOH HOH A . 
C 3 HOH 22  222 28  HOH HOH A . 
C 3 HOH 23  223 29  HOH HOH A . 
C 3 HOH 24  224 30  HOH HOH A . 
C 3 HOH 25  225 33  HOH HOH A . 
C 3 HOH 26  226 34  HOH HOH A . 
C 3 HOH 27  227 35  HOH HOH A . 
C 3 HOH 28  228 36  HOH HOH A . 
C 3 HOH 29  229 38  HOH HOH A . 
C 3 HOH 30  230 39  HOH HOH A . 
C 3 HOH 31  231 40  HOH HOH A . 
C 3 HOH 32  232 41  HOH HOH A . 
C 3 HOH 33  233 42  HOH HOH A . 
C 3 HOH 34  234 43  HOH HOH A . 
C 3 HOH 35  235 44  HOH HOH A . 
C 3 HOH 36  236 46  HOH HOH A . 
C 3 HOH 37  237 47  HOH HOH A . 
C 3 HOH 38  238 48  HOH HOH A . 
C 3 HOH 39  239 49  HOH HOH A . 
C 3 HOH 40  240 50  HOH HOH A . 
C 3 HOH 41  241 52  HOH HOH A . 
C 3 HOH 42  242 53  HOH HOH A . 
C 3 HOH 43  243 54  HOH HOH A . 
C 3 HOH 44  244 55  HOH HOH A . 
C 3 HOH 45  245 56  HOH HOH A . 
C 3 HOH 46  246 57  HOH HOH A . 
C 3 HOH 47  247 58  HOH HOH A . 
C 3 HOH 48  248 59  HOH HOH A . 
C 3 HOH 49  249 60  HOH HOH A . 
C 3 HOH 50  250 61  HOH HOH A . 
C 3 HOH 51  251 67  HOH HOH A . 
C 3 HOH 52  252 68  HOH HOH A . 
C 3 HOH 53  253 69  HOH HOH A . 
C 3 HOH 54  254 70  HOH HOH A . 
C 3 HOH 55  255 72  HOH HOH A . 
C 3 HOH 56  256 73  HOH HOH A . 
C 3 HOH 57  257 74  HOH HOH A . 
C 3 HOH 58  258 75  HOH HOH A . 
C 3 HOH 59  259 76  HOH HOH A . 
C 3 HOH 60  260 78  HOH HOH A . 
C 3 HOH 61  261 80  HOH HOH A . 
C 3 HOH 62  262 81  HOH HOH A . 
C 3 HOH 63  263 82  HOH HOH A . 
C 3 HOH 64  264 83  HOH HOH A . 
C 3 HOH 65  265 84  HOH HOH A . 
C 3 HOH 66  266 86  HOH HOH A . 
C 3 HOH 67  267 87  HOH HOH A . 
C 3 HOH 68  268 88  HOH HOH A . 
C 3 HOH 69  269 89  HOH HOH A . 
C 3 HOH 70  270 90  HOH HOH A . 
C 3 HOH 71  271 92  HOH HOH A . 
C 3 HOH 72  272 93  HOH HOH A . 
C 3 HOH 73  273 94  HOH HOH A . 
C 3 HOH 74  274 95  HOH HOH A . 
C 3 HOH 75  275 96  HOH HOH A . 
C 3 HOH 76  276 97  HOH HOH A . 
C 3 HOH 77  277 98  HOH HOH A . 
C 3 HOH 78  278 99  HOH HOH A . 
C 3 HOH 79  279 100 HOH HOH A . 
C 3 HOH 80  280 101 HOH HOH A . 
C 3 HOH 81  281 102 HOH HOH A . 
C 3 HOH 82  282 103 HOH HOH A . 
C 3 HOH 83  283 104 HOH HOH A . 
C 3 HOH 84  284 105 HOH HOH A . 
C 3 HOH 85  285 107 HOH HOH A . 
C 3 HOH 86  286 108 HOH HOH A . 
C 3 HOH 87  287 109 HOH HOH A . 
C 3 HOH 88  288 110 HOH HOH A . 
C 3 HOH 89  289 111 HOH HOH A . 
C 3 HOH 90  290 112 HOH HOH A . 
C 3 HOH 91  291 114 HOH HOH A . 
C 3 HOH 92  292 115 HOH HOH A . 
C 3 HOH 93  293 116 HOH HOH A . 
C 3 HOH 94  294 117 HOH HOH A . 
C 3 HOH 95  295 118 HOH HOH A . 
C 3 HOH 96  296 120 HOH HOH A . 
C 3 HOH 97  297 121 HOH HOH A . 
C 3 HOH 98  298 122 HOH HOH A . 
C 3 HOH 99  299 123 HOH HOH A . 
C 3 HOH 100 300 124 HOH HOH A . 
C 3 HOH 101 301 125 HOH HOH A . 
D 3 HOH 1   101 4   HOH HOH B . 
D 3 HOH 2   102 2   HOH HOH B . 
D 3 HOH 3   103 9   HOH HOH B . 
D 3 HOH 4   104 10  HOH HOH B . 
D 3 HOH 5   105 13  HOH HOH B . 
D 3 HOH 6   106 22  HOH HOH B . 
D 3 HOH 7   107 31  HOH HOH B . 
D 3 HOH 8   108 32  HOH HOH B . 
D 3 HOH 9   109 37  HOH HOH B . 
D 3 HOH 10  110 45  HOH HOH B . 
D 3 HOH 11  111 51  HOH HOH B . 
D 3 HOH 12  112 62  HOH HOH B . 
D 3 HOH 13  113 63  HOH HOH B . 
D 3 HOH 14  114 64  HOH HOH B . 
D 3 HOH 15  115 65  HOH HOH B . 
D 3 HOH 16  116 66  HOH HOH B . 
D 3 HOH 17  117 71  HOH HOH B . 
D 3 HOH 18  118 77  HOH HOH B . 
D 3 HOH 19  119 79  HOH HOH B . 
D 3 HOH 20  120 85  HOH HOH B . 
D 3 HOH 21  121 91  HOH HOH B . 
D 3 HOH 22  122 106 HOH HOH B . 
D 3 HOH 23  123 113 HOH HOH B . 
D 3 HOH 24  124 119 HOH HOH B . 
# 
loop_
_software.name 
_software.classification 
_software.version 
_software.citation_id 
_software.pdbx_ordinal 
DA+      'data collection' .    ? 1 
MOLREP   phasing           .    ? 2 
CNX      refinement        2005 ? 3 
XDS      'data reduction'  .    ? 4 
SCALA    'data scaling'    .    ? 5 
TRUNCATE 'data scaling'    .    ? 6 
# 
_cell.entry_id           4N5T 
_cell.length_a           81.585 
_cell.length_b           108.535 
_cell.length_c           30.964 
_cell.angle_alpha        90.00 
_cell.angle_beta         90.00 
_cell.angle_gamma        90.00 
_cell.Z_PDB              8 
_cell.pdbx_unique_axis   ? 
_cell.length_a_esd       ? 
_cell.length_b_esd       ? 
_cell.length_c_esd       ? 
_cell.angle_alpha_esd    ? 
_cell.angle_beta_esd     ? 
_cell.angle_gamma_esd    ? 
# 
_symmetry.entry_id                         4N5T 
_symmetry.space_group_name_H-M             'C 2 2 21' 
_symmetry.pdbx_full_space_group_name_H-M   ? 
_symmetry.cell_setting                     ? 
_symmetry.Int_Tables_number                20 
_symmetry.space_group_name_Hall            ? 
# 
_exptl.entry_id          4N5T 
_exptl.method            'X-RAY DIFFRACTION' 
_exptl.crystals_number   1 
# 
_exptl_crystal.id                    1 
_exptl_crystal.density_meas          ? 
_exptl_crystal.density_Matthews      2.78 
_exptl_crystal.density_percent_sol   55.82 
_exptl_crystal.description           ? 
_exptl_crystal.F_000                 ? 
_exptl_crystal.preparation           ? 
# 
_exptl_crystal_grow.crystal_id      1 
_exptl_crystal_grow.method          'VAPOR DIFFUSION, SITTING DROP' 
_exptl_crystal_grow.temp            278 
_exptl_crystal_grow.temp_details    ? 
_exptl_crystal_grow.pH              5.6 
_exptl_crystal_grow.pdbx_details    
'15% PEG 4000, 0.1M sodium citrate, 0.2M ammonium sulfate, pH 5.6, VAPOR DIFFUSION, SITTING DROP, temperature 278K' 
_exptl_crystal_grow.pdbx_pH_range   ? 
# 
_diffrn.id                     1 
_diffrn.ambient_temp           100 
_diffrn.ambient_temp_details   ? 
_diffrn.crystal_id             1 
# 
_diffrn_detector.diffrn_id              1 
_diffrn_detector.detector               PIXEL 
_diffrn_detector.type                   'PSI PILATUS 6M' 
_diffrn_detector.pdbx_collection_date   2011-07-09 
_diffrn_detector.details                ? 
# 
_diffrn_radiation.diffrn_id                        1 
_diffrn_radiation.wavelength_id                    1 
_diffrn_radiation.pdbx_monochromatic_or_laue_m_l   M 
_diffrn_radiation.monochromator                    'Si(111)' 
_diffrn_radiation.pdbx_diffrn_protocol             'SINGLE WAVELENGTH' 
_diffrn_radiation.pdbx_scattering_type             x-ray 
# 
_diffrn_radiation_wavelength.id           1 
_diffrn_radiation_wavelength.wavelength   0.99980 
_diffrn_radiation_wavelength.wt           1.0 
# 
_diffrn_source.diffrn_id                   1 
_diffrn_source.source                      SYNCHROTRON 
_diffrn_source.type                        'SLS BEAMLINE X10SA' 
_diffrn_source.pdbx_synchrotron_site       SLS 
_diffrn_source.pdbx_synchrotron_beamline   X10SA 
_diffrn_source.pdbx_wavelength             ? 
_diffrn_source.pdbx_wavelength_list        0.99980 
# 
_reflns.entry_id                     4N5T 
_reflns.observed_criterion_sigma_I   0.0 
_reflns.observed_criterion_sigma_F   0.0 
_reflns.d_resolution_low             40.79 
_reflns.d_resolution_high            1.47 
_reflns.number_obs                   23886 
_reflns.number_all                   23886 
_reflns.percent_possible_obs         99.8 
_reflns.pdbx_Rmerge_I_obs            0.046 
_reflns.pdbx_Rsym_value              ? 
_reflns.pdbx_netI_over_sigmaI        15.5 
_reflns.B_iso_Wilson_estimate        26.3 
_reflns.pdbx_redundancy              6.4 
_reflns.R_free_details               ? 
_reflns.limit_h_max                  ? 
_reflns.limit_h_min                  ? 
_reflns.limit_k_max                  ? 
_reflns.limit_k_min                  ? 
_reflns.limit_l_max                  ? 
_reflns.limit_l_min                  ? 
_reflns.observed_criterion_F_max     ? 
_reflns.observed_criterion_F_min     ? 
_reflns.pdbx_chi_squared             ? 
_reflns.pdbx_scaling_rejects         ? 
_reflns.pdbx_ordinal                 1 
_reflns.pdbx_diffrn_id               1 
# 
_reflns_shell.d_res_high             1.47 
_reflns_shell.d_res_low              1.55 
_reflns_shell.percent_possible_all   99.9 
_reflns_shell.Rmerge_I_obs           ? 
_reflns_shell.pdbx_Rsym_value        ? 
_reflns_shell.meanI_over_sigI_obs    ? 
_reflns_shell.pdbx_redundancy        ? 
_reflns_shell.percent_possible_obs   ? 
_reflns_shell.number_unique_all      ? 
_reflns_shell.number_measured_all    ? 
_reflns_shell.number_measured_obs    ? 
_reflns_shell.number_unique_obs      ? 
_reflns_shell.pdbx_chi_squared       ? 
_reflns_shell.pdbx_ordinal           1 
_reflns_shell.pdbx_diffrn_id         1 
# 
_refine.entry_id                                 4N5T 
_refine.ls_number_reflns_obs                     15537 
_refine.ls_number_reflns_all                     15537 
_refine.pdbx_ls_sigma_I                          0.0 
_refine.pdbx_ls_sigma_F                          0.0 
_refine.pdbx_data_cutoff_high_absF               1652927.99 
_refine.pdbx_data_cutoff_low_absF                0.000000 
_refine.pdbx_data_cutoff_high_rms_absF           ? 
_refine.ls_d_res_low                             33.07 
_refine.ls_d_res_high                            1.70 
_refine.ls_percent_reflns_obs                    99.5 
_refine.ls_R_factor_obs                          0.210 
_refine.ls_R_factor_all                          0.210 
_refine.ls_R_factor_R_work                       0.209 
_refine.ls_R_factor_R_free                       0.228 
_refine.ls_R_factor_R_free_error                 0.008 
_refine.ls_R_factor_R_free_error_details         ? 
_refine.ls_percent_reflns_R_free                 5.1 
_refine.ls_number_reflns_R_free                  799 
_refine.ls_number_parameters                     ? 
_refine.ls_number_restraints                     ? 
_refine.occupancy_min                            ? 
_refine.occupancy_max                            ? 
_refine.correlation_coeff_Fo_to_Fc               ? 
_refine.correlation_coeff_Fo_to_Fc_free          ? 
_refine.B_iso_mean                               32.4 
_refine.aniso_B[1][1]                            -2.56 
_refine.aniso_B[2][2]                            4.06 
_refine.aniso_B[3][3]                            -1.50 
_refine.aniso_B[1][2]                            0.00 
_refine.aniso_B[1][3]                            0.00 
_refine.aniso_B[2][3]                            0.00 
_refine.solvent_model_details                    'FLAT MODEL' 
_refine.solvent_model_param_ksol                 0.331126 
_refine.solvent_model_param_bsol                 46.3115 
_refine.pdbx_solvent_vdw_probe_radii             ? 
_refine.pdbx_solvent_ion_probe_radii             ? 
_refine.pdbx_solvent_shrinkage_radii             ? 
_refine.pdbx_ls_cross_valid_method               THROUGHOUT 
_refine.details                                  ? 
_refine.pdbx_starting_model                      ? 
_refine.pdbx_method_to_determine_struct          'MOLECULAR REPLACEMENT' 
_refine.pdbx_isotropic_thermal_model             RESTRAINED 
_refine.pdbx_stereochemistry_target_values       'Engh & Huber' 
_refine.pdbx_stereochem_target_val_spec_case     ? 
_refine.pdbx_R_Free_selection_details            RANDOM 
_refine.pdbx_overall_ESU_R                       ? 
_refine.pdbx_overall_ESU_R_Free                  ? 
_refine.overall_SU_ML                            ? 
_refine.pdbx_overall_phase_error                 ? 
_refine.overall_SU_B                             ? 
_refine.overall_SU_R_Cruickshank_DPI             ? 
_refine.ls_redundancy_reflns_obs                 ? 
_refine.B_iso_min                                ? 
_refine.B_iso_max                                ? 
_refine.overall_SU_R_free                        ? 
_refine.ls_wR_factor_R_free                      ? 
_refine.ls_wR_factor_R_work                      ? 
_refine.overall_FOM_free_R_set                   ? 
_refine.overall_FOM_work_R_set                   ? 
_refine.pdbx_diffrn_id                           1 
_refine.pdbx_refine_id                           'X-RAY DIFFRACTION' 
_refine.pdbx_TLS_residual_ADP_flag               ? 
_refine.pdbx_overall_SU_R_free_Cruickshank_DPI   ? 
_refine.pdbx_overall_SU_R_Blow_DPI               ? 
_refine.pdbx_overall_SU_R_free_Blow_DPI          ? 
# 
_refine_analyze.entry_id                        4N5T 
_refine_analyze.Luzzati_coordinate_error_obs    0.21 
_refine_analyze.Luzzati_sigma_a_obs             0.15 
_refine_analyze.Luzzati_d_res_low_obs           5.00 
_refine_analyze.Luzzati_coordinate_error_free   0.22 
_refine_analyze.Luzzati_sigma_a_free            0.15 
_refine_analyze.Luzzati_d_res_low_free          ? 
_refine_analyze.number_disordered_residues      ? 
_refine_analyze.occupancy_sum_hydrogen          ? 
_refine_analyze.occupancy_sum_non_hydrogen      ? 
_refine_analyze.pdbx_Luzzati_d_res_high_obs     ? 
_refine_analyze.pdbx_refine_id                  'X-RAY DIFFRACTION' 
# 
_refine_hist.pdbx_refine_id                   'X-RAY DIFFRACTION' 
_refine_hist.cycle_id                         LAST 
_refine_hist.pdbx_number_atoms_protein        849 
_refine_hist.pdbx_number_atoms_nucleic_acid   0 
_refine_hist.pdbx_number_atoms_ligand         0 
_refine_hist.number_atoms_solvent             125 
_refine_hist.number_atoms_total               974 
_refine_hist.d_res_high                       1.70 
_refine_hist.d_res_low                        33.07 
# 
loop_
_refine_ls_restr.type 
_refine_ls_restr.dev_ideal 
_refine_ls_restr.dev_ideal_target 
_refine_ls_restr.weight 
_refine_ls_restr.number 
_refine_ls_restr.pdbx_restraint_function 
_refine_ls_restr.pdbx_refine_id 
c_bond_d           0.004 ?    ? ? ? 'X-RAY DIFFRACTION' 
c_angle_deg        1.6   ?    ? ? ? 'X-RAY DIFFRACTION' 
c_dihedral_angle_d 18.7  ?    ? ? ? 'X-RAY DIFFRACTION' 
c_improper_angle_d 0.65  ?    ? ? ? 'X-RAY DIFFRACTION' 
c_mcbond_it        1.47  1.50 ? ? ? 'X-RAY DIFFRACTION' 
c_mcangle_it       2.41  2.00 ? ? ? 'X-RAY DIFFRACTION' 
c_scbond_it        2.24  2.00 ? ? ? 'X-RAY DIFFRACTION' 
c_scangle_it       3.49  2.50 ? ? ? 'X-RAY DIFFRACTION' 
# 
_refine_ls_restr_ncs.pdbx_refine_id      'X-RAY DIFFRACTION' 
_refine_ls_restr_ncs.dom_id              1 
_refine_ls_restr_ncs.ncs_model_details   NONE 
_refine_ls_restr_ncs.rms_dev_position    ? 
_refine_ls_restr_ncs.weight_position     ? 
_refine_ls_restr_ncs.rms_dev_B_iso       ? 
_refine_ls_restr_ncs.weight_B_iso        ? 
_refine_ls_restr_ncs.pdbx_ordinal        1 
_refine_ls_restr_ncs.pdbx_type           . 
_refine_ls_restr_ncs.pdbx_auth_asym_id   . 
_refine_ls_restr_ncs.pdbx_ens_id         1 
_refine_ls_restr_ncs.pdbx_number         ? 
_refine_ls_restr_ncs.pdbx_asym_id        ? 
_refine_ls_restr_ncs.pdbx_rms            ? 
_refine_ls_restr_ncs.pdbx_weight         ? 
# 
_refine_ls_shell.pdbx_total_number_of_bins_used   6 
_refine_ls_shell.d_res_high                       1.70 
_refine_ls_shell.d_res_low                        1.81 
_refine_ls_shell.number_reflns_R_work             2408 
_refine_ls_shell.R_factor_R_work                  0.280 
_refine_ls_shell.percent_reflns_obs               99.8 
_refine_ls_shell.R_factor_R_free                  0.311 
_refine_ls_shell.R_factor_R_free_error            0.027 
_refine_ls_shell.percent_reflns_R_free            5.2 
_refine_ls_shell.number_reflns_R_free             133 
_refine_ls_shell.number_reflns_all                ? 
_refine_ls_shell.R_factor_all                     ? 
_refine_ls_shell.number_reflns_obs                ? 
_refine_ls_shell.redundancy_reflns_obs            ? 
_refine_ls_shell.pdbx_refine_id                   'X-RAY DIFFRACTION' 
# 
_pdbx_refine.pdbx_refine_id                              'X-RAY DIFFRACTION' 
_pdbx_refine.entry_id                                    4N5T 
_pdbx_refine.R_factor_all_no_cutoff                      0.218 
_pdbx_refine.R_factor_obs_no_cutoff                      0.217 
_pdbx_refine.free_R_factor_no_cutoff                     0.237 
_pdbx_refine.free_R_error_no_cutoff                      0.008 
_pdbx_refine.free_R_val_test_set_size_perc_no_cutoff     5.1 
_pdbx_refine.free_R_val_test_set_ct_no_cutoff            799 
_pdbx_refine.R_factor_all_4sig_cutoff                    ? 
_pdbx_refine.R_factor_obs_4sig_cutoff                    ? 
_pdbx_refine.free_R_factor_4sig_cutoff                   ? 
_pdbx_refine.free_R_val_test_set_size_perc_4sig_cutoff   ? 
_pdbx_refine.free_R_val_test_set_ct_4sig_cutoff          ? 
_pdbx_refine.number_reflns_obs_4sig_cutoff               ? 
# 
loop_
_pdbx_xplor_file.serial_no 
_pdbx_xplor_file.param_file 
_pdbx_xplor_file.topol_file 
_pdbx_xplor_file.pdbx_refine_id 
1 protein_rep.param protein.top      'X-RAY DIFFRACTION' 
2 carbohydrate.par  carbohydrate.top 'X-RAY DIFFRACTION' 
3 water_rep.param   water.top        'X-RAY DIFFRACTION' 
4 ion.param         ion.top          'X-RAY DIFFRACTION' 
5 6101-sp1.prx      6101-sp1.tpx     'X-RAY DIFFRACTION' 
# 
_struct_ncs_dom.id            1 
_struct_ncs_dom.details       ? 
_struct_ncs_dom.pdbx_ens_id   1 
# 
_struct_ncs_ens.id        1 
_struct_ncs_ens.details   ? 
# 
_struct.entry_id                  4N5T 
_struct.title                     'The 1.7A Crystal Structure of MDMX with a Stapled Peptide, ATSP-7041' 
_struct.pdbx_model_details        ? 
_struct.pdbx_CASP_flag            ? 
_struct.pdbx_model_type_details   ? 
# 
_struct_keywords.entry_id        4N5T 
_struct_keywords.pdbx_keywords   'CELL CYCLE/CELL CYCLE INHIBITOR' 
_struct_keywords.text            
'MDM4, p53, apoptosis, cell cycle, p53 antagonist, nucleus, CELL CYCLE-CELL CYCLE INHIBITOR complex' 
# 
loop_
_struct_asym.id 
_struct_asym.pdbx_blank_PDB_chainid_flag 
_struct_asym.pdbx_modified 
_struct_asym.entity_id 
_struct_asym.details 
A N N 1 ? 
B N N 2 ? 
C N N 3 ? 
D N N 3 ? 
# 
loop_
_struct_ref.id 
_struct_ref.db_name 
_struct_ref.db_code 
_struct_ref.pdbx_db_accession 
_struct_ref.entity_id 
_struct_ref.pdbx_seq_one_letter_code 
_struct_ref.pdbx_align_begin 
_struct_ref.pdbx_db_isoform 
1 UNP MDM4_DANRE Q7ZUW7 1 
;LPGEGTQVHPRAPLLQILKVAGAQEEVFTLKEVMHYLGQYIMMKQLYDKQRQHIVHCHDDPLGELLEVGSFSVKNPSPVY
EMLKRNLVIL
;
17 ? 
2 PDB 4N5T       4N5T   2 XLTFXEYWAQXLSAA                                                                               ?  ? 
# 
loop_
_struct_ref_seq.align_id 
_struct_ref_seq.ref_id 
_struct_ref_seq.pdbx_PDB_id_code 
_struct_ref_seq.pdbx_strand_id 
_struct_ref_seq.seq_align_beg 
_struct_ref_seq.pdbx_seq_align_beg_ins_code 
_struct_ref_seq.seq_align_end 
_struct_ref_seq.pdbx_seq_align_end_ins_code 
_struct_ref_seq.pdbx_db_accession 
_struct_ref_seq.db_align_beg 
_struct_ref_seq.pdbx_db_align_beg_ins_code 
_struct_ref_seq.db_align_end 
_struct_ref_seq.pdbx_db_align_end_ins_code 
_struct_ref_seq.pdbx_auth_seq_align_beg 
_struct_ref_seq.pdbx_auth_seq_align_end 
1 1 4N5T A 1 ? 90 ? Q7ZUW7 17 ? 106 ? 17 106 
2 2 4N5T B 1 ? 15 ? 4N5T   16 ? 30  ? 16 30  
# 
loop_
_struct_ref_seq_dif.align_id 
_struct_ref_seq_dif.pdbx_pdb_id_code 
_struct_ref_seq_dif.mon_id 
_struct_ref_seq_dif.pdbx_pdb_strand_id 
_struct_ref_seq_dif.seq_num 
_struct_ref_seq_dif.pdbx_pdb_ins_code 
_struct_ref_seq_dif.pdbx_seq_db_name 
_struct_ref_seq_dif.pdbx_seq_db_accession_code 
_struct_ref_seq_dif.db_mon_id 
_struct_ref_seq_dif.pdbx_seq_db_seq_num 
_struct_ref_seq_dif.details 
_struct_ref_seq_dif.pdbx_auth_seq_num 
_struct_ref_seq_dif.pdbx_ordinal 
1 4N5T VAL A 30 ? UNP Q7ZUW7 LEU 46 'engineered mutation' 46 1 
1 4N5T LEU A 79 ? UNP Q7ZUW7 VAL 95 'engineered mutation' 95 2 
# 
_pdbx_struct_assembly.id                   1 
_pdbx_struct_assembly.details              author_and_software_defined_assembly 
_pdbx_struct_assembly.method_details       PISA 
_pdbx_struct_assembly.oligomeric_details   dimeric 
_pdbx_struct_assembly.oligomeric_count     2 
# 
loop_
_pdbx_struct_assembly_prop.biol_id 
_pdbx_struct_assembly_prop.type 
_pdbx_struct_assembly_prop.value 
_pdbx_struct_assembly_prop.details 
1 'ABSA (A^2)' 1360 ? 
1 MORE         -10  ? 
1 'SSA (A^2)'  5530 ? 
# 
_pdbx_struct_assembly_gen.assembly_id       1 
_pdbx_struct_assembly_gen.oper_expression   1 
_pdbx_struct_assembly_gen.asym_id_list      A,B,C,D 
# 
_pdbx_struct_oper_list.id                   1 
_pdbx_struct_oper_list.type                 'identity operation' 
_pdbx_struct_oper_list.name                 1_555 
_pdbx_struct_oper_list.symmetry_operation   x,y,z 
_pdbx_struct_oper_list.matrix[1][1]         1.0000000000 
_pdbx_struct_oper_list.matrix[1][2]         0.0000000000 
_pdbx_struct_oper_list.matrix[1][3]         0.0000000000 
_pdbx_struct_oper_list.vector[1]            0.0000000000 
_pdbx_struct_oper_list.matrix[2][1]         0.0000000000 
_pdbx_struct_oper_list.matrix[2][2]         1.0000000000 
_pdbx_struct_oper_list.matrix[2][3]         0.0000000000 
_pdbx_struct_oper_list.vector[2]            0.0000000000 
_pdbx_struct_oper_list.matrix[3][1]         0.0000000000 
_pdbx_struct_oper_list.matrix[3][2]         0.0000000000 
_pdbx_struct_oper_list.matrix[3][3]         1.0000000000 
_pdbx_struct_oper_list.vector[3]            0.0000000000 
# 
_struct_biol.id        1 
_struct_biol.details   ? 
# 
loop_
_struct_conf.conf_type_id 
_struct_conf.id 
_struct_conf.pdbx_PDB_helix_id 
_struct_conf.beg_label_comp_id 
_struct_conf.beg_label_asym_id 
_struct_conf.beg_label_seq_id 
_struct_conf.pdbx_beg_PDB_ins_code 
_struct_conf.end_label_comp_id 
_struct_conf.end_label_asym_id 
_struct_conf.end_label_seq_id 
_struct_conf.pdbx_end_PDB_ins_code 
_struct_conf.beg_auth_comp_id 
_struct_conf.beg_auth_asym_id 
_struct_conf.beg_auth_seq_id 
_struct_conf.end_auth_comp_id 
_struct_conf.end_auth_asym_id 
_struct_conf.end_auth_seq_id 
_struct_conf.pdbx_PDB_helix_class 
_struct_conf.details 
_struct_conf.pdbx_PDB_helix_length 
HELX_P HELX_P1 1 ARG A 11 ? ALA A 21 ? ARG A 27 ALA A 37  1 ? 11 
HELX_P HELX_P2 2 VAL A 30 ? LYS A 44 ? VAL A 46 LYS A 60  1 ? 15 
HELX_P HELX_P3 3 ASP A 60 ? GLU A 67 ? ASP A 76 GLU A 83  1 ? 8  
HELX_P HELX_P4 4 PRO A 76 ? ASN A 86 ? PRO A 92 ASN A 102 1 ? 11 
HELX_P HELX_P5 5 THR B 3  ? PHE B 4  ? THR B 18 PHE B 19  5 ? 2  
HELX_P HELX_P6 6 GLU B 6  ? GLU B 6  ? GLU B 21 GLU B 21  5 ? 1  
HELX_P HELX_P7 7 TYR B 7  ? ALA B 15 ? TYR B 22 ALA B 30  1 ? 9  
# 
_struct_conf_type.id          HELX_P 
_struct_conf_type.criteria    ? 
_struct_conf_type.reference   ? 
# 
loop_
_struct_conn.id 
_struct_conn.conn_type_id 
_struct_conn.pdbx_leaving_atom_flag 
_struct_conn.pdbx_PDB_id 
_struct_conn.ptnr1_label_asym_id 
_struct_conn.ptnr1_label_comp_id 
_struct_conn.ptnr1_label_seq_id 
_struct_conn.ptnr1_label_atom_id 
_struct_conn.pdbx_ptnr1_label_alt_id 
_struct_conn.pdbx_ptnr1_PDB_ins_code 
_struct_conn.pdbx_ptnr1_standard_comp_id 
_struct_conn.ptnr1_symmetry 
_struct_conn.ptnr2_label_asym_id 
_struct_conn.ptnr2_label_comp_id 
_struct_conn.ptnr2_label_seq_id 
_struct_conn.ptnr2_label_atom_id 
_struct_conn.pdbx_ptnr2_label_alt_id 
_struct_conn.pdbx_ptnr2_PDB_ins_code 
_struct_conn.ptnr1_auth_asym_id 
_struct_conn.ptnr1_auth_comp_id 
_struct_conn.ptnr1_auth_seq_id 
_struct_conn.ptnr2_auth_asym_id 
_struct_conn.ptnr2_auth_comp_id 
_struct_conn.ptnr2_auth_seq_id 
_struct_conn.ptnr2_symmetry 
_struct_conn.pdbx_ptnr3_label_atom_id 
_struct_conn.pdbx_ptnr3_label_seq_id 
_struct_conn.pdbx_ptnr3_label_comp_id 
_struct_conn.pdbx_ptnr3_label_asym_id 
_struct_conn.pdbx_ptnr3_label_alt_id 
_struct_conn.pdbx_ptnr3_PDB_ins_code 
_struct_conn.details 
_struct_conn.pdbx_dist_value 
_struct_conn.pdbx_value_order 
_struct_conn.pdbx_role 
covale1 covale both ? B ACE 1  C   ? ? ? 1_555 B LEU 2  N  ? ? B ACE 16 B LEU 17 1_555 ? ? ? ? ? ? ? 1.328 ?    ? 
covale2 covale both ? B PHE 4  C   ? ? ? 1_555 B 0EH 5  N  ? ? B PHE 19 B 0EH 20 1_555 ? ? ? ? ? ? ? 1.334 ?    ? 
covale3 covale both ? B 0EH 5  C   ? ? ? 1_555 B GLU 6  N  ? ? B 0EH 20 B GLU 21 1_555 ? ? ? ? ? ? ? 1.328 ?    ? 
covale4 covale none ? B 0EH 5  CAT ? ? ? 1_555 B MK8 12 CE ? ? B 0EH 20 B MK8 27 1_555 ? ? ? ? ? ? ? 1.340 doub ? 
covale5 covale both ? B GLN 10 C   ? ? ? 1_555 B 2JH 11 N  ? ? B GLN 25 B 2JH 26 1_555 ? ? ? ? ? ? ? 1.326 ?    ? 
covale6 covale both ? B 2JH 11 C   ? ? ? 1_555 B MK8 12 N  ? ? B 2JH 26 B MK8 27 1_555 ? ? ? ? ? ? ? 1.329 ?    ? 
covale7 covale both ? B MK8 12 C   ? ? ? 1_555 B SER 13 N  ? ? B MK8 27 B SER 28 1_555 ? ? ? ? ? ? ? 1.329 ?    ? 
# 
_struct_conn_type.id          covale 
_struct_conn_type.criteria    ? 
_struct_conn_type.reference   ? 
# 
loop_
_pdbx_modification_feature.ordinal 
_pdbx_modification_feature.label_comp_id 
_pdbx_modification_feature.label_asym_id 
_pdbx_modification_feature.label_seq_id 
_pdbx_modification_feature.label_alt_id 
_pdbx_modification_feature.modified_residue_label_comp_id 
_pdbx_modification_feature.modified_residue_label_asym_id 
_pdbx_modification_feature.modified_residue_label_seq_id 
_pdbx_modification_feature.modified_residue_label_alt_id 
_pdbx_modification_feature.auth_comp_id 
_pdbx_modification_feature.auth_asym_id 
_pdbx_modification_feature.auth_seq_id 
_pdbx_modification_feature.PDB_ins_code 
_pdbx_modification_feature.symmetry 
_pdbx_modification_feature.modified_residue_auth_comp_id 
_pdbx_modification_feature.modified_residue_auth_asym_id 
_pdbx_modification_feature.modified_residue_auth_seq_id 
_pdbx_modification_feature.modified_residue_PDB_ins_code 
_pdbx_modification_feature.modified_residue_symmetry 
_pdbx_modification_feature.comp_id_linking_atom 
_pdbx_modification_feature.modified_residue_id_linking_atom 
_pdbx_modification_feature.modified_residue_id 
_pdbx_modification_feature.ref_pcm_id 
_pdbx_modification_feature.ref_comp_id 
_pdbx_modification_feature.type 
_pdbx_modification_feature.category 
1 MK8 B 12 ? .   . .  . MK8 B 27 ? 1_555 .   . .  . .     .   .  LEU 1  MK8 Norleucine  'Named protein modification' 
2 MK8 B 12 ? .   . .  . MK8 B 27 ? 1_555 .   . .  . .     .   .  LEU 2  MK8 Methylation 'Named protein modification' 
3 0EH B 5  ? .   . .  . 0EH B 20 ? 1_555 .   . .  . .     .   .  ?   1  0EH None        'Non-standard residue'       
4 2JH B 11 ? .   . .  . 2JH B 26 ? 1_555 .   . .  . .     .   .  ?   1  2JH None        'Non-standard residue'       
5 ACE B 1  ? LEU B 2  ? ACE B 16 ? 1_555 LEU B 17 ? 1_555 .   .  LEU 14 ACE None        'Terminal acetylation'       
6 0EH B 5  ? MK8 B 12 ? 0EH B 20 ? 1_555 MK8 B 27 ? 1_555 CAT CE .   .  .   None        'Non-standard linkage'       
# 
loop_
_struct_sheet.id 
_struct_sheet.type 
_struct_sheet.number_strands 
_struct_sheet.details 
A ? 3 ? 
B ? 2 ? 
# 
loop_
_struct_sheet_order.sheet_id 
_struct_sheet_order.range_id_1 
_struct_sheet_order.range_id_2 
_struct_sheet_order.offset 
_struct_sheet_order.sense 
A 1 2 ? anti-parallel 
A 2 3 ? anti-parallel 
B 1 2 ? anti-parallel 
# 
loop_
_struct_sheet_range.sheet_id 
_struct_sheet_range.id 
_struct_sheet_range.beg_label_comp_id 
_struct_sheet_range.beg_label_asym_id 
_struct_sheet_range.beg_label_seq_id 
_struct_sheet_range.pdbx_beg_PDB_ins_code 
_struct_sheet_range.end_label_comp_id 
_struct_sheet_range.end_label_asym_id 
_struct_sheet_range.end_label_seq_id 
_struct_sheet_range.pdbx_end_PDB_ins_code 
_struct_sheet_range.beg_auth_comp_id 
_struct_sheet_range.beg_auth_asym_id 
_struct_sheet_range.beg_auth_seq_id 
_struct_sheet_range.end_auth_comp_id 
_struct_sheet_range.end_auth_asym_id 
_struct_sheet_range.end_auth_seq_id 
A 1 PHE A 28 ? THR A 29 ? PHE A 44  THR A 45  
A 2 GLN A 7  ? PRO A 10 ? GLN A 23  PRO A 26  
A 3 LEU A 87 ? ILE A 89 ? LEU A 103 ILE A 105 
B 1 ILE A 54 ? HIS A 56 ? ILE A 70  HIS A 72  
B 2 SER A 70 ? SER A 72 ? SER A 86  SER A 88  
# 
loop_
_pdbx_struct_sheet_hbond.sheet_id 
_pdbx_struct_sheet_hbond.range_id_1 
_pdbx_struct_sheet_hbond.range_id_2 
_pdbx_struct_sheet_hbond.range_1_label_atom_id 
_pdbx_struct_sheet_hbond.range_1_label_comp_id 
_pdbx_struct_sheet_hbond.range_1_label_asym_id 
_pdbx_struct_sheet_hbond.range_1_label_seq_id 
_pdbx_struct_sheet_hbond.range_1_PDB_ins_code 
_pdbx_struct_sheet_hbond.range_1_auth_atom_id 
_pdbx_struct_sheet_hbond.range_1_auth_comp_id 
_pdbx_struct_sheet_hbond.range_1_auth_asym_id 
_pdbx_struct_sheet_hbond.range_1_auth_seq_id 
_pdbx_struct_sheet_hbond.range_2_label_atom_id 
_pdbx_struct_sheet_hbond.range_2_label_comp_id 
_pdbx_struct_sheet_hbond.range_2_label_asym_id 
_pdbx_struct_sheet_hbond.range_2_label_seq_id 
_pdbx_struct_sheet_hbond.range_2_PDB_ins_code 
_pdbx_struct_sheet_hbond.range_2_auth_atom_id 
_pdbx_struct_sheet_hbond.range_2_auth_comp_id 
_pdbx_struct_sheet_hbond.range_2_auth_asym_id 
_pdbx_struct_sheet_hbond.range_2_auth_seq_id 
A 1 2 O PHE A 28 ? O PHE A 44 N VAL A 8  ? N VAL A 24  
A 2 3 N HIS A 9  ? N HIS A 25 O VAL A 88 ? O VAL A 104 
B 1 2 N VAL A 55 ? N VAL A 71 O PHE A 71 ? O PHE A 87  
# 
_struct_site.id                   AC1 
_struct_site.pdbx_evidence_code   Software 
_struct_site.pdbx_auth_asym_id    B 
_struct_site.pdbx_auth_comp_id    2JH 
_struct_site.pdbx_auth_seq_id     26 
_struct_site.pdbx_auth_ins_code   ? 
_struct_site.pdbx_num_residues    12 
_struct_site.details              'BINDING SITE FOR RESIDUE 2JH B 26' 
# 
loop_
_struct_site_gen.id 
_struct_site_gen.site_id 
_struct_site_gen.pdbx_num_res 
_struct_site_gen.label_comp_id 
_struct_site_gen.label_asym_id 
_struct_site_gen.label_seq_id 
_struct_site_gen.pdbx_auth_ins_code 
_struct_site_gen.auth_comp_id 
_struct_site_gen.auth_asym_id 
_struct_site_gen.auth_seq_id 
_struct_site_gen.label_atom_id 
_struct_site_gen.label_alt_id 
_struct_site_gen.symmetry 
_struct_site_gen.details 
1  AC1 12 MET A 34 ? MET A 50 . ? 1_555 ? 
2  AC1 12 VAL A 73 ? VAL A 89 . ? 1_555 ? 
3  AC1 12 LEU A 79 ? LEU A 95 . ? 1_555 ? 
4  AC1 12 TYR A 80 ? TYR A 96 . ? 1_555 ? 
5  AC1 12 TYR B 7  ? TYR B 22 . ? 1_555 ? 
6  AC1 12 TRP B 8  ? TRP B 23 . ? 1_555 ? 
7  AC1 12 ALA B 9  ? ALA B 24 . ? 1_555 ? 
8  AC1 12 GLN B 10 ? GLN B 25 . ? 1_555 ? 
9  AC1 12 MK8 B 12 ? MK8 B 27 . ? 1_555 ? 
10 AC1 12 SER B 13 ? SER B 28 . ? 1_555 ? 
11 AC1 12 ALA B 14 ? ALA B 29 . ? 1_555 ? 
12 AC1 12 ALA B 15 ? ALA B 30 . ? 1_555 ? 
# 
_pdbx_entry_details.entry_id                   4N5T 
_pdbx_entry_details.compound_details           ? 
_pdbx_entry_details.source_details             ? 
_pdbx_entry_details.nonpolymer_details         ? 
_pdbx_entry_details.sequence_details           ? 
_pdbx_entry_details.has_ligand_of_interest     ? 
_pdbx_entry_details.has_protein_modification   Y 
# 
_pdbx_molecule_features.prd_id    PRD_001189 
_pdbx_molecule_features.name      'ATSP-7041 stapled-peptide' 
_pdbx_molecule_features.type      Peptide-like 
_pdbx_molecule_features.class     'Enzyme inhibitor' 
_pdbx_molecule_features.details   ? 
# 
_pdbx_molecule.instance_id   1 
_pdbx_molecule.prd_id        PRD_001189 
_pdbx_molecule.asym_id       B 
# 
_pdbx_struct_mod_residue.id               1 
_pdbx_struct_mod_residue.label_asym_id    B 
_pdbx_struct_mod_residue.label_comp_id    MK8 
_pdbx_struct_mod_residue.label_seq_id     12 
_pdbx_struct_mod_residue.auth_asym_id     B 
_pdbx_struct_mod_residue.auth_comp_id     MK8 
_pdbx_struct_mod_residue.auth_seq_id      27 
_pdbx_struct_mod_residue.PDB_ins_code     ? 
_pdbx_struct_mod_residue.parent_comp_id   LEU 
_pdbx_struct_mod_residue.details          2-METHYL-L-NORLEUCINE 
# 
loop_
_pdbx_struct_special_symmetry.id 
_pdbx_struct_special_symmetry.PDB_model_num 
_pdbx_struct_special_symmetry.auth_asym_id 
_pdbx_struct_special_symmetry.auth_comp_id 
_pdbx_struct_special_symmetry.auth_seq_id 
_pdbx_struct_special_symmetry.PDB_ins_code 
_pdbx_struct_special_symmetry.label_asym_id 
_pdbx_struct_special_symmetry.label_comp_id 
_pdbx_struct_special_symmetry.label_seq_id 
1 1 A HOH 243 ? C HOH . 
2 1 A HOH 284 ? C HOH . 
3 1 A HOH 295 ? C HOH . 
# 
loop_
_chem_comp_atom.comp_id 
_chem_comp_atom.atom_id 
_chem_comp_atom.type_symbol 
_chem_comp_atom.pdbx_aromatic_flag 
_chem_comp_atom.pdbx_stereo_config 
_chem_comp_atom.pdbx_ordinal 
0EH O    O N N 1   
0EH C    C N N 2   
0EH CA   C N R 3   
0EH CAA  C N N 4   
0EH CAB  C N N 5   
0EH N    N N N 6   
0EH CAO  C N N 7   
0EH CAP  C N N 8   
0EH CAQ  C N N 9   
0EH CAR  C N N 10  
0EH CAS  C N N 11  
0EH CAT  C N N 12  
0EH H1   H N N 13  
0EH H3   H N N 14  
0EH H4   H N N 15  
0EH H5   H N N 16  
0EH H6   H N N 17  
0EH H    H N N 18  
0EH H2   H N N 19  
0EH H10  H N N 20  
0EH H11  H N N 21  
0EH H12  H N N 22  
0EH H13  H N N 23  
0EH H14  H N N 24  
0EH H15  H N N 25  
0EH H16  H N N 26  
0EH H17  H N N 27  
0EH H18  H N N 28  
0EH H19  H N N 29  
0EH H20  H N N 30  
0EH H21  H N N 31  
0EH H22  H N N 32  
0EH OXT  O N N 33  
0EH HXT  H N N 34  
2JH N    N N N 35  
2JH CA   C N S 36  
2JH CB   C N N 37  
2JH C    C N N 38  
2JH O    O N N 39  
2JH CG   C N N 40  
2JH CD1  C N N 41  
2JH CD2  C N N 42  
2JH CE   C N N 43  
2JH H    H N N 44  
2JH H2   H N N 45  
2JH HA   H N N 46  
2JH H5   H N N 47  
2JH H6   H N N 48  
2JH H8   H N N 49  
2JH H9   H N N 50  
2JH H10  H N N 51  
2JH H11  H N N 52  
2JH H12  H N N 53  
2JH H13  H N N 54  
2JH H14  H N N 55  
2JH OXT  O N N 56  
2JH HXT  H N N 57  
ACE C    C N N 58  
ACE O    O N N 59  
ACE CH3  C N N 60  
ACE H    H N N 61  
ACE H1   H N N 62  
ACE H2   H N N 63  
ACE H3   H N N 64  
ALA N    N N N 65  
ALA CA   C N S 66  
ALA C    C N N 67  
ALA O    O N N 68  
ALA CB   C N N 69  
ALA OXT  O N N 70  
ALA H    H N N 71  
ALA H2   H N N 72  
ALA HA   H N N 73  
ALA HB1  H N N 74  
ALA HB2  H N N 75  
ALA HB3  H N N 76  
ALA HXT  H N N 77  
ARG N    N N N 78  
ARG CA   C N S 79  
ARG C    C N N 80  
ARG O    O N N 81  
ARG CB   C N N 82  
ARG CG   C N N 83  
ARG CD   C N N 84  
ARG NE   N N N 85  
ARG CZ   C N N 86  
ARG NH1  N N N 87  
ARG NH2  N N N 88  
ARG OXT  O N N 89  
ARG H    H N N 90  
ARG H2   H N N 91  
ARG HA   H N N 92  
ARG HB2  H N N 93  
ARG HB3  H N N 94  
ARG HG2  H N N 95  
ARG HG3  H N N 96  
ARG HD2  H N N 97  
ARG HD3  H N N 98  
ARG HE   H N N 99  
ARG HH11 H N N 100 
ARG HH12 H N N 101 
ARG HH21 H N N 102 
ARG HH22 H N N 103 
ARG HXT  H N N 104 
ASN N    N N N 105 
ASN CA   C N S 106 
ASN C    C N N 107 
ASN O    O N N 108 
ASN CB   C N N 109 
ASN CG   C N N 110 
ASN OD1  O N N 111 
ASN ND2  N N N 112 
ASN OXT  O N N 113 
ASN H    H N N 114 
ASN H2   H N N 115 
ASN HA   H N N 116 
ASN HB2  H N N 117 
ASN HB3  H N N 118 
ASN HD21 H N N 119 
ASN HD22 H N N 120 
ASN HXT  H N N 121 
ASP N    N N N 122 
ASP CA   C N S 123 
ASP C    C N N 124 
ASP O    O N N 125 
ASP CB   C N N 126 
ASP CG   C N N 127 
ASP OD1  O N N 128 
ASP OD2  O N N 129 
ASP OXT  O N N 130 
ASP H    H N N 131 
ASP H2   H N N 132 
ASP HA   H N N 133 
ASP HB2  H N N 134 
ASP HB3  H N N 135 
ASP HD2  H N N 136 
ASP HXT  H N N 137 
CYS N    N N N 138 
CYS CA   C N R 139 
CYS C    C N N 140 
CYS O    O N N 141 
CYS CB   C N N 142 
CYS SG   S N N 143 
CYS OXT  O N N 144 
CYS H    H N N 145 
CYS H2   H N N 146 
CYS HA   H N N 147 
CYS HB2  H N N 148 
CYS HB3  H N N 149 
CYS HG   H N N 150 
CYS HXT  H N N 151 
GLN N    N N N 152 
GLN CA   C N S 153 
GLN C    C N N 154 
GLN O    O N N 155 
GLN CB   C N N 156 
GLN CG   C N N 157 
GLN CD   C N N 158 
GLN OE1  O N N 159 
GLN NE2  N N N 160 
GLN OXT  O N N 161 
GLN H    H N N 162 
GLN H2   H N N 163 
GLN HA   H N N 164 
GLN HB2  H N N 165 
GLN HB3  H N N 166 
GLN HG2  H N N 167 
GLN HG3  H N N 168 
GLN HE21 H N N 169 
GLN HE22 H N N 170 
GLN HXT  H N N 171 
GLU N    N N N 172 
GLU CA   C N S 173 
GLU C    C N N 174 
GLU O    O N N 175 
GLU CB   C N N 176 
GLU CG   C N N 177 
GLU CD   C N N 178 
GLU OE1  O N N 179 
GLU OE2  O N N 180 
GLU OXT  O N N 181 
GLU H    H N N 182 
GLU H2   H N N 183 
GLU HA   H N N 184 
GLU HB2  H N N 185 
GLU HB3  H N N 186 
GLU HG2  H N N 187 
GLU HG3  H N N 188 
GLU HE2  H N N 189 
GLU HXT  H N N 190 
GLY N    N N N 191 
GLY CA   C N N 192 
GLY C    C N N 193 
GLY O    O N N 194 
GLY OXT  O N N 195 
GLY H    H N N 196 
GLY H2   H N N 197 
GLY HA2  H N N 198 
GLY HA3  H N N 199 
GLY HXT  H N N 200 
HIS N    N N N 201 
HIS CA   C N S 202 
HIS C    C N N 203 
HIS O    O N N 204 
HIS CB   C N N 205 
HIS CG   C Y N 206 
HIS ND1  N Y N 207 
HIS CD2  C Y N 208 
HIS CE1  C Y N 209 
HIS NE2  N Y N 210 
HIS OXT  O N N 211 
HIS H    H N N 212 
HIS H2   H N N 213 
HIS HA   H N N 214 
HIS HB2  H N N 215 
HIS HB3  H N N 216 
HIS HD1  H N N 217 
HIS HD2  H N N 218 
HIS HE1  H N N 219 
HIS HE2  H N N 220 
HIS HXT  H N N 221 
HOH O    O N N 222 
HOH H1   H N N 223 
HOH H2   H N N 224 
ILE N    N N N 225 
ILE CA   C N S 226 
ILE C    C N N 227 
ILE O    O N N 228 
ILE CB   C N S 229 
ILE CG1  C N N 230 
ILE CG2  C N N 231 
ILE CD1  C N N 232 
ILE OXT  O N N 233 
ILE H    H N N 234 
ILE H2   H N N 235 
ILE HA   H N N 236 
ILE HB   H N N 237 
ILE HG12 H N N 238 
ILE HG13 H N N 239 
ILE HG21 H N N 240 
ILE HG22 H N N 241 
ILE HG23 H N N 242 
ILE HD11 H N N 243 
ILE HD12 H N N 244 
ILE HD13 H N N 245 
ILE HXT  H N N 246 
LEU N    N N N 247 
LEU CA   C N S 248 
LEU C    C N N 249 
LEU O    O N N 250 
LEU CB   C N N 251 
LEU CG   C N N 252 
LEU CD1  C N N 253 
LEU CD2  C N N 254 
LEU OXT  O N N 255 
LEU H    H N N 256 
LEU H2   H N N 257 
LEU HA   H N N 258 
LEU HB2  H N N 259 
LEU HB3  H N N 260 
LEU HG   H N N 261 
LEU HD11 H N N 262 
LEU HD12 H N N 263 
LEU HD13 H N N 264 
LEU HD21 H N N 265 
LEU HD22 H N N 266 
LEU HD23 H N N 267 
LEU HXT  H N N 268 
LYS N    N N N 269 
LYS CA   C N S 270 
LYS C    C N N 271 
LYS O    O N N 272 
LYS CB   C N N 273 
LYS CG   C N N 274 
LYS CD   C N N 275 
LYS CE   C N N 276 
LYS NZ   N N N 277 
LYS OXT  O N N 278 
LYS H    H N N 279 
LYS H2   H N N 280 
LYS HA   H N N 281 
LYS HB2  H N N 282 
LYS HB3  H N N 283 
LYS HG2  H N N 284 
LYS HG3  H N N 285 
LYS HD2  H N N 286 
LYS HD3  H N N 287 
LYS HE2  H N N 288 
LYS HE3  H N N 289 
LYS HZ1  H N N 290 
LYS HZ2  H N N 291 
LYS HZ3  H N N 292 
LYS HXT  H N N 293 
MET N    N N N 294 
MET CA   C N S 295 
MET C    C N N 296 
MET O    O N N 297 
MET CB   C N N 298 
MET CG   C N N 299 
MET SD   S N N 300 
MET CE   C N N 301 
MET OXT  O N N 302 
MET H    H N N 303 
MET H2   H N N 304 
MET HA   H N N 305 
MET HB2  H N N 306 
MET HB3  H N N 307 
MET HG2  H N N 308 
MET HG3  H N N 309 
MET HE1  H N N 310 
MET HE2  H N N 311 
MET HE3  H N N 312 
MET HXT  H N N 313 
MK8 C    C N N 314 
MK8 N    N N N 315 
MK8 O    O N N 316 
MK8 CA   C N S 317 
MK8 CB   C N N 318 
MK8 CD   C N N 319 
MK8 CE   C N N 320 
MK8 CG   C N N 321 
MK8 CB1  C N N 322 
MK8 OXT  O N N 323 
MK8 H    H N N 324 
MK8 H2   H N N 325 
MK8 HB   H N N 326 
MK8 HBA  H N N 327 
MK8 HD   H N N 328 
MK8 HDA  H N N 329 
MK8 HE   H N N 330 
MK8 HEA  H N N 331 
MK8 HEB  H N N 332 
MK8 HG   H N N 333 
MK8 HGA  H N N 334 
MK8 HB1  H N N 335 
MK8 HB1A H N N 336 
MK8 HB1B H N N 337 
MK8 HXT  H N N 338 
PHE N    N N N 339 
PHE CA   C N S 340 
PHE C    C N N 341 
PHE O    O N N 342 
PHE CB   C N N 343 
PHE CG   C Y N 344 
PHE CD1  C Y N 345 
PHE CD2  C Y N 346 
PHE CE1  C Y N 347 
PHE CE2  C Y N 348 
PHE CZ   C Y N 349 
PHE OXT  O N N 350 
PHE H    H N N 351 
PHE H2   H N N 352 
PHE HA   H N N 353 
PHE HB2  H N N 354 
PHE HB3  H N N 355 
PHE HD1  H N N 356 
PHE HD2  H N N 357 
PHE HE1  H N N 358 
PHE HE2  H N N 359 
PHE HZ   H N N 360 
PHE HXT  H N N 361 
PRO N    N N N 362 
PRO CA   C N S 363 
PRO C    C N N 364 
PRO O    O N N 365 
PRO CB   C N N 366 
PRO CG   C N N 367 
PRO CD   C N N 368 
PRO OXT  O N N 369 
PRO H    H N N 370 
PRO HA   H N N 371 
PRO HB2  H N N 372 
PRO HB3  H N N 373 
PRO HG2  H N N 374 
PRO HG3  H N N 375 
PRO HD2  H N N 376 
PRO HD3  H N N 377 
PRO HXT  H N N 378 
SER N    N N N 379 
SER CA   C N S 380 
SER C    C N N 381 
SER O    O N N 382 
SER CB   C N N 383 
SER OG   O N N 384 
SER OXT  O N N 385 
SER H    H N N 386 
SER H2   H N N 387 
SER HA   H N N 388 
SER HB2  H N N 389 
SER HB3  H N N 390 
SER HG   H N N 391 
SER HXT  H N N 392 
THR N    N N N 393 
THR CA   C N S 394 
THR C    C N N 395 
THR O    O N N 396 
THR CB   C N R 397 
THR OG1  O N N 398 
THR CG2  C N N 399 
THR OXT  O N N 400 
THR H    H N N 401 
THR H2   H N N 402 
THR HA   H N N 403 
THR HB   H N N 404 
THR HG1  H N N 405 
THR HG21 H N N 406 
THR HG22 H N N 407 
THR HG23 H N N 408 
THR HXT  H N N 409 
TRP N    N N N 410 
TRP CA   C N S 411 
TRP C    C N N 412 
TRP O    O N N 413 
TRP CB   C N N 414 
TRP CG   C Y N 415 
TRP CD1  C Y N 416 
TRP CD2  C Y N 417 
TRP NE1  N Y N 418 
TRP CE2  C Y N 419 
TRP CE3  C Y N 420 
TRP CZ2  C Y N 421 
TRP CZ3  C Y N 422 
TRP CH2  C Y N 423 
TRP OXT  O N N 424 
TRP H    H N N 425 
TRP H2   H N N 426 
TRP HA   H N N 427 
TRP HB2  H N N 428 
TRP HB3  H N N 429 
TRP HD1  H N N 430 
TRP HE1  H N N 431 
TRP HE3  H N N 432 
TRP HZ2  H N N 433 
TRP HZ3  H N N 434 
TRP HH2  H N N 435 
TRP HXT  H N N 436 
TYR N    N N N 437 
TYR CA   C N S 438 
TYR C    C N N 439 
TYR O    O N N 440 
TYR CB   C N N 441 
TYR CG   C Y N 442 
TYR CD1  C Y N 443 
TYR CD2  C Y N 444 
TYR CE1  C Y N 445 
TYR CE2  C Y N 446 
TYR CZ   C Y N 447 
TYR OH   O N N 448 
TYR OXT  O N N 449 
TYR H    H N N 450 
TYR H2   H N N 451 
TYR HA   H N N 452 
TYR HB2  H N N 453 
TYR HB3  H N N 454 
TYR HD1  H N N 455 
TYR HD2  H N N 456 
TYR HE1  H N N 457 
TYR HE2  H N N 458 
TYR HH   H N N 459 
TYR HXT  H N N 460 
VAL N    N N N 461 
VAL CA   C N S 462 
VAL C    C N N 463 
VAL O    O N N 464 
VAL CB   C N N 465 
VAL CG1  C N N 466 
VAL CG2  C N N 467 
VAL OXT  O N N 468 
VAL H    H N N 469 
VAL H2   H N N 470 
VAL HA   H N N 471 
VAL HB   H N N 472 
VAL HG11 H N N 473 
VAL HG12 H N N 474 
VAL HG13 H N N 475 
VAL HG21 H N N 476 
VAL HG22 H N N 477 
VAL HG23 H N N 478 
VAL HXT  H N N 479 
# 
loop_
_chem_comp_bond.comp_id 
_chem_comp_bond.atom_id_1 
_chem_comp_bond.atom_id_2 
_chem_comp_bond.value_order 
_chem_comp_bond.pdbx_aromatic_flag 
_chem_comp_bond.pdbx_stereo_config 
_chem_comp_bond.pdbx_ordinal 
0EH CAT CAS  sing N N 1   
0EH O   C    doub N N 2   
0EH CAR CAS  sing N N 3   
0EH CAR CAQ  sing N N 4   
0EH C   CA   sing N N 5   
0EH CAA CA   sing N N 6   
0EH CAO CAP  sing N N 7   
0EH CAO CAB  sing N N 8   
0EH CAQ CAP  sing N N 9   
0EH CA  CAB  sing N N 10  
0EH CA  N    sing N N 11  
0EH CAA H1   sing N N 12  
0EH CAA H3   sing N N 13  
0EH CAA H4   sing N N 14  
0EH CAB H5   sing N N 15  
0EH CAB H6   sing N N 16  
0EH N   H    sing N N 17  
0EH N   H2   sing N N 18  
0EH CAO H10  sing N N 19  
0EH CAO H11  sing N N 20  
0EH CAP H12  sing N N 21  
0EH CAP H13  sing N N 22  
0EH CAQ H14  sing N N 23  
0EH CAQ H15  sing N N 24  
0EH CAR H16  sing N N 25  
0EH CAR H17  sing N N 26  
0EH CAS H18  sing N N 27  
0EH CAS H19  sing N N 28  
0EH CAT H20  sing N N 29  
0EH CAT H21  sing N N 30  
0EH CAT H22  sing N N 31  
0EH C   OXT  sing N N 32  
0EH OXT HXT  sing N N 33  
2JH N   CA   sing N N 34  
2JH CA  C    sing N N 35  
2JH CA  CB   sing N N 36  
2JH O   C    doub N N 37  
2JH CB  CG   sing N N 38  
2JH CG  CD2  sing N N 39  
2JH CG  CD1  sing N N 40  
2JH CD2 CE   sing N N 41  
2JH CD1 CE   sing N N 42  
2JH N   H    sing N N 43  
2JH N   H2   sing N N 44  
2JH CA  HA   sing N N 45  
2JH CB  H5   sing N N 46  
2JH CB  H6   sing N N 47  
2JH CG  H8   sing N N 48  
2JH CD1 H9   sing N N 49  
2JH CD1 H10  sing N N 50  
2JH CD2 H11  sing N N 51  
2JH CD2 H12  sing N N 52  
2JH CE  H13  sing N N 53  
2JH CE  H14  sing N N 54  
2JH C   OXT  sing N N 55  
2JH OXT HXT  sing N N 56  
ACE C   O    doub N N 57  
ACE C   CH3  sing N N 58  
ACE C   H    sing N N 59  
ACE CH3 H1   sing N N 60  
ACE CH3 H2   sing N N 61  
ACE CH3 H3   sing N N 62  
ALA N   CA   sing N N 63  
ALA N   H    sing N N 64  
ALA N   H2   sing N N 65  
ALA CA  C    sing N N 66  
ALA CA  CB   sing N N 67  
ALA CA  HA   sing N N 68  
ALA C   O    doub N N 69  
ALA C   OXT  sing N N 70  
ALA CB  HB1  sing N N 71  
ALA CB  HB2  sing N N 72  
ALA CB  HB3  sing N N 73  
ALA OXT HXT  sing N N 74  
ARG N   CA   sing N N 75  
ARG N   H    sing N N 76  
ARG N   H2   sing N N 77  
ARG CA  C    sing N N 78  
ARG CA  CB   sing N N 79  
ARG CA  HA   sing N N 80  
ARG C   O    doub N N 81  
ARG C   OXT  sing N N 82  
ARG CB  CG   sing N N 83  
ARG CB  HB2  sing N N 84  
ARG CB  HB3  sing N N 85  
ARG CG  CD   sing N N 86  
ARG CG  HG2  sing N N 87  
ARG CG  HG3  sing N N 88  
ARG CD  NE   sing N N 89  
ARG CD  HD2  sing N N 90  
ARG CD  HD3  sing N N 91  
ARG NE  CZ   sing N N 92  
ARG NE  HE   sing N N 93  
ARG CZ  NH1  sing N N 94  
ARG CZ  NH2  doub N N 95  
ARG NH1 HH11 sing N N 96  
ARG NH1 HH12 sing N N 97  
ARG NH2 HH21 sing N N 98  
ARG NH2 HH22 sing N N 99  
ARG OXT HXT  sing N N 100 
ASN N   CA   sing N N 101 
ASN N   H    sing N N 102 
ASN N   H2   sing N N 103 
ASN CA  C    sing N N 104 
ASN CA  CB   sing N N 105 
ASN CA  HA   sing N N 106 
ASN C   O    doub N N 107 
ASN C   OXT  sing N N 108 
ASN CB  CG   sing N N 109 
ASN CB  HB2  sing N N 110 
ASN CB  HB3  sing N N 111 
ASN CG  OD1  doub N N 112 
ASN CG  ND2  sing N N 113 
ASN ND2 HD21 sing N N 114 
ASN ND2 HD22 sing N N 115 
ASN OXT HXT  sing N N 116 
ASP N   CA   sing N N 117 
ASP N   H    sing N N 118 
ASP N   H2   sing N N 119 
ASP CA  C    sing N N 120 
ASP CA  CB   sing N N 121 
ASP CA  HA   sing N N 122 
ASP C   O    doub N N 123 
ASP C   OXT  sing N N 124 
ASP CB  CG   sing N N 125 
ASP CB  HB2  sing N N 126 
ASP CB  HB3  sing N N 127 
ASP CG  OD1  doub N N 128 
ASP CG  OD2  sing N N 129 
ASP OD2 HD2  sing N N 130 
ASP OXT HXT  sing N N 131 
CYS N   CA   sing N N 132 
CYS N   H    sing N N 133 
CYS N   H2   sing N N 134 
CYS CA  C    sing N N 135 
CYS CA  CB   sing N N 136 
CYS CA  HA   sing N N 137 
CYS C   O    doub N N 138 
CYS C   OXT  sing N N 139 
CYS CB  SG   sing N N 140 
CYS CB  HB2  sing N N 141 
CYS CB  HB3  sing N N 142 
CYS SG  HG   sing N N 143 
CYS OXT HXT  sing N N 144 
GLN N   CA   sing N N 145 
GLN N   H    sing N N 146 
GLN N   H2   sing N N 147 
GLN CA  C    sing N N 148 
GLN CA  CB   sing N N 149 
GLN CA  HA   sing N N 150 
GLN C   O    doub N N 151 
GLN C   OXT  sing N N 152 
GLN CB  CG   sing N N 153 
GLN CB  HB2  sing N N 154 
GLN CB  HB3  sing N N 155 
GLN CG  CD   sing N N 156 
GLN CG  HG2  sing N N 157 
GLN CG  HG3  sing N N 158 
GLN CD  OE1  doub N N 159 
GLN CD  NE2  sing N N 160 
GLN NE2 HE21 sing N N 161 
GLN NE2 HE22 sing N N 162 
GLN OXT HXT  sing N N 163 
GLU N   CA   sing N N 164 
GLU N   H    sing N N 165 
GLU N   H2   sing N N 166 
GLU CA  C    sing N N 167 
GLU CA  CB   sing N N 168 
GLU CA  HA   sing N N 169 
GLU C   O    doub N N 170 
GLU C   OXT  sing N N 171 
GLU CB  CG   sing N N 172 
GLU CB  HB2  sing N N 173 
GLU CB  HB3  sing N N 174 
GLU CG  CD   sing N N 175 
GLU CG  HG2  sing N N 176 
GLU CG  HG3  sing N N 177 
GLU CD  OE1  doub N N 178 
GLU CD  OE2  sing N N 179 
GLU OE2 HE2  sing N N 180 
GLU OXT HXT  sing N N 181 
GLY N   CA   sing N N 182 
GLY N   H    sing N N 183 
GLY N   H2   sing N N 184 
GLY CA  C    sing N N 185 
GLY CA  HA2  sing N N 186 
GLY CA  HA3  sing N N 187 
GLY C   O    doub N N 188 
GLY C   OXT  sing N N 189 
GLY OXT HXT  sing N N 190 
HIS N   CA   sing N N 191 
HIS N   H    sing N N 192 
HIS N   H2   sing N N 193 
HIS CA  C    sing N N 194 
HIS CA  CB   sing N N 195 
HIS CA  HA   sing N N 196 
HIS C   O    doub N N 197 
HIS C   OXT  sing N N 198 
HIS CB  CG   sing N N 199 
HIS CB  HB2  sing N N 200 
HIS CB  HB3  sing N N 201 
HIS CG  ND1  sing Y N 202 
HIS CG  CD2  doub Y N 203 
HIS ND1 CE1  doub Y N 204 
HIS ND1 HD1  sing N N 205 
HIS CD2 NE2  sing Y N 206 
HIS CD2 HD2  sing N N 207 
HIS CE1 NE2  sing Y N 208 
HIS CE1 HE1  sing N N 209 
HIS NE2 HE2  sing N N 210 
HIS OXT HXT  sing N N 211 
HOH O   H1   sing N N 212 
HOH O   H2   sing N N 213 
ILE N   CA   sing N N 214 
ILE N   H    sing N N 215 
ILE N   H2   sing N N 216 
ILE CA  C    sing N N 217 
ILE CA  CB   sing N N 218 
ILE CA  HA   sing N N 219 
ILE C   O    doub N N 220 
ILE C   OXT  sing N N 221 
ILE CB  CG1  sing N N 222 
ILE CB  CG2  sing N N 223 
ILE CB  HB   sing N N 224 
ILE CG1 CD1  sing N N 225 
ILE CG1 HG12 sing N N 226 
ILE CG1 HG13 sing N N 227 
ILE CG2 HG21 sing N N 228 
ILE CG2 HG22 sing N N 229 
ILE CG2 HG23 sing N N 230 
ILE CD1 HD11 sing N N 231 
ILE CD1 HD12 sing N N 232 
ILE CD1 HD13 sing N N 233 
ILE OXT HXT  sing N N 234 
LEU N   CA   sing N N 235 
LEU N   H    sing N N 236 
LEU N   H2   sing N N 237 
LEU CA  C    sing N N 238 
LEU CA  CB   sing N N 239 
LEU CA  HA   sing N N 240 
LEU C   O    doub N N 241 
LEU C   OXT  sing N N 242 
LEU CB  CG   sing N N 243 
LEU CB  HB2  sing N N 244 
LEU CB  HB3  sing N N 245 
LEU CG  CD1  sing N N 246 
LEU CG  CD2  sing N N 247 
LEU CG  HG   sing N N 248 
LEU CD1 HD11 sing N N 249 
LEU CD1 HD12 sing N N 250 
LEU CD1 HD13 sing N N 251 
LEU CD2 HD21 sing N N 252 
LEU CD2 HD22 sing N N 253 
LEU CD2 HD23 sing N N 254 
LEU OXT HXT  sing N N 255 
LYS N   CA   sing N N 256 
LYS N   H    sing N N 257 
LYS N   H2   sing N N 258 
LYS CA  C    sing N N 259 
LYS CA  CB   sing N N 260 
LYS CA  HA   sing N N 261 
LYS C   O    doub N N 262 
LYS C   OXT  sing N N 263 
LYS CB  CG   sing N N 264 
LYS CB  HB2  sing N N 265 
LYS CB  HB3  sing N N 266 
LYS CG  CD   sing N N 267 
LYS CG  HG2  sing N N 268 
LYS CG  HG3  sing N N 269 
LYS CD  CE   sing N N 270 
LYS CD  HD2  sing N N 271 
LYS CD  HD3  sing N N 272 
LYS CE  NZ   sing N N 273 
LYS CE  HE2  sing N N 274 
LYS CE  HE3  sing N N 275 
LYS NZ  HZ1  sing N N 276 
LYS NZ  HZ2  sing N N 277 
LYS NZ  HZ3  sing N N 278 
LYS OXT HXT  sing N N 279 
MET N   CA   sing N N 280 
MET N   H    sing N N 281 
MET N   H2   sing N N 282 
MET CA  C    sing N N 283 
MET CA  CB   sing N N 284 
MET CA  HA   sing N N 285 
MET C   O    doub N N 286 
MET C   OXT  sing N N 287 
MET CB  CG   sing N N 288 
MET CB  HB2  sing N N 289 
MET CB  HB3  sing N N 290 
MET CG  SD   sing N N 291 
MET CG  HG2  sing N N 292 
MET CG  HG3  sing N N 293 
MET SD  CE   sing N N 294 
MET CE  HE1  sing N N 295 
MET CE  HE2  sing N N 296 
MET CE  HE3  sing N N 297 
MET OXT HXT  sing N N 298 
MK8 C   CA   sing N N 299 
MK8 C   OXT  sing N N 300 
MK8 N   H    sing N N 301 
MK8 N   H2   sing N N 302 
MK8 O   C    doub N N 303 
MK8 CA  N    sing N N 304 
MK8 CA  CB   sing N N 305 
MK8 CB  HB   sing N N 306 
MK8 CB  HBA  sing N N 307 
MK8 CD  CG   sing N N 308 
MK8 CD  HD   sing N N 309 
MK8 CD  HDA  sing N N 310 
MK8 CE  CD   sing N N 311 
MK8 CE  HE   sing N N 312 
MK8 CE  HEA  sing N N 313 
MK8 CE  HEB  sing N N 314 
MK8 CG  CB   sing N N 315 
MK8 CG  HG   sing N N 316 
MK8 CG  HGA  sing N N 317 
MK8 CB1 CA   sing N N 318 
MK8 CB1 HB1  sing N N 319 
MK8 CB1 HB1A sing N N 320 
MK8 CB1 HB1B sing N N 321 
MK8 OXT HXT  sing N N 322 
PHE N   CA   sing N N 323 
PHE N   H    sing N N 324 
PHE N   H2   sing N N 325 
PHE CA  C    sing N N 326 
PHE CA  CB   sing N N 327 
PHE CA  HA   sing N N 328 
PHE C   O    doub N N 329 
PHE C   OXT  sing N N 330 
PHE CB  CG   sing N N 331 
PHE CB  HB2  sing N N 332 
PHE CB  HB3  sing N N 333 
PHE CG  CD1  doub Y N 334 
PHE CG  CD2  sing Y N 335 
PHE CD1 CE1  sing Y N 336 
PHE CD1 HD1  sing N N 337 
PHE CD2 CE2  doub Y N 338 
PHE CD2 HD2  sing N N 339 
PHE CE1 CZ   doub Y N 340 
PHE CE1 HE1  sing N N 341 
PHE CE2 CZ   sing Y N 342 
PHE CE2 HE2  sing N N 343 
PHE CZ  HZ   sing N N 344 
PHE OXT HXT  sing N N 345 
PRO N   CA   sing N N 346 
PRO N   CD   sing N N 347 
PRO N   H    sing N N 348 
PRO CA  C    sing N N 349 
PRO CA  CB   sing N N 350 
PRO CA  HA   sing N N 351 
PRO C   O    doub N N 352 
PRO C   OXT  sing N N 353 
PRO CB  CG   sing N N 354 
PRO CB  HB2  sing N N 355 
PRO CB  HB3  sing N N 356 
PRO CG  CD   sing N N 357 
PRO CG  HG2  sing N N 358 
PRO CG  HG3  sing N N 359 
PRO CD  HD2  sing N N 360 
PRO CD  HD3  sing N N 361 
PRO OXT HXT  sing N N 362 
SER N   CA   sing N N 363 
SER N   H    sing N N 364 
SER N   H2   sing N N 365 
SER CA  C    sing N N 366 
SER CA  CB   sing N N 367 
SER CA  HA   sing N N 368 
SER C   O    doub N N 369 
SER C   OXT  sing N N 370 
SER CB  OG   sing N N 371 
SER CB  HB2  sing N N 372 
SER CB  HB3  sing N N 373 
SER OG  HG   sing N N 374 
SER OXT HXT  sing N N 375 
THR N   CA   sing N N 376 
THR N   H    sing N N 377 
THR N   H2   sing N N 378 
THR CA  C    sing N N 379 
THR CA  CB   sing N N 380 
THR CA  HA   sing N N 381 
THR C   O    doub N N 382 
THR C   OXT  sing N N 383 
THR CB  OG1  sing N N 384 
THR CB  CG2  sing N N 385 
THR CB  HB   sing N N 386 
THR OG1 HG1  sing N N 387 
THR CG2 HG21 sing N N 388 
THR CG2 HG22 sing N N 389 
THR CG2 HG23 sing N N 390 
THR OXT HXT  sing N N 391 
TRP N   CA   sing N N 392 
TRP N   H    sing N N 393 
TRP N   H2   sing N N 394 
TRP CA  C    sing N N 395 
TRP CA  CB   sing N N 396 
TRP CA  HA   sing N N 397 
TRP C   O    doub N N 398 
TRP C   OXT  sing N N 399 
TRP CB  CG   sing N N 400 
TRP CB  HB2  sing N N 401 
TRP CB  HB3  sing N N 402 
TRP CG  CD1  doub Y N 403 
TRP CG  CD2  sing Y N 404 
TRP CD1 NE1  sing Y N 405 
TRP CD1 HD1  sing N N 406 
TRP CD2 CE2  doub Y N 407 
TRP CD2 CE3  sing Y N 408 
TRP NE1 CE2  sing Y N 409 
TRP NE1 HE1  sing N N 410 
TRP CE2 CZ2  sing Y N 411 
TRP CE3 CZ3  doub Y N 412 
TRP CE3 HE3  sing N N 413 
TRP CZ2 CH2  doub Y N 414 
TRP CZ2 HZ2  sing N N 415 
TRP CZ3 CH2  sing Y N 416 
TRP CZ3 HZ3  sing N N 417 
TRP CH2 HH2  sing N N 418 
TRP OXT HXT  sing N N 419 
TYR N   CA   sing N N 420 
TYR N   H    sing N N 421 
TYR N   H2   sing N N 422 
TYR CA  C    sing N N 423 
TYR CA  CB   sing N N 424 
TYR CA  HA   sing N N 425 
TYR C   O    doub N N 426 
TYR C   OXT  sing N N 427 
TYR CB  CG   sing N N 428 
TYR CB  HB2  sing N N 429 
TYR CB  HB3  sing N N 430 
TYR CG  CD1  doub Y N 431 
TYR CG  CD2  sing Y N 432 
TYR CD1 CE1  sing Y N 433 
TYR CD1 HD1  sing N N 434 
TYR CD2 CE2  doub Y N 435 
TYR CD2 HD2  sing N N 436 
TYR CE1 CZ   doub Y N 437 
TYR CE1 HE1  sing N N 438 
TYR CE2 CZ   sing Y N 439 
TYR CE2 HE2  sing N N 440 
TYR CZ  OH   sing N N 441 
TYR OH  HH   sing N N 442 
TYR OXT HXT  sing N N 443 
VAL N   CA   sing N N 444 
VAL N   H    sing N N 445 
VAL N   H2   sing N N 446 
VAL CA  C    sing N N 447 
VAL CA  CB   sing N N 448 
VAL CA  HA   sing N N 449 
VAL C   O    doub N N 450 
VAL C   OXT  sing N N 451 
VAL CB  CG1  sing N N 452 
VAL CB  CG2  sing N N 453 
VAL CB  HB   sing N N 454 
VAL CG1 HG11 sing N N 455 
VAL CG1 HG12 sing N N 456 
VAL CG1 HG13 sing N N 457 
VAL CG2 HG21 sing N N 458 
VAL CG2 HG22 sing N N 459 
VAL CG2 HG23 sing N N 460 
VAL OXT HXT  sing N N 461 
# 
_atom_sites.entry_id                    4N5T 
_atom_sites.fract_transf_matrix[1][1]   -0.00388102 
_atom_sites.fract_transf_matrix[1][2]   0.01020257 
_atom_sites.fract_transf_matrix[1][3]   0.00557487 
_atom_sites.fract_transf_matrix[2][1]   0.00806183 
_atom_sites.fract_transf_matrix[2][2]   0.00406787 
_atom_sites.fract_transf_matrix[2][3]   -0.00183226 
_atom_sites.fract_transf_matrix[3][1]   -0.01183092 
_atom_sites.fract_transf_matrix[3][2]   0.01081890 
_atom_sites.fract_transf_matrix[3][3]   -0.02803591 
_atom_sites.fract_transf_vector[1]      0.152573 
_atom_sites.fract_transf_vector[2]      0.159503 
_atom_sites.fract_transf_vector[3]      -0.210546 
# 
loop_
_atom_type.symbol 
C 
N 
O 
S 
# 
loop_
_atom_site.group_PDB 
_atom_site.id 
_atom_site.type_symbol 
_atom_site.label_atom_id 
_atom_site.label_alt_id 
_atom_site.label_comp_id 
_atom_site.label_asym_id 
_atom_site.label_entity_id 
_atom_site.label_seq_id 
_atom_site.pdbx_PDB_ins_code 
_atom_site.Cartn_x 
_atom_site.Cartn_y 
_atom_site.Cartn_z 
_atom_site.occupancy 
_atom_site.B_iso_or_equiv 
_atom_site.pdbx_formal_charge 
_atom_site.auth_seq_id 
_atom_site.auth_comp_id 
_atom_site.auth_asym_id 
_atom_site.auth_atom_id 
_atom_site.pdbx_PDB_model_num 
ATOM   1   N N   . LEU A 1 1  ? -8.132  3.891   10.857  1.00 80.15 ? 17  LEU A N   1 
ATOM   2   C CA  . LEU A 1 1  ? -8.559  2.792   9.944   1.00 80.15 ? 17  LEU A CA  1 
ATOM   3   C C   . LEU A 1 1  ? -9.245  1.672   10.722  1.00 80.08 ? 17  LEU A C   1 
ATOM   4   O O   . LEU A 1 1  ? -9.003  1.492   11.915  1.00 80.01 ? 17  LEU A O   1 
ATOM   5   C CB  . LEU A 1 1  ? -7.348  2.230   9.190   1.00 80.06 ? 17  LEU A CB  1 
ATOM   6   C CG  . LEU A 1 1  ? -6.636  3.177   8.218   1.00 79.94 ? 17  LEU A CG  1 
ATOM   7   C CD1 . LEU A 1 1  ? -5.880  4.246   8.992   1.00 79.90 ? 17  LEU A CD1 1 
ATOM   8   C CD2 . LEU A 1 1  ? -5.679  2.381   7.347   1.00 79.86 ? 17  LEU A CD2 1 
ATOM   9   N N   . PRO A 1 2  ? -10.117 0.905   10.047  1.00 80.08 ? 18  PRO A N   1 
ATOM   10  C CA  . PRO A 1 2  ? -10.922 -0.147  10.679  1.00 79.87 ? 18  PRO A CA  1 
ATOM   11  C C   . PRO A 1 2  ? -10.098 -1.309  11.232  1.00 79.70 ? 18  PRO A C   1 
ATOM   12  O O   . PRO A 1 2  ? -8.936  -1.490  10.871  1.00 79.58 ? 18  PRO A O   1 
ATOM   13  C CB  . PRO A 1 2  ? -11.867 -0.594  9.567   1.00 79.94 ? 18  PRO A CB  1 
ATOM   14  C CG  . PRO A 1 2  ? -11.148 -0.257  8.307   1.00 80.05 ? 18  PRO A CG  1 
ATOM   15  C CD  . PRO A 1 2  ? -10.367 0.992   8.598   1.00 80.00 ? 18  PRO A CD  1 
ATOM   16  N N   . GLY A 1 3  ? -10.718 -2.093  12.111  1.00 79.36 ? 19  GLY A N   1 
ATOM   17  C CA  . GLY A 1 3  ? -10.024 -3.202  12.741  1.00 78.60 ? 19  GLY A CA  1 
ATOM   18  C C   . GLY A 1 3  ? -9.669  -4.312  11.771  1.00 77.98 ? 19  GLY A C   1 
ATOM   19  O O   . GLY A 1 3  ? -9.858  -4.174  10.563  1.00 78.02 ? 19  GLY A O   1 
ATOM   20  N N   . GLU A 1 4  ? -9.158  -5.418  12.304  1.00 77.19 ? 20  GLU A N   1 
ATOM   21  C CA  . GLU A 1 4  ? -8.659  -6.513  11.479  1.00 75.99 ? 20  GLU A CA  1 
ATOM   22  C C   . GLU A 1 4  ? -9.774  -7.218  10.713  1.00 74.18 ? 20  GLU A C   1 
ATOM   23  O O   . GLU A 1 4  ? -9.603  -7.581  9.550   1.00 74.66 ? 20  GLU A O   1 
ATOM   24  C CB  . GLU A 1 4  ? -7.918  -7.534  12.348  1.00 77.11 ? 20  GLU A CB  1 
ATOM   25  C CG  . GLU A 1 4  ? -6.668  -6.993  13.024  1.00 78.67 ? 20  GLU A CG  1 
ATOM   26  C CD  . GLU A 1 4  ? -6.980  -5.979  14.107  1.00 79.71 ? 20  GLU A CD  1 
ATOM   27  O OE1 . GLU A 1 4  ? -6.117  -5.117  14.382  1.00 80.26 ? 20  GLU A OE1 1 
ATOM   28  O OE2 . GLU A 1 4  ? -8.086  -6.045  14.686  1.00 80.48 ? 20  GLU A OE2 1 
ATOM   29  N N   . GLY A 1 5  ? -10.913 -7.411  11.370  1.00 71.78 ? 21  GLY A N   1 
ATOM   30  C CA  . GLY A 1 5  ? -11.991 -8.169  10.762  1.00 68.21 ? 21  GLY A CA  1 
ATOM   31  C C   . GLY A 1 5  ? -12.896 -7.337  9.876   1.00 65.41 ? 21  GLY A C   1 
ATOM   32  O O   . GLY A 1 5  ? -13.682 -7.880  9.098   1.00 65.53 ? 21  GLY A O   1 
ATOM   33  N N   . THR A 1 6  ? -12.787 -6.017  9.986   1.00 62.29 ? 22  THR A N   1 
ATOM   34  C CA  . THR A 1 6  ? -13.664 -5.118  9.245   1.00 58.66 ? 22  THR A CA  1 
ATOM   35  C C   . THR A 1 6  ? -13.346 -5.135  7.754   1.00 55.58 ? 22  THR A C   1 
ATOM   36  O O   . THR A 1 6  ? -12.181 -5.102  7.357   1.00 54.90 ? 22  THR A O   1 
ATOM   37  C CB  . THR A 1 6  ? -13.538 -3.672  9.754   1.00 59.04 ? 22  THR A CB  1 
ATOM   38  O OG1 . THR A 1 6  ? -13.815 -3.633  11.160  1.00 60.31 ? 22  THR A OG1 1 
ATOM   39  C CG2 . THR A 1 6  ? -14.522 -2.767  9.026   1.00 59.28 ? 22  THR A CG2 1 
ATOM   40  N N   . GLN A 1 7  ? -14.389 -5.186  6.933   1.00 52.10 ? 23  GLN A N   1 
ATOM   41  C CA  . GLN A 1 7  ? -14.222 -5.216  5.487   1.00 48.59 ? 23  GLN A CA  1 
ATOM   42  C C   . GLN A 1 7  ? -14.333 -3.820  4.891   1.00 45.77 ? 23  GLN A C   1 
ATOM   43  O O   . GLN A 1 7  ? -15.117 -2.995  5.362   1.00 45.07 ? 23  GLN A O   1 
ATOM   44  C CB  . GLN A 1 7  ? -15.273 -6.127  4.851   1.00 50.29 ? 23  GLN A CB  1 
ATOM   45  C CG  . GLN A 1 7  ? -15.122 -7.596  5.206   1.00 51.69 ? 23  GLN A CG  1 
ATOM   46  C CD  . GLN A 1 7  ? -15.870 -8.502  4.248   1.00 53.50 ? 23  GLN A CD  1 
ATOM   47  O OE1 . GLN A 1 7  ? -15.346 -9.526  3.806   1.00 53.97 ? 23  GLN A OE1 1 
ATOM   48  N NE2 . GLN A 1 7  ? -17.102 -8.128  3.917   1.00 53.42 ? 23  GLN A NE2 1 
ATOM   49  N N   . VAL A 1 8  ? -13.544 -3.562  3.852   1.00 42.13 ? 24  VAL A N   1 
ATOM   50  C CA  . VAL A 1 8  ? -13.567 -2.274  3.172   1.00 38.80 ? 24  VAL A CA  1 
ATOM   51  C C   . VAL A 1 8  ? -13.653 -2.463  1.665   1.00 36.24 ? 24  VAL A C   1 
ATOM   52  O O   . VAL A 1 8  ? -13.258 -3.500  1.136   1.00 36.82 ? 24  VAL A O   1 
ATOM   53  C CB  . VAL A 1 8  ? -12.298 -1.450  3.480   1.00 38.50 ? 24  VAL A CB  1 
ATOM   54  C CG1 . VAL A 1 8  ? -12.167 -1.234  4.976   1.00 39.32 ? 24  VAL A CG1 1 
ATOM   55  C CG2 . VAL A 1 8  ? -11.076 -2.163  2.933   1.00 38.16 ? 24  VAL A CG2 1 
ATOM   56  N N   . HIS A 1 9  ? -14.170 -1.452  0.980   1.00 34.61 ? 25  HIS A N   1 
ATOM   57  C CA  . HIS A 1 9  ? -14.189 -1.445  -0.474  1.00 33.58 ? 25  HIS A CA  1 
ATOM   58  C C   . HIS A 1 9  ? -13.317 -0.311  -1.001  1.00 33.59 ? 25  HIS A C   1 
ATOM   59  O O   . HIS A 1 9  ? -13.625 0.865   -0.806  1.00 34.02 ? 25  HIS A O   1 
ATOM   60  C CB  . HIS A 1 9  ? -15.617 -1.268  -0.985  1.00 33.28 ? 25  HIS A CB  1 
ATOM   61  C CG  . HIS A 1 9  ? -15.719 -1.211  -2.476  1.00 30.63 ? 25  HIS A CG  1 
ATOM   62  N ND1 . HIS A 1 9  ? -15.500 -2.310  -3.278  1.00 32.51 ? 25  HIS A ND1 1 
ATOM   63  C CD2 . HIS A 1 9  ? -16.020 -0.189  -3.311  1.00 30.70 ? 25  HIS A CD2 1 
ATOM   64  C CE1 . HIS A 1 9  ? -15.662 -1.968  -4.543  1.00 29.73 ? 25  HIS A CE1 1 
ATOM   65  N NE2 . HIS A 1 9  ? -15.977 -0.686  -4.591  1.00 31.81 ? 25  HIS A NE2 1 
ATOM   66  N N   . PRO A 1 10 ? -12.211 -0.654  -1.677  1.00 33.51 ? 26  PRO A N   1 
ATOM   67  C CA  . PRO A 1 10 ? -11.304 0.353   -2.240  1.00 34.12 ? 26  PRO A CA  1 
ATOM   68  C C   . PRO A 1 10 ? -11.950 1.162   -3.359  1.00 34.21 ? 26  PRO A C   1 
ATOM   69  O O   . PRO A 1 10 ? -12.624 0.607   -4.227  1.00 35.88 ? 26  PRO A O   1 
ATOM   70  C CB  . PRO A 1 10 ? -10.118 -0.473  -2.749  1.00 32.36 ? 26  PRO A CB  1 
ATOM   71  C CG  . PRO A 1 10 ? -10.192 -1.756  -1.987  1.00 34.07 ? 26  PRO A CG  1 
ATOM   72  C CD  . PRO A 1 10 ? -11.657 -2.014  -1.787  1.00 32.25 ? 26  PRO A CD  1 
ATOM   73  N N   . ARG A 1 11 ? -11.739 2.474   -3.340  1.00 34.40 ? 27  ARG A N   1 
ATOM   74  C CA  . ARG A 1 11 ? -12.181 3.329   -4.434  1.00 34.56 ? 27  ARG A CA  1 
ATOM   75  C C   . ARG A 1 11 ? -11.417 2.976   -5.708  1.00 34.85 ? 27  ARG A C   1 
ATOM   76  O O   . ARG A 1 11 ? -10.351 2.360   -5.651  1.00 32.94 ? 27  ARG A O   1 
ATOM   77  C CB  . ARG A 1 11 ? -11.959 4.800   -4.078  1.00 36.76 ? 27  ARG A CB  1 
ATOM   78  C CG  . ARG A 1 11 ? -12.669 5.238   -2.806  1.00 39.79 ? 27  ARG A CG  1 
ATOM   79  C CD  . ARG A 1 11 ? -12.617 6.745   -2.633  1.00 41.86 ? 27  ARG A CD  1 
ATOM   80  N NE  . ARG A 1 11 ? -13.145 7.168   -1.338  1.00 43.92 ? 27  ARG A NE  1 
ATOM   81  C CZ  . ARG A 1 11 ? -14.437 7.347   -1.076  1.00 45.01 ? 27  ARG A CZ  1 
ATOM   82  N NH1 . ARG A 1 11 ? -15.343 7.139   -2.021  1.00 45.43 ? 27  ARG A NH1 1 
ATOM   83  N NH2 . ARG A 1 11 ? -14.821 7.736   0.132   1.00 45.76 ? 27  ARG A NH2 1 
ATOM   84  N N   . ALA A 1 12 ? -11.963 3.369   -6.854  1.00 34.53 ? 28  ALA A N   1 
ATOM   85  C CA  . ALA A 1 12 ? -11.469 2.891   -8.141  1.00 34.42 ? 28  ALA A CA  1 
ATOM   86  C C   . ALA A 1 12 ? -9.956  3.043   -8.337  1.00 33.89 ? 28  ALA A C   1 
ATOM   87  O O   . ALA A 1 12 ? -9.288  2.104   -8.769  1.00 32.89 ? 28  ALA A O   1 
ATOM   88  C CB  . ALA A 1 12 ? -12.215 3.589   -9.276  1.00 35.18 ? 28  ALA A CB  1 
ATOM   89  N N   . PRO A 1 13 ? -9.398  4.226   -8.027  1.00 33.14 ? 29  PRO A N   1 
ATOM   90  C CA  . PRO A 1 13 ? -7.964  4.448   -8.254  1.00 32.02 ? 29  PRO A CA  1 
ATOM   91  C C   . PRO A 1 13 ? -7.087  3.483   -7.460  1.00 29.03 ? 29  PRO A C   1 
ATOM   92  O O   . PRO A 1 13 ? -6.066  3.007   -7.957  1.00 28.96 ? 29  PRO A O   1 
ATOM   93  C CB  . PRO A 1 13 ? -7.749  5.900   -7.823  1.00 32.38 ? 29  PRO A CB  1 
ATOM   94  C CG  . PRO A 1 13 ? -9.099  6.529   -7.949  1.00 34.67 ? 29  PRO A CG  1 
ATOM   95  C CD  . PRO A 1 13 ? -10.073 5.452   -7.568  1.00 33.00 ? 29  PRO A CD  1 
ATOM   96  N N   . LEU A 1 14 ? -7.488  3.197   -6.229  1.00 28.15 ? 30  LEU A N   1 
ATOM   97  C CA  . LEU A 1 14 ? -6.761  2.249   -5.398  1.00 27.00 ? 30  LEU A CA  1 
ATOM   98  C C   . LEU A 1 14 ? -7.009  0.819   -5.865  1.00 27.96 ? 30  LEU A C   1 
ATOM   99  O O   . LEU A 1 14 ? -6.074  0.025   -5.975  1.00 26.68 ? 30  LEU A O   1 
ATOM   100 C CB  . LEU A 1 14 ? -7.172  2.402   -3.931  1.00 25.35 ? 30  LEU A CB  1 
ATOM   101 C CG  . LEU A 1 14 ? -6.515  1.434   -2.945  1.00 25.13 ? 30  LEU A CG  1 
ATOM   102 C CD1 . LEU A 1 14 ? -5.002  1.521   -3.071  1.00 25.46 ? 30  LEU A CD1 1 
ATOM   103 C CD2 . LEU A 1 14 ? -6.955  1.771   -1.528  1.00 25.18 ? 30  LEU A CD2 1 
ATOM   104 N N   . LEU A 1 15 ? -8.267  0.490   -6.153  1.00 27.72 ? 31  LEU A N   1 
ATOM   105 C CA  . LEU A 1 15 ? -8.599  -0.849  -6.629  1.00 28.98 ? 31  LEU A CA  1 
ATOM   106 C C   . LEU A 1 15 ? -7.781  -1.199  -7.865  1.00 27.50 ? 31  LEU A C   1 
ATOM   107 O O   . LEU A 1 15 ? -7.325  -2.332  -8.019  1.00 28.27 ? 31  LEU A O   1 
ATOM   108 C CB  . LEU A 1 15 ? -10.091 -0.945  -6.962  1.00 31.24 ? 31  LEU A CB  1 
ATOM   109 C CG  . LEU A 1 15 ? -10.583 -2.345  -7.339  1.00 33.73 ? 31  LEU A CG  1 
ATOM   110 C CD1 . LEU A 1 15 ? -10.266 -3.323  -6.218  1.00 33.52 ? 31  LEU A CD1 1 
ATOM   111 C CD2 . LEU A 1 15 ? -12.079 -2.305  -7.608  1.00 34.30 ? 31  LEU A CD2 1 
ATOM   112 N N   . GLN A 1 16 ? -7.591  -0.216  -8.739  1.00 28.81 ? 32  GLN A N   1 
ATOM   113 C CA  . GLN A 1 16 ? -6.833  -0.408  -9.969  1.00 30.83 ? 32  GLN A CA  1 
ATOM   114 C C   . GLN A 1 16 ? -5.412  -0.874  -9.657  1.00 30.42 ? 32  GLN A C   1 
ATOM   115 O O   . GLN A 1 16 ? -4.871  -1.755  -10.325 1.00 30.11 ? 32  GLN A O   1 
ATOM   116 C CB  . GLN A 1 16 ? -6.784  0.903   -10.757 1.00 34.81 ? 32  GLN A CB  1 
ATOM   117 C CG  . GLN A 1 16 ? -6.059  0.804   -12.083 1.00 40.13 ? 32  GLN A CG  1 
ATOM   118 C CD  . GLN A 1 16 ? -6.740  -0.145  -13.047 1.00 43.80 ? 32  GLN A CD  1 
ATOM   119 O OE1 . GLN A 1 16 ? -6.095  -0.738  -13.912 1.00 47.80 ? 32  GLN A OE1 1 
ATOM   120 N NE2 . GLN A 1 16 ? -8.054  -0.294  -12.905 1.00 44.82 ? 32  GLN A NE2 1 
ATOM   121 N N   . ILE A 1 17 ? -4.816  -0.272  -8.634  1.00 27.99 ? 33  ILE A N   1 
ATOM   122 C CA  . ILE A 1 17 ? -3.466  -0.628  -8.221  1.00 26.26 ? 33  ILE A CA  1 
ATOM   123 C C   . ILE A 1 17 ? -3.426  -2.027  -7.616  1.00 24.78 ? 33  ILE A C   1 
ATOM   124 O O   . ILE A 1 17 ? -2.513  -2.806  -7.889  1.00 25.03 ? 33  ILE A O   1 
ATOM   125 C CB  . ILE A 1 17 ? -2.924  0.398   -7.202  1.00 24.11 ? 33  ILE A CB  1 
ATOM   126 C CG1 . ILE A 1 17 ? -2.615  1.709   -7.922  1.00 26.15 ? 33  ILE A CG1 1 
ATOM   127 C CG2 . ILE A 1 17 ? -1.689  -0.151  -6.503  1.00 24.28 ? 33  ILE A CG2 1 
ATOM   128 C CD1 . ILE A 1 17 ? -2.318  2.856   -6.999  1.00 26.86 ? 33  ILE A CD1 1 
ATOM   129 N N   . LEU A 1 18 ? -4.423  -2.351  -6.801  1.00 25.59 ? 34  LEU A N   1 
ATOM   130 C CA  . LEU A 1 18 ? -4.483  -3.674  -6.198  1.00 25.05 ? 34  LEU A CA  1 
ATOM   131 C C   . LEU A 1 18 ? -4.671  -4.735  -7.284  1.00 26.18 ? 34  LEU A C   1 
ATOM   132 O O   . LEU A 1 18 ? -4.167  -5.849  -7.161  1.00 26.04 ? 34  LEU A O   1 
ATOM   133 C CB  . LEU A 1 18 ? -5.630  -3.745  -5.186  1.00 26.90 ? 34  LEU A CB  1 
ATOM   134 C CG  . LEU A 1 18 ? -5.594  -2.701  -4.065  1.00 26.70 ? 34  LEU A CG  1 
ATOM   135 C CD1 . LEU A 1 18 ? -6.756  -2.936  -3.109  1.00 28.30 ? 34  LEU A CD1 1 
ATOM   136 C CD2 . LEU A 1 18 ? -4.268  -2.779  -3.320  1.00 26.55 ? 34  LEU A CD2 1 
ATOM   137 N N   . LYS A 1 19 ? -5.393  -4.376  -8.344  1.00 28.62 ? 35  LYS A N   1 
ATOM   138 C CA  . LYS A 1 19 ? -5.614  -5.279  -9.475  1.00 30.63 ? 35  LYS A CA  1 
ATOM   139 C C   . LYS A 1 19 ? -4.310  -5.620  -10.192 1.00 29.95 ? 35  LYS A C   1 
ATOM   140 O O   . LYS A 1 19 ? -4.070  -6.772  -10.552 1.00 31.14 ? 35  LYS A O   1 
ATOM   141 C CB  . LYS A 1 19 ? -6.586  -4.650  -10.480 1.00 32.72 ? 35  LYS A CB  1 
ATOM   142 C CG  . LYS A 1 19 ? -8.007  -4.502  -9.968  1.00 37.27 ? 35  LYS A CG  1 
ATOM   143 C CD  . LYS A 1 19 ? -8.566  -5.839  -9.521  1.00 39.50 ? 35  LYS A CD  1 
ATOM   144 C CE  . LYS A 1 19 ? -9.959  -5.691  -8.935  1.00 41.82 ? 35  LYS A CE  1 
ATOM   145 N NZ  . LYS A 1 19 ? -10.426 -6.967  -8.329  1.00 41.68 ? 35  LYS A NZ  1 
ATOM   146 N N   . VAL A 1 20 ? -3.473  -4.610  -10.411 1.00 29.92 ? 36  VAL A N   1 
ATOM   147 C CA  . VAL A 1 20 ? -2.165  -4.827  -11.016 1.00 29.16 ? 36  VAL A CA  1 
ATOM   148 C C   . VAL A 1 20 ? -1.359  -5.814  -10.181 1.00 29.32 ? 36  VAL A C   1 
ATOM   149 O O   . VAL A 1 20 ? -0.609  -6.634  -10.717 1.00 30.00 ? 36  VAL A O   1 
ATOM   150 C CB  . VAL A 1 20 ? -1.384  -3.501  -11.136 1.00 28.74 ? 36  VAL A CB  1 
ATOM   151 C CG1 . VAL A 1 20 ? 0.037   -3.770  -11.595 1.00 30.75 ? 36  VAL A CG1 1 
ATOM   152 C CG2 . VAL A 1 20 ? -2.089  -2.570  -12.118 1.00 29.94 ? 36  VAL A CG2 1 
ATOM   153 N N   . ALA A 1 21 ? -1.532  -5.740  -8.865  1.00 28.24 ? 37  ALA A N   1 
ATOM   154 C CA  . ALA A 1 21 ? -0.804  -6.593  -7.937  1.00 28.78 ? 37  ALA A CA  1 
ATOM   155 C C   . ALA A 1 21 ? -1.393  -8.000  -7.889  1.00 30.49 ? 37  ALA A C   1 
ATOM   156 O O   . ALA A 1 21 ? -0.839  -8.891  -7.249  1.00 31.40 ? 37  ALA A O   1 
ATOM   157 C CB  . ALA A 1 21 ? -0.815  -5.970  -6.542  1.00 27.98 ? 37  ALA A CB  1 
ATOM   158 N N   . GLY A 1 22 ? -2.524  -8.191  -8.563  1.00 32.01 ? 38  GLY A N   1 
ATOM   159 C CA  . GLY A 1 22 ? -3.082  -9.524  -8.704  1.00 34.11 ? 38  GLY A CA  1 
ATOM   160 C C   . GLY A 1 22 ? -4.348  -9.757  -7.900  1.00 35.42 ? 38  GLY A C   1 
ATOM   161 O O   . GLY A 1 22 ? -4.838  -10.883 -7.819  1.00 35.85 ? 38  GLY A O   1 
ATOM   162 N N   . ALA A 1 23 ? -4.883  -8.696  -7.303  1.00 35.69 ? 39  ALA A N   1 
ATOM   163 C CA  . ALA A 1 23 ? -6.086  -8.811  -6.487  1.00 37.66 ? 39  ALA A CA  1 
ATOM   164 C C   . ALA A 1 23 ? -7.297  -9.128  -7.354  1.00 39.73 ? 39  ALA A C   1 
ATOM   165 O O   . ALA A 1 23 ? -7.558  -8.447  -8.347  1.00 38.42 ? 39  ALA A O   1 
ATOM   166 C CB  . ALA A 1 23 ? -6.322  -7.519  -5.716  1.00 36.97 ? 39  ALA A CB  1 
ATOM   167 N N   . GLN A 1 24 ? -8.034  -10.162 -6.965  1.00 43.17 ? 40  GLN A N   1 
ATOM   168 C CA  . GLN A 1 24 ? -9.235  -10.574 -7.681  1.00 46.55 ? 40  GLN A CA  1 
ATOM   169 C C   . GLN A 1 24 ? -10.477 -10.013 -6.998  1.00 47.86 ? 40  GLN A C   1 
ATOM   170 O O   . GLN A 1 24 ? -11.520 -9.836  -7.628  1.00 48.80 ? 40  GLN A O   1 
ATOM   171 C CB  . GLN A 1 24 ? -9.323  -12.101 -7.722  1.00 48.42 ? 40  GLN A CB  1 
ATOM   172 C CG  . GLN A 1 24 ? -8.127  -12.776 -8.362  1.00 51.42 ? 40  GLN A CG  1 
ATOM   173 C CD  . GLN A 1 24 ? -8.000  -12.452 -9.835  1.00 52.98 ? 40  GLN A CD  1 
ATOM   174 O OE1 . GLN A 1 24 ? -8.878  -12.782 -10.634 1.00 54.42 ? 40  GLN A OE1 1 
ATOM   175 N NE2 . GLN A 1 24 ? -6.904  -11.798 -10.204 1.00 53.53 ? 40  GLN A NE2 1 
ATOM   176 N N   . GLU A 1 25 ? -10.353 -9.733  -5.706  1.00 48.54 ? 41  GLU A N   1 
ATOM   177 C CA  . GLU A 1 25 ? -11.495 -9.366  -4.880  1.00 49.09 ? 41  GLU A CA  1 
ATOM   178 C C   . GLU A 1 25 ? -11.924 -7.920  -5.099  1.00 48.48 ? 41  GLU A C   1 
ATOM   179 O O   . GLU A 1 25 ? -11.206 -7.131  -5.715  1.00 48.47 ? 41  GLU A O   1 
ATOM   180 C CB  . GLU A 1 25 ? -11.158 -9.577  -3.400  1.00 51.47 ? 41  GLU A CB  1 
ATOM   181 C CG  . GLU A 1 25 ? -10.440 -10.885 -3.100  1.00 53.76 ? 41  GLU A CG  1 
ATOM   182 C CD  . GLU A 1 25 ? -8.927  -10.754 -3.171  1.00 55.00 ? 41  GLU A CD  1 
ATOM   183 O OE1 . GLU A 1 25 ? -8.391  -10.560 -4.282  1.00 55.35 ? 41  GLU A OE1 1 
ATOM   184 O OE2 . GLU A 1 25 ? -8.273  -10.843 -2.110  1.00 56.01 ? 41  GLU A OE2 1 
ATOM   185 N N   . GLU A 1 26 ? -13.108 -7.585  -4.594  1.00 47.27 ? 42  GLU A N   1 
ATOM   186 C CA  . GLU A 1 26 ? -13.601 -6.214  -4.605  1.00 46.06 ? 42  GLU A CA  1 
ATOM   187 C C   . GLU A 1 26 ? -13.713 -5.697  -3.176  1.00 44.60 ? 42  GLU A C   1 
ATOM   188 O O   . GLU A 1 26 ? -13.696 -4.492  -2.936  1.00 44.01 ? 42  GLU A O   1 
ATOM   189 C CB  . GLU A 1 26 ? -14.970 -6.152  -5.285  1.00 47.72 ? 42  GLU A CB  1 
ATOM   190 C CG  . GLU A 1 26 ? -14.930 -6.368  -6.786  1.00 49.26 ? 42  GLU A CG  1 
ATOM   191 C CD  . GLU A 1 26 ? -14.808 -5.067  -7.556  1.00 51.01 ? 42  GLU A CD  1 
ATOM   192 O OE1 . GLU A 1 26 ? -14.328 -5.100  -8.709  1.00 51.59 ? 42  GLU A OE1 1 
ATOM   193 O OE2 . GLU A 1 26 ? -15.195 -4.013  -7.008  1.00 50.63 ? 42  GLU A OE2 1 
ATOM   194 N N   . VAL A 1 27 ? -13.837 -6.622  -2.231  1.00 43.77 ? 43  VAL A N   1 
ATOM   195 C CA  . VAL A 1 27 ? -13.913 -6.278  -0.819  1.00 42.84 ? 43  VAL A CA  1 
ATOM   196 C C   . VAL A 1 27 ? -12.755 -6.916  -0.061  1.00 41.92 ? 43  VAL A C   1 
ATOM   197 O O   . VAL A 1 27 ? -12.477 -8.106  -0.214  1.00 42.05 ? 43  VAL A O   1 
ATOM   198 C CB  . VAL A 1 27 ? -15.243 -6.757  -0.202  1.00 42.92 ? 43  VAL A CB  1 
ATOM   199 C CG1 . VAL A 1 27 ? -15.269 -6.455  1.286   1.00 43.37 ? 43  VAL A CG1 1 
ATOM   200 C CG2 . VAL A 1 27 ? -16.405 -6.075  -0.899  1.00 42.75 ? 43  VAL A CG2 1 
ATOM   201 N N   . PHE A 1 28 ? -12.078 -6.117  0.757   1.00 40.88 ? 44  PHE A N   1 
ATOM   202 C CA  . PHE A 1 28 ? -10.871 -6.567  1.439   1.00 39.20 ? 44  PHE A CA  1 
ATOM   203 C C   . PHE A 1 28 ? -10.939 -6.246  2.926   1.00 39.12 ? 44  PHE A C   1 
ATOM   204 O O   . PHE A 1 28 ? -11.772 -5.453  3.364   1.00 39.94 ? 44  PHE A O   1 
ATOM   205 C CB  . PHE A 1 28 ? -9.637  -5.875  0.852   1.00 37.87 ? 44  PHE A CB  1 
ATOM   206 C CG  . PHE A 1 28 ? -9.538  -5.953  -0.647  1.00 36.10 ? 44  PHE A CG  1 
ATOM   207 C CD1 . PHE A 1 28 ? -8.615  -6.792  -1.251  1.00 36.66 ? 44  PHE A CD1 1 
ATOM   208 C CD2 . PHE A 1 28 ? -10.338 -5.158  -1.450  1.00 35.52 ? 44  PHE A CD2 1 
ATOM   209 C CE1 . PHE A 1 28 ? -8.492  -6.836  -2.629  1.00 35.91 ? 44  PHE A CE1 1 
ATOM   210 C CE2 . PHE A 1 28 ? -10.220 -5.197  -2.828  1.00 34.76 ? 44  PHE A CE2 1 
ATOM   211 C CZ  . PHE A 1 28 ? -9.296  -6.036  -3.419  1.00 35.33 ? 44  PHE A CZ  1 
ATOM   212 N N   . THR A 1 29 ? -10.054 -6.864  3.697   1.00 39.04 ? 45  THR A N   1 
ATOM   213 C CA  . THR A 1 29 ? -9.676  -6.321  4.993   1.00 39.74 ? 45  THR A CA  1 
ATOM   214 C C   . THR A 1 29 ? -8.517  -5.356  4.759   1.00 39.34 ? 45  THR A C   1 
ATOM   215 O O   . THR A 1 29 ? -7.866  -5.406  3.715   1.00 38.96 ? 45  THR A O   1 
ATOM   216 C CB  . THR A 1 29 ? -9.207  -7.428  5.954   1.00 41.09 ? 45  THR A CB  1 
ATOM   217 O OG1 . THR A 1 29 ? -8.043  -8.068  5.415   1.00 42.26 ? 45  THR A OG1 1 
ATOM   218 C CG2 . THR A 1 29 ? -10.306 -8.463  6.150   1.00 42.15 ? 45  THR A CG2 1 
ATOM   219 N N   . VAL A 1 30 ? -8.260  -4.483  5.725   1.00 39.01 ? 46  VAL A N   1 
ATOM   220 C CA  . VAL A 1 30 ? -7.160  -3.533  5.612   1.00 39.44 ? 46  VAL A CA  1 
ATOM   221 C C   . VAL A 1 30 ? -5.827  -4.246  5.414   1.00 39.61 ? 46  VAL A C   1 
ATOM   222 O O   . VAL A 1 30 ? -4.989  -3.807  4.625   1.00 38.67 ? 46  VAL A O   1 
ATOM   223 C CB  . VAL A 1 30 ? -7.067  -2.637  6.863   1.00 38.79 ? 46  VAL A CB  1 
ATOM   224 C CG1 . VAL A 1 30 ? -5.808  -1.787  6.806   1.00 39.34 ? 46  VAL A CG1 1 
ATOM   225 C CG2 . VAL A 1 30 ? -8.292  -1.743  6.947   1.00 39.43 ? 46  VAL A CG2 1 
ATOM   226 N N   . LYS A 1 31 ? -5.637  -5.353  6.125   1.00 39.55 ? 47  LYS A N   1 
ATOM   227 C CA  . LYS A 1 31 ? -4.395  -6.112  6.030   1.00 39.79 ? 47  LYS A CA  1 
ATOM   228 C C   . LYS A 1 31 ? -4.205  -6.682  4.626   1.00 38.70 ? 47  LYS A C   1 
ATOM   229 O O   . LYS A 1 31 ? -3.085  -6.736  4.116   1.00 38.01 ? 47  LYS A O   1 
ATOM   230 C CB  . LYS A 1 31 ? -4.391  -7.248  7.056   1.00 41.77 ? 47  LYS A CB  1 
ATOM   231 C CG  . LYS A 1 31 ? -3.068  -7.994  7.150   1.00 43.70 ? 47  LYS A CG  1 
ATOM   232 C CD  . LYS A 1 31 ? -3.080  -8.993  8.298   1.00 46.13 ? 47  LYS A CD  1 
ATOM   233 C CE  . LYS A 1 31 ? -1.719  -9.644  8.488   1.00 46.70 ? 47  LYS A CE  1 
ATOM   234 N NZ  . LYS A 1 31 ? -1.720  -10.593 9.641   1.00 48.47 ? 47  LYS A NZ  1 
ATOM   235 N N   . GLU A 1 32 ? -5.301  -7.103  4.001   1.00 37.11 ? 48  GLU A N   1 
ATOM   236 C CA  . GLU A 1 32 ? -5.248  -7.621  2.639   1.00 35.82 ? 48  GLU A CA  1 
ATOM   237 C C   . GLU A 1 32 ? -4.877  -6.521  1.653   1.00 33.22 ? 48  GLU A C   1 
ATOM   238 O O   . GLU A 1 32 ? -4.118  -6.747  0.712   1.00 32.72 ? 48  GLU A O   1 
ATOM   239 C CB  . GLU A 1 32 ? -6.598  -8.221  2.243   1.00 37.59 ? 48  GLU A CB  1 
ATOM   240 C CG  . GLU A 1 32 ? -6.951  -9.501  2.978   1.00 41.12 ? 48  GLU A CG  1 
ATOM   241 C CD  . GLU A 1 32 ? -8.287  -10.068 2.542   1.00 42.87 ? 48  GLU A CD  1 
ATOM   242 O OE1 . GLU A 1 32 ? -9.176  -9.274  2.166   1.00 43.32 ? 48  GLU A OE1 1 
ATOM   243 O OE2 . GLU A 1 32 ? -8.448  -11.307 2.574   1.00 45.17 ? 48  GLU A OE2 1 
ATOM   244 N N   . VAL A 1 33 ? -5.428  -5.331  1.867   1.00 30.96 ? 49  VAL A N   1 
ATOM   245 C CA  . VAL A 1 33 ? -5.084  -4.181  1.043   1.00 29.93 ? 49  VAL A CA  1 
ATOM   246 C C   . VAL A 1 33 ? -3.587  -3.910  1.167   1.00 28.92 ? 49  VAL A C   1 
ATOM   247 O O   . VAL A 1 33 ? -2.909  -3.643  0.174   1.00 26.96 ? 49  VAL A O   1 
ATOM   248 C CB  . VAL A 1 33 ? -5.857  -2.922  1.483   1.00 28.37 ? 49  VAL A CB  1 
ATOM   249 C CG1 . VAL A 1 33 ? -5.349  -1.706  0.724   1.00 28.55 ? 49  VAL A CG1 1 
ATOM   250 C CG2 . VAL A 1 33 ? -7.348  -3.109  1.226   1.00 29.21 ? 49  VAL A CG2 1 
ATOM   251 N N   . MET A 1 34 ? -3.078  -3.997  2.391   1.00 28.74 ? 50  MET A N   1 
ATOM   252 C CA  . MET A 1 34 ? -1.665  -3.738  2.649   1.00 29.94 ? 50  MET A CA  1 
ATOM   253 C C   . MET A 1 34 ? -0.779  -4.788  1.993   1.00 29.16 ? 50  MET A C   1 
ATOM   254 O O   . MET A 1 34 ? 0.310   -4.480  1.506   1.00 27.97 ? 50  MET A O   1 
ATOM   255 C CB  . MET A 1 34 ? -1.406  -3.710  4.156   1.00 32.17 ? 50  MET A CB  1 
ATOM   256 C CG  . MET A 1 34 ? -2.101  -2.571  4.872   1.00 34.67 ? 50  MET A CG  1 
ATOM   257 S SD  . MET A 1 34 ? -1.491  -0.977  4.311   1.00 39.30 ? 50  MET A SD  1 
ATOM   258 C CE  . MET A 1 34 ? 0.217   -1.302  4.309   1.00 37.44 ? 50  MET A CE  1 
ATOM   259 N N   . HIS A 1 35 ? -1.248  -6.032  1.978   1.00 28.47 ? 51  HIS A N   1 
ATOM   260 C CA  . HIS A 1 35 ? -0.513  -7.101  1.323   1.00 29.50 ? 51  HIS A CA  1 
ATOM   261 C C   . HIS A 1 35 ? -0.357  -6.812  -0.165  1.00 27.58 ? 51  HIS A C   1 
ATOM   262 O O   . HIS A 1 35 ? 0.727   -6.964  -0.725  1.00 26.24 ? 51  HIS A O   1 
ATOM   263 C CB  . HIS A 1 35 ? -1.235  -8.441  1.509   1.00 33.13 ? 51  HIS A CB  1 
ATOM   264 C CG  . HIS A 1 35 ? -0.647  -9.556  0.700   1.00 36.98 ? 51  HIS A CG  1 
ATOM   265 N ND1 . HIS A 1 35 ? 0.470   -10.256 1.100   1.00 38.42 ? 51  HIS A ND1 1 
ATOM   266 C CD2 . HIS A 1 35 ? -1.012  -10.078 -0.495  1.00 39.01 ? 51  HIS A CD2 1 
ATOM   267 C CE1 . HIS A 1 35 ? 0.771   -11.162 0.185   1.00 39.16 ? 51  HIS A CE1 1 
ATOM   268 N NE2 . HIS A 1 35 ? -0.113  -11.074 -0.793  1.00 39.96 ? 51  HIS A NE2 1 
ATOM   269 N N   . TYR A 1 36 ? -1.442  -6.393  -0.807  1.00 26.25 ? 52  TYR A N   1 
ATOM   270 C CA  . TYR A 1 36 ? -1.401  -6.139  -2.241  1.00 25.59 ? 52  TYR A CA  1 
ATOM   271 C C   . TYR A 1 36 ? -0.594  -4.894  -2.602  1.00 23.71 ? 52  TYR A C   1 
ATOM   272 O O   . TYR A 1 36 ? 0.048   -4.854  -3.651  1.00 22.07 ? 52  TYR A O   1 
ATOM   273 C CB  . TYR A 1 36 ? -2.820  -6.031  -2.806  1.00 26.81 ? 52  TYR A CB  1 
ATOM   274 C CG  . TYR A 1 36 ? -3.479  -7.378  -3.004  1.00 30.39 ? 52  TYR A CG  1 
ATOM   275 C CD1 . TYR A 1 36 ? -3.001  -8.271  -3.955  1.00 32.04 ? 52  TYR A CD1 1 
ATOM   276 C CD2 . TYR A 1 36 ? -4.564  -7.765  -2.229  1.00 32.35 ? 52  TYR A CD2 1 
ATOM   277 C CE1 . TYR A 1 36 ? -3.585  -9.515  -4.127  1.00 34.80 ? 52  TYR A CE1 1 
ATOM   278 C CE2 . TYR A 1 36 ? -5.154  -9.004  -2.392  1.00 34.41 ? 52  TYR A CE2 1 
ATOM   279 C CZ  . TYR A 1 36 ? -4.661  -9.874  -3.341  1.00 35.32 ? 52  TYR A CZ  1 
ATOM   280 O OH  . TYR A 1 36 ? -5.244  -11.110 -3.504  1.00 36.49 ? 52  TYR A OH  1 
ATOM   281 N N   . LEU A 1 37 ? -0.616  -3.883  -1.738  1.00 23.31 ? 53  LEU A N   1 
ATOM   282 C CA  . LEU A 1 37 ? 0.211   -2.698  -1.964  1.00 21.81 ? 53  LEU A CA  1 
ATOM   283 C C   . LEU A 1 37 ? 1.689   -3.060  -1.906  1.00 21.28 ? 53  LEU A C   1 
ATOM   284 O O   . LEU A 1 37 ? 2.489   -2.563  -2.696  1.00 18.62 ? 53  LEU A O   1 
ATOM   285 C CB  . LEU A 1 37 ? -0.087  -1.615  -0.922  1.00 21.43 ? 53  LEU A CB  1 
ATOM   286 C CG  . LEU A 1 37 ? -1.398  -0.853  -1.081  1.00 23.31 ? 53  LEU A CG  1 
ATOM   287 C CD1 . LEU A 1 37 ? -1.552  0.143   0.058   1.00 21.89 ? 53  LEU A CD1 1 
ATOM   288 C CD2 . LEU A 1 37 ? -1.414  -0.139  -2.423  1.00 24.99 ? 53  LEU A CD2 1 
ATOM   289 N N   . GLY A 1 38 ? 2.050   -3.925  -0.961  1.00 20.71 ? 54  GLY A N   1 
ATOM   290 C CA  . GLY A 1 38 ? 3.426   -4.375  -0.870  1.00 20.38 ? 54  GLY A CA  1 
ATOM   291 C C   . GLY A 1 38 ? 3.828   -5.165  -2.100  1.00 20.00 ? 54  GLY A C   1 
ATOM   292 O O   . GLY A 1 38 ? 4.923   -4.985  -2.632  1.00 17.35 ? 54  GLY A O   1 
ATOM   293 N N   . GLN A 1 39 ? 2.932   -6.041  -2.551  1.00 19.79 ? 55  GLN A N   1 
ATOM   294 C CA  . GLN A 1 39 ? 3.126   -6.774  -3.798  1.00 20.69 ? 55  GLN A CA  1 
ATOM   295 C C   . GLN A 1 39 ? 3.347   -5.804  -4.952  1.00 17.07 ? 55  GLN A C   1 
ATOM   296 O O   . GLN A 1 39 ? 4.230   -6.003  -5.777  1.00 18.06 ? 55  GLN A O   1 
ATOM   297 C CB  . GLN A 1 39 ? 1.896   -7.637  -4.098  1.00 24.38 ? 55  GLN A CB  1 
ATOM   298 C CG  . GLN A 1 39 ? 1.625   -8.714  -3.067  1.00 32.18 ? 55  GLN A CG  1 
ATOM   299 C CD  . GLN A 1 39 ? 2.646   -9.831  -3.119  1.00 33.81 ? 55  GLN A CD  1 
ATOM   300 O OE1 . GLN A 1 39 ? 2.695   -10.687 -2.233  1.00 40.12 ? 55  GLN A OE1 1 
ATOM   301 N NE2 . GLN A 1 39 ? 3.468   -9.831  -4.161  1.00 36.37 ? 55  GLN A NE2 1 
ATOM   302 N N   . TYR A 1 40 ? 2.536   -4.755  -5.006  1.00 17.48 ? 56  TYR A N   1 
ATOM   303 C CA  . TYR A 1 40 ? 2.609   -3.795  -6.105  1.00 16.83 ? 56  TYR A CA  1 
ATOM   304 C C   . TYR A 1 40 ? 3.968   -3.094  -6.127  1.00 15.55 ? 56  TYR A C   1 
ATOM   305 O O   . TYR A 1 40 ? 4.617   -3.014  -7.165  1.00 13.73 ? 56  TYR A O   1 
ATOM   306 C CB  . TYR A 1 40 ? 1.483   -2.763  -5.959  1.00 15.66 ? 56  TYR A CB  1 
ATOM   307 C CG  . TYR A 1 40 ? 1.495   -1.671  -7.001  1.00 18.01 ? 56  TYR A CG  1 
ATOM   308 C CD1 . TYR A 1 40 ? 0.832   -1.835  -8.213  1.00 17.51 ? 56  TYR A CD1 1 
ATOM   309 C CD2 . TYR A 1 40 ? 2.150   -0.468  -6.769  1.00 16.82 ? 56  TYR A CD2 1 
ATOM   310 C CE1 . TYR A 1 40 ? 0.822   -0.836  -9.157  1.00 18.85 ? 56  TYR A CE1 1 
ATOM   311 C CE2 . TYR A 1 40 ? 2.145   0.539   -7.709  1.00 17.95 ? 56  TYR A CE2 1 
ATOM   312 C CZ  . TYR A 1 40 ? 1.477   0.350   -8.903  1.00 18.11 ? 56  TYR A CZ  1 
ATOM   313 O OH  . TYR A 1 40 ? 1.451   1.354   -9.843  1.00 22.29 ? 56  TYR A OH  1 
ATOM   314 N N   . ILE A 1 41 ? 4.394   -2.586  -4.974  1.00 14.78 ? 57  ILE A N   1 
ATOM   315 C CA  . ILE A 1 41 ? 5.673   -1.881  -4.878  1.00 12.90 ? 57  ILE A CA  1 
ATOM   316 C C   . ILE A 1 41 ? 6.830   -2.807  -5.235  1.00 14.71 ? 57  ILE A C   1 
ATOM   317 O O   . ILE A 1 41 ? 7.799   -2.402  -5.879  1.00 13.13 ? 57  ILE A O   1 
ATOM   318 C CB  . ILE A 1 41 ? 5.879   -1.332  -3.451  1.00 13.27 ? 57  ILE A CB  1 
ATOM   319 C CG1 . ILE A 1 41 ? 4.845   -0.235  -3.188  1.00 15.92 ? 57  ILE A CG1 1 
ATOM   320 C CG2 . ILE A 1 41 ? 7.311   -0.809  -3.282  1.00 14.21 ? 57  ILE A CG2 1 
ATOM   321 C CD1 . ILE A 1 41 ? 4.684   0.138   -1.714  1.00 17.91 ? 57  ILE A CD1 1 
ATOM   322 N N   . MET A 1 42 ? 6.716   -4.058  -4.814  1.00 16.22 ? 58  MET A N   1 
ATOM   323 C CA  . MET A 1 42 ? 7.729   -5.054  -5.109  1.00 16.73 ? 58  MET A CA  1 
ATOM   324 C C   . MET A 1 42 ? 7.790   -5.348  -6.610  1.00 16.65 ? 58  MET A C   1 
ATOM   325 O O   . MET A 1 42 ? 8.869   -5.347  -7.206  1.00 18.27 ? 58  MET A O   1 
ATOM   326 C CB  . MET A 1 42 ? 7.420   -6.330  -4.326  1.00 20.18 ? 58  MET A CB  1 
ATOM   327 C CG  . MET A 1 42 ? 8.473   -7.394  -4.426  1.00 22.00 ? 58  MET A CG  1 
ATOM   328 S SD  . MET A 1 42 ? 8.327   -8.534  -3.029  1.00 19.24 ? 58  MET A SD  1 
ATOM   329 C CE  . MET A 1 42 ? 6.658   -9.118  -3.248  1.00 22.47 ? 58  MET A CE  1 
ATOM   330 N N   . MET A 1 43 ? 6.631   -5.579  -7.223  1.00 17.68 ? 59  MET A N   1 
ATOM   331 C CA  . MET A 1 43 ? 6.573   -5.883  -8.652  1.00 18.08 ? 59  MET A CA  1 
ATOM   332 C C   . MET A 1 43 ? 7.115   -4.758  -9.516  1.00 17.56 ? 59  MET A C   1 
ATOM   333 O O   . MET A 1 43 ? 7.819   -5.005  -10.493 1.00 18.22 ? 59  MET A O   1 
ATOM   334 C CB  . MET A 1 43 ? 5.137   -6.165  -9.089  1.00 18.52 ? 59  MET A CB  1 
ATOM   335 C CG  . MET A 1 43 ? 4.496   -7.356  -8.432  1.00 22.40 ? 59  MET A CG  1 
ATOM   336 S SD  . MET A 1 43 ? 2.745   -7.410  -8.863  1.00 26.72 ? 59  MET A SD  1 
ATOM   337 C CE  . MET A 1 43 ? 2.836   -7.832  -10.617 1.00 25.41 ? 59  MET A CE  1 
ATOM   338 N N   . LYS A 1 44 ? 6.771   -3.520  -9.167  1.00 15.18 ? 60  LYS A N   1 
ATOM   339 C CA  . LYS A 1 44 ? 7.199   -2.373  -9.949  1.00 15.90 ? 60  LYS A CA  1 
ATOM   340 C C   . LYS A 1 44 ? 8.568   -1.862  -9.502  1.00 15.31 ? 60  LYS A C   1 
ATOM   341 O O   . LYS A 1 44 ? 9.097   -0.905  -10.068 1.00 16.61 ? 60  LYS A O   1 
ATOM   342 C CB  . LYS A 1 44 ? 6.156   -1.256  -9.849  1.00 17.53 ? 60  LYS A CB  1 
ATOM   343 C CG  . LYS A 1 44 ? 4.762   -1.719  -10.245 1.00 23.26 ? 60  LYS A CG  1 
ATOM   344 C CD  . LYS A 1 44 ? 3.893   -0.571  -10.726 1.00 27.96 ? 60  LYS A CD  1 
ATOM   345 C CE  . LYS A 1 44 ? 4.406   0.029   -12.028 1.00 32.00 ? 60  LYS A CE  1 
ATOM   346 N NZ  . LYS A 1 44 ? 3.501   1.115   -12.522 1.00 30.98 ? 60  LYS A NZ  1 
ATOM   347 N N   . GLN A 1 45 ? 9.138   -2.513  -8.488  1.00 15.30 ? 61  GLN A N   1 
ATOM   348 C CA  . GLN A 1 45 ? 10.474  -2.170  -8.004  1.00 13.58 ? 61  GLN A CA  1 
ATOM   349 C C   . GLN A 1 45 ? 10.615  -0.685  -7.669  1.00 15.49 ? 61  GLN A C   1 
ATOM   350 O O   . GLN A 1 45 ? 11.574  -0.019  -8.072  1.00 16.46 ? 61  GLN A O   1 
ATOM   351 C CB  . GLN A 1 45 ? 11.524  -2.595  -9.034  1.00 16.51 ? 61  GLN A CB  1 
ATOM   352 C CG  . GLN A 1 45 ? 11.672  -4.107  -9.138  1.00 16.55 ? 61  GLN A CG  1 
ATOM   353 C CD  . GLN A 1 45 ? 12.622  -4.542  -10.242 1.00 19.26 ? 61  GLN A CD  1 
ATOM   354 O OE1 . GLN A 1 45 ? 13.691  -3.959  -10.426 1.00 20.96 ? 61  GLN A OE1 1 
ATOM   355 N NE2 . GLN A 1 45 ? 12.236  -5.576  -10.976 1.00 17.12 ? 61  GLN A NE2 1 
ATOM   356 N N   . LEU A 1 46 ? 9.655   -0.174  -6.911  1.00 14.79 ? 62  LEU A N   1 
ATOM   357 C CA  . LEU A 1 46 ? 9.639   1.240   -6.578  1.00 14.01 ? 62  LEU A CA  1 
ATOM   358 C C   . LEU A 1 46 ? 10.508  1.530   -5.356  1.00 16.41 ? 62  LEU A C   1 
ATOM   359 O O   . LEU A 1 46 ? 10.852  2.677   -5.093  1.00 16.75 ? 62  LEU A O   1 
ATOM   360 C CB  . LEU A 1 46 ? 8.207   1.707   -6.316  1.00 15.27 ? 62  LEU A CB  1 
ATOM   361 C CG  . LEU A 1 46 ? 7.212   1.538   -7.471  1.00 14.49 ? 62  LEU A CG  1 
ATOM   362 C CD1 . LEU A 1 46 ? 5.841   2.033   -7.035  1.00 17.36 ? 62  LEU A CD1 1 
ATOM   363 C CD2 . LEU A 1 46 ? 7.701   2.309   -8.690  1.00 15.88 ? 62  LEU A CD2 1 
ATOM   364 N N   . TYR A 1 47 ? 10.878  0.490   -4.614  1.00 14.66 ? 63  TYR A N   1 
ATOM   365 C CA  . TYR A 1 47 ? 11.751  0.697   -3.472  1.00 15.01 ? 63  TYR A CA  1 
ATOM   366 C C   . TYR A 1 47 ? 13.160  1.085   -3.910  1.00 17.38 ? 63  TYR A C   1 
ATOM   367 O O   . TYR A 1 47 ? 13.636  0.673   -4.973  1.00 17.07 ? 63  TYR A O   1 
ATOM   368 C CB  . TYR A 1 47 ? 11.803  -0.563  -2.594  1.00 13.91 ? 63  TYR A CB  1 
ATOM   369 C CG  . TYR A 1 47 ? 12.177  -1.825  -3.342  1.00 14.99 ? 63  TYR A CG  1 
ATOM   370 C CD1 . TYR A 1 47 ? 13.501  -2.208  -3.474  1.00 16.51 ? 63  TYR A CD1 1 
ATOM   371 C CD2 . TYR A 1 47 ? 11.198  -2.630  -3.911  1.00 15.03 ? 63  TYR A CD2 1 
ATOM   372 C CE1 . TYR A 1 47 ? 13.846  -3.368  -4.156  1.00 17.01 ? 63  TYR A CE1 1 
ATOM   373 C CE2 . TYR A 1 47 ? 11.532  -3.787  -4.598  1.00 16.56 ? 63  TYR A CE2 1 
ATOM   374 C CZ  . TYR A 1 47 ? 12.857  -4.149  -4.713  1.00 18.37 ? 63  TYR A CZ  1 
ATOM   375 O OH  . TYR A 1 47 ? 13.197  -5.304  -5.386  1.00 19.40 ? 63  TYR A OH  1 
ATOM   376 N N   . ASP A 1 48 ? 13.815  1.894   -3.083  1.00 17.01 ? 64  ASP A N   1 
ATOM   377 C CA  . ASP A 1 48 ? 15.207  2.274   -3.293  1.00 19.38 ? 64  ASP A CA  1 
ATOM   378 C C   . ASP A 1 48 ? 16.076  1.018   -3.226  1.00 20.47 ? 64  ASP A C   1 
ATOM   379 O O   . ASP A 1 48 ? 15.938  0.212   -2.312  1.00 19.57 ? 64  ASP A O   1 
ATOM   380 C CB  . ASP A 1 48 ? 15.623  3.272   -2.207  1.00 18.17 ? 64  ASP A CB  1 
ATOM   381 C CG  . ASP A 1 48 ? 16.983  3.892   -2.463  1.00 22.28 ? 64  ASP A CG  1 
ATOM   382 O OD1 . ASP A 1 48 ? 17.030  5.039   -2.951  1.00 27.47 ? 64  ASP A OD1 1 
ATOM   383 O OD2 . ASP A 1 48 ? 18.005  3.243   -2.165  1.00 22.43 ? 64  ASP A OD2 1 
ATOM   384 N N   . LYS A 1 49 ? 16.967  0.855   -4.202  1.00 22.19 ? 65  LYS A N   1 
ATOM   385 C CA  . LYS A 1 49 ? 17.746  -0.375  -4.326  1.00 23.12 ? 65  LYS A CA  1 
ATOM   386 C C   . LYS A 1 49 ? 18.735  -0.551  -3.179  1.00 23.75 ? 65  LYS A C   1 
ATOM   387 O O   . LYS A 1 49 ? 19.056  -1.675  -2.794  1.00 22.06 ? 65  LYS A O   1 
ATOM   388 C CB  . LYS A 1 49 ? 18.511  -0.376  -5.652  1.00 26.31 ? 65  LYS A CB  1 
ATOM   389 C CG  . LYS A 1 49 ? 17.630  -0.260  -6.878  1.00 31.32 ? 65  LYS A CG  1 
ATOM   390 C CD  . LYS A 1 49 ? 16.759  -1.489  -7.038  1.00 35.22 ? 65  LYS A CD  1 
ATOM   391 C CE  . LYS A 1 49 ? 15.337  -1.240  -6.558  1.00 37.05 ? 65  LYS A CE  1 
ATOM   392 N NZ  . LYS A 1 49 ? 14.587  -0.323  -7.462  1.00 33.19 ? 65  LYS A NZ  1 
ATOM   393 N N   . GLN A 1 50 ? 19.223  0.562   -2.643  1.00 22.62 ? 66  GLN A N   1 
ATOM   394 C CA  . GLN A 1 50 ? 20.272  0.517   -1.632  1.00 25.60 ? 66  GLN A CA  1 
ATOM   395 C C   . GLN A 1 50 ? 19.696  0.563   -0.223  1.00 24.44 ? 66  GLN A C   1 
ATOM   396 O O   . GLN A 1 50 ? 20.159  -0.144  0.668   1.00 24.59 ? 66  GLN A O   1 
ATOM   397 C CB  . GLN A 1 50 ? 21.245  1.683   -1.828  1.00 29.38 ? 66  GLN A CB  1 
ATOM   398 C CG  . GLN A 1 50 ? 22.053  1.614   -3.119  1.00 36.28 ? 66  GLN A CG  1 
ATOM   399 C CD  . GLN A 1 50 ? 21.223  1.921   -4.353  1.00 40.96 ? 66  GLN A CD  1 
ATOM   400 O OE1 . GLN A 1 50 ? 21.353  1.259   -5.384  1.00 45.67 ? 66  GLN A OE1 1 
ATOM   401 N NE2 . GLN A 1 50 ? 20.366  2.933   -4.255  1.00 44.71 ? 66  GLN A NE2 1 
ATOM   402 N N   . ARG A 1 51 ? 18.682  1.400   -0.029  1.00 21.62 ? 67  ARG A N   1 
ATOM   403 C CA  . ARG A 1 51 ? 18.042  1.536   1.273   1.00 18.38 ? 67  ARG A CA  1 
ATOM   404 C C   . ARG A 1 51 ? 16.560  1.203   1.121   1.00 17.64 ? 67  ARG A C   1 
ATOM   405 O O   . ARG A 1 51 ? 15.741  2.071   0.817   1.00 16.39 ? 67  ARG A O   1 
ATOM   406 C CB  . ARG A 1 51 ? 18.240  2.965   1.785   1.00 20.82 ? 67  ARG A CB  1 
ATOM   407 C CG  . ARG A 1 51 ? 19.704  3.404   1.754   1.00 22.61 ? 67  ARG A CG  1 
ATOM   408 C CD  . ARG A 1 51 ? 19.882  4.844   2.209   1.00 26.76 ? 67  ARG A CD  1 
ATOM   409 N NE  . ARG A 1 51 ? 19.635  4.994   3.637   1.00 28.49 ? 67  ARG A NE  1 
ATOM   410 C CZ  . ARG A 1 51 ? 18.755  5.848   4.152   1.00 27.97 ? 67  ARG A CZ  1 
ATOM   411 N NH1 . ARG A 1 51 ? 18.042  6.628   3.351   1.00 29.31 ? 67  ARG A NH1 1 
ATOM   412 N NH2 . ARG A 1 51 ? 18.588  5.917   5.462   1.00 30.09 ? 67  ARG A NH2 1 
ATOM   413 N N   . GLN A 1 52 ? 16.221  -0.064  1.333   1.00 16.51 ? 68  GLN A N   1 
ATOM   414 C CA  . GLN A 1 52 ? 14.986  -0.602  0.780   1.00 16.37 ? 68  GLN A CA  1 
ATOM   415 C C   . GLN A 1 52 ? 13.739  -0.315  1.607   1.00 16.94 ? 68  GLN A C   1 
ATOM   416 O O   . GLN A 1 52 ? 12.652  -0.775  1.270   1.00 15.57 ? 68  GLN A O   1 
ATOM   417 C CB  . GLN A 1 52 ? 15.147  -2.107  0.536   1.00 17.67 ? 68  GLN A CB  1 
ATOM   418 C CG  . GLN A 1 52 ? 16.320  -2.419  -0.387  1.00 15.69 ? 68  GLN A CG  1 
ATOM   419 C CD  . GLN A 1 52 ? 16.129  -3.709  -1.160  1.00 14.50 ? 68  GLN A CD  1 
ATOM   420 O OE1 . GLN A 1 52 ? 15.260  -4.510  -0.839  1.00 16.89 ? 68  GLN A OE1 1 
ATOM   421 N NE2 . GLN A 1 52 ? 16.937  -3.904  -2.200  1.00 19.94 ? 68  GLN A NE2 1 
ATOM   422 N N   . HIS A 1 53 ? 13.888  0.454   2.685   1.00 15.87 ? 69  HIS A N   1 
ATOM   423 C CA  . HIS A 1 53 ? 12.722  0.936   3.420   1.00 16.24 ? 69  HIS A CA  1 
ATOM   424 C C   . HIS A 1 53 ? 12.202  2.240   2.818   1.00 16.66 ? 69  HIS A C   1 
ATOM   425 O O   . HIS A 1 53 ? 11.148  2.735   3.214   1.00 15.83 ? 69  HIS A O   1 
ATOM   426 C CB  . HIS A 1 53 ? 13.072  1.157   4.897   1.00 15.74 ? 69  HIS A CB  1 
ATOM   427 C CG  . HIS A 1 53 ? 14.097  2.223   5.116   1.00 18.44 ? 69  HIS A CG  1 
ATOM   428 N ND1 . HIS A 1 53 ? 15.432  2.045   4.825   1.00 18.55 ? 69  HIS A ND1 1 
ATOM   429 C CD2 . HIS A 1 53 ? 13.975  3.495   5.567   1.00 16.84 ? 69  HIS A CD2 1 
ATOM   430 C CE1 . HIS A 1 53 ? 16.089  3.162   5.083   1.00 19.17 ? 69  HIS A CE1 1 
ATOM   431 N NE2 . HIS A 1 53 ? 15.227  4.057   5.535   1.00 19.38 ? 69  HIS A NE2 1 
ATOM   432 N N   . ILE A 1 54 ? 12.940  2.792   1.858   1.00 14.71 ? 70  ILE A N   1 
ATOM   433 C CA  . ILE A 1 54 ? 12.497  3.995   1.165   1.00 15.03 ? 70  ILE A CA  1 
ATOM   434 C C   . ILE A 1 54 ? 11.833  3.601   -0.144  1.00 15.00 ? 70  ILE A C   1 
ATOM   435 O O   . ILE A 1 54 ? 12.350  2.765   -0.884  1.00 15.18 ? 70  ILE A O   1 
ATOM   436 C CB  . ILE A 1 54 ? 13.682  4.937   0.864   1.00 16.29 ? 70  ILE A CB  1 
ATOM   437 C CG1 . ILE A 1 54 ? 14.342  5.369   2.178   1.00 17.09 ? 70  ILE A CG1 1 
ATOM   438 C CG2 . ILE A 1 54 ? 13.203  6.161   0.085   1.00 17.87 ? 70  ILE A CG2 1 
ATOM   439 C CD1 . ILE A 1 54 ? 13.409  6.102   3.128   1.00 18.02 ? 70  ILE A CD1 1 
ATOM   440 N N   . VAL A 1 55 ? 10.683  4.199   -0.421  1.00 15.52 ? 71  VAL A N   1 
ATOM   441 C CA  . VAL A 1 55 ? 9.956   3.919   -1.656  1.00 15.21 ? 71  VAL A CA  1 
ATOM   442 C C   . VAL A 1 55 ? 9.884   5.199   -2.476  1.00 16.34 ? 71  VAL A C   1 
ATOM   443 O O   . VAL A 1 55 ? 9.489   6.249   -1.959  1.00 17.75 ? 71  VAL A O   1 
ATOM   444 C CB  . VAL A 1 55 ? 8.524   3.426   -1.350  1.00 14.01 ? 71  VAL A CB  1 
ATOM   445 C CG1 . VAL A 1 55 ? 7.738   3.238   -2.646  1.00 16.63 ? 71  VAL A CG1 1 
ATOM   446 C CG2 . VAL A 1 55 ? 8.579   2.102   -0.587  1.00 17.26 ? 71  VAL A CG2 1 
ATOM   447 N N   . HIS A 1 56 ? 10.269  5.113   -3.747  1.00 16.70 ? 72  HIS A N   1 
ATOM   448 C CA  . HIS A 1 56 ? 10.183  6.259   -4.650  1.00 18.26 ? 72  HIS A CA  1 
ATOM   449 C C   . HIS A 1 56 ? 9.012   6.059   -5.605  1.00 19.19 ? 72  HIS A C   1 
ATOM   450 O O   . HIS A 1 56 ? 9.039   5.164   -6.447  1.00 19.39 ? 72  HIS A O   1 
ATOM   451 C CB  . HIS A 1 56 ? 11.476  6.405   -5.459  1.00 18.49 ? 72  HIS A CB  1 
ATOM   452 C CG  . HIS A 1 56 ? 12.706  6.551   -4.620  1.00 21.14 ? 72  HIS A CG  1 
ATOM   453 N ND1 . HIS A 1 56 ? 12.966  7.675   -3.866  1.00 23.13 ? 72  HIS A ND1 1 
ATOM   454 C CD2 . HIS A 1 56 ? 13.758  5.719   -4.431  1.00 21.14 ? 72  HIS A CD2 1 
ATOM   455 C CE1 . HIS A 1 56 ? 14.126  7.531   -3.249  1.00 23.70 ? 72  HIS A CE1 1 
ATOM   456 N NE2 . HIS A 1 56 ? 14.627  6.352   -3.575  1.00 23.56 ? 72  HIS A NE2 1 
ATOM   457 N N   . CYS A 1 57 ? 7.990   6.900   -5.482  1.00 20.49 ? 73  CYS A N   1 
ATOM   458 C CA  . CYS A 1 57 ? 6.743   6.690   -6.214  1.00 24.64 ? 73  CYS A CA  1 
ATOM   459 C C   . CYS A 1 57 ? 6.340   7.880   -7.082  1.00 27.27 ? 73  CYS A C   1 
ATOM   460 O O   . CYS A 1 57 ? 5.198   7.961   -7.538  1.00 28.20 ? 73  CYS A O   1 
ATOM   461 C CB  . CYS A 1 57 ? 5.610   6.364   -5.234  1.00 25.14 ? 73  CYS A CB  1 
ATOM   462 S SG  . CYS A 1 57 ? 5.461   7.502   -3.828  1.00 24.06 ? 73  CYS A SG  1 
ATOM   463 N N   . HIS A 1 58 ? 7.288   8.778   -7.329  1.00 28.11 ? 74  HIS A N   1 
ATOM   464 C CA  . HIS A 1 58 ? 6.996   10.099  -7.879  1.00 32.73 ? 74  HIS A CA  1 
ATOM   465 C C   . HIS A 1 58 ? 6.464   10.114  -9.310  1.00 34.10 ? 74  HIS A C   1 
ATOM   466 O O   . HIS A 1 58 ? 5.817   11.078  -9.725  1.00 38.01 ? 74  HIS A O   1 
ATOM   467 C CB  . HIS A 1 58 ? 8.245   10.978  -7.798  1.00 32.82 ? 74  HIS A CB  1 
ATOM   468 C CG  . HIS A 1 58 ? 9.480   10.324  -8.332  1.00 37.03 ? 74  HIS A CG  1 
ATOM   469 N ND1 . HIS A 1 58 ? 10.348  9.609   -7.534  1.00 37.88 ? 74  HIS A ND1 1 
ATOM   470 C CD2 . HIS A 1 58 ? 9.997   10.281  -9.582  1.00 37.25 ? 74  HIS A CD2 1 
ATOM   471 C CE1 . HIS A 1 58 ? 11.346  9.156   -8.269  1.00 37.63 ? 74  HIS A CE1 1 
ATOM   472 N NE2 . HIS A 1 58 ? 11.158  9.549   -9.516  1.00 38.66 ? 74  HIS A NE2 1 
ATOM   473 N N   . ASP A 1 59 ? 6.743   9.059   -10.064 1.00 33.50 ? 75  ASP A N   1 
ATOM   474 C CA  . ASP A 1 59 ? 6.244   8.955   -11.429 1.00 35.47 ? 75  ASP A CA  1 
ATOM   475 C C   . ASP A 1 59 ? 5.488   7.645   -11.624 1.00 32.23 ? 75  ASP A C   1 
ATOM   476 O O   . ASP A 1 59 ? 5.692   6.935   -12.607 1.00 34.17 ? 75  ASP A O   1 
ATOM   477 C CB  . ASP A 1 59 ? 7.403   9.051   -12.424 1.00 38.82 ? 75  ASP A CB  1 
ATOM   478 C CG  . ASP A 1 59 ? 7.977   10.456  -12.511 1.00 43.40 ? 75  ASP A CG  1 
ATOM   479 O OD1 . ASP A 1 59 ? 7.189   11.413  -12.668 1.00 45.70 ? 75  ASP A OD1 1 
ATOM   480 O OD2 . ASP A 1 59 ? 9.215   10.605  -12.422 1.00 47.43 ? 75  ASP A OD2 1 
ATOM   481 N N   . ASP A 1 60 ? 4.616   7.341   -10.667 1.00 29.34 ? 76  ASP A N   1 
ATOM   482 C CA  . ASP A 1 60 ? 3.827   6.116   -10.673 1.00 25.64 ? 76  ASP A CA  1 
ATOM   483 C C   . ASP A 1 60 ? 2.417   6.456   -10.184 1.00 24.16 ? 76  ASP A C   1 
ATOM   484 O O   . ASP A 1 60 ? 2.233   7.380   -9.389  1.00 23.90 ? 76  ASP A O   1 
ATOM   485 C CB  . ASP A 1 60 ? 4.475   5.081   -9.738  1.00 24.73 ? 76  ASP A CB  1 
ATOM   486 C CG  . ASP A 1 60 ? 3.826   3.711   -9.835  1.00 25.04 ? 76  ASP A CG  1 
ATOM   487 O OD1 . ASP A 1 60 ? 4.332   2.862   -10.600 1.00 24.08 ? 76  ASP A OD1 1 
ATOM   488 O OD2 . ASP A 1 60 ? 2.812   3.480   -9.146  1.00 24.66 ? 76  ASP A OD2 1 
ATOM   489 N N   . PRO A 1 61 ? 1.400   5.715   -10.652 1.00 22.51 ? 77  PRO A N   1 
ATOM   490 C CA  . PRO A 1 61 ? 0.029   5.942   -10.180 1.00 22.45 ? 77  PRO A CA  1 
ATOM   491 C C   . PRO A 1 61 ? -0.121  5.889   -8.658  1.00 20.49 ? 77  PRO A C   1 
ATOM   492 O O   . PRO A 1 61 ? -0.989  6.553   -8.092  1.00 20.91 ? 77  PRO A O   1 
ATOM   493 C CB  . PRO A 1 61 ? -0.775  4.849   -10.877 1.00 24.05 ? 77  PRO A CB  1 
ATOM   494 C CG  . PRO A 1 61 ? -0.002  4.591   -12.138 1.00 24.21 ? 77  PRO A CG  1 
ATOM   495 C CD  . PRO A 1 61 ? 1.445   4.718   -11.736 1.00 24.29 ? 77  PRO A CD  1 
ATOM   496 N N   . LEU A 1 62 ? 0.730   5.113   -7.994  1.00 18.71 ? 78  LEU A N   1 
ATOM   497 C CA  . LEU A 1 62 ? 0.691   5.058   -6.536  1.00 18.91 ? 78  LEU A CA  1 
ATOM   498 C C   . LEU A 1 62 ? 1.079   6.407   -5.931  1.00 18.85 ? 78  LEU A C   1 
ATOM   499 O O   . LEU A 1 62 ? 0.530   6.820   -4.907  1.00 18.85 ? 78  LEU A O   1 
ATOM   500 C CB  . LEU A 1 62 ? 1.631   3.962   -6.015  1.00 19.01 ? 78  LEU A CB  1 
ATOM   501 C CG  . LEU A 1 62 ? 1.756   3.894   -4.487  1.00 21.62 ? 78  LEU A CG  1 
ATOM   502 C CD1 . LEU A 1 62 ? 0.393   3.636   -3.878  1.00 21.76 ? 78  LEU A CD1 1 
ATOM   503 C CD2 . LEU A 1 62 ? 2.737   2.794   -4.094  1.00 22.60 ? 78  LEU A CD2 1 
ATOM   504 N N   . GLY A 1 63 ? 2.023   7.096   -6.566  1.00 19.08 ? 79  GLY A N   1 
ATOM   505 C CA  . GLY A 1 63 ? 2.436   8.395   -6.064  1.00 19.69 ? 79  GLY A CA  1 
ATOM   506 C C   . GLY A 1 63 ? 1.319   9.415   -6.178  1.00 20.32 ? 79  GLY A C   1 
ATOM   507 O O   . GLY A 1 63 ? 1.213   10.337  -5.368  1.00 18.45 ? 79  GLY A O   1 
ATOM   508 N N   . GLU A 1 64 ? 0.473   9.244   -7.187  1.00 20.11 ? 80  GLU A N   1 
ATOM   509 C CA  . GLU A 1 64 ? -0.661  10.138  -7.374  1.00 22.14 ? 80  GLU A CA  1 
ATOM   510 C C   . GLU A 1 64 ? -1.646  9.996   -6.222  1.00 22.28 ? 80  GLU A C   1 
ATOM   511 O O   . GLU A 1 64 ? -2.200  10.988  -5.746  1.00 24.83 ? 80  GLU A O   1 
ATOM   512 C CB  . GLU A 1 64 ? -1.360  9.830   -8.700  1.00 26.07 ? 80  GLU A CB  1 
ATOM   513 C CG  . GLU A 1 64 ? -0.482  10.066  -9.912  1.00 31.66 ? 80  GLU A CG  1 
ATOM   514 C CD  . GLU A 1 64 ? 0.057   11.481  -9.967  1.00 35.94 ? 80  GLU A CD  1 
ATOM   515 O OE1 . GLU A 1 64 ? -0.736  12.432  -9.784  1.00 39.25 ? 80  GLU A OE1 1 
ATOM   516 O OE2 . GLU A 1 64 ? 1.277   11.643  -10.190 1.00 39.65 ? 80  GLU A OE2 1 
ATOM   517 N N   . LEU A 1 65 ? -1.860  8.764   -5.769  1.00 20.94 ? 81  LEU A N   1 
ATOM   518 C CA  . LEU A 1 65 ? -2.746  8.525   -4.632  1.00 21.71 ? 81  LEU A CA  1 
ATOM   519 C C   . LEU A 1 65 ? -2.119  8.984   -3.320  1.00 21.03 ? 81  LEU A C   1 
ATOM   520 O O   . LEU A 1 65 ? -2.796  9.559   -2.467  1.00 22.00 ? 81  LEU A O   1 
ATOM   521 C CB  . LEU A 1 65 ? -3.107  7.039   -4.533  1.00 24.57 ? 81  LEU A CB  1 
ATOM   522 C CG  . LEU A 1 65 ? -4.007  6.491   -5.641  1.00 27.21 ? 81  LEU A CG  1 
ATOM   523 C CD1 . LEU A 1 65 ? -4.415  5.059   -5.321  1.00 28.94 ? 81  LEU A CD1 1 
ATOM   524 C CD2 . LEU A 1 65 ? -5.238  7.372   -5.765  1.00 28.83 ? 81  LEU A CD2 1 
ATOM   525 N N   . LEU A 1 66 ? -0.822  8.739   -3.154  1.00 19.47 ? 82  LEU A N   1 
ATOM   526 C CA  . LEU A 1 66 ? -0.152  9.087   -1.906  1.00 19.30 ? 82  LEU A CA  1 
ATOM   527 C C   . LEU A 1 66 ? 0.112   10.588  -1.788  1.00 20.11 ? 82  LEU A C   1 
ATOM   528 O O   . LEU A 1 66 ? 0.255   11.110  -0.686  1.00 19.89 ? 82  LEU A O   1 
ATOM   529 C CB  . LEU A 1 66 ? 1.172   8.326   -1.778  1.00 19.22 ? 82  LEU A CB  1 
ATOM   530 C CG  . LEU A 1 66 ? 1.076   6.809   -1.605  1.00 21.30 ? 82  LEU A CG  1 
ATOM   531 C CD1 . LEU A 1 66 ? 2.468   6.205   -1.681  1.00 19.98 ? 82  LEU A CD1 1 
ATOM   532 C CD2 . LEU A 1 66 ? 0.423   6.481   -0.274  1.00 23.78 ? 82  LEU A CD2 1 
ATOM   533 N N   . GLU A 1 67 ? 0.194   11.267  -2.927  1.00 19.01 ? 83  GLU A N   1 
ATOM   534 C CA  . GLU A 1 67 ? 0.455   12.707  -2.965  1.00 19.00 ? 83  GLU A CA  1 
ATOM   535 C C   . GLU A 1 67 ? 1.843   13.087  -2.446  1.00 19.09 ? 83  GLU A C   1 
ATOM   536 O O   . GLU A 1 67 ? 2.086   14.239  -2.093  1.00 18.95 ? 83  GLU A O   1 
ATOM   537 C CB  . GLU A 1 67 ? -0.617  13.465  -2.175  1.00 20.09 ? 83  GLU A CB  1 
ATOM   538 C CG  . GLU A 1 67 ? -2.033  13.139  -2.611  1.00 20.45 ? 83  GLU A CG  1 
ATOM   539 C CD  . GLU A 1 67 ? -3.094  13.815  -1.764  1.00 21.21 ? 83  GLU A CD  1 
ATOM   540 O OE1 . GLU A 1 67 ? -4.261  13.836  -2.202  1.00 25.65 ? 83  GLU A OE1 1 
ATOM   541 O OE2 . GLU A 1 67 ? -2.769  14.326  -0.670  1.00 25.00 ? 83  GLU A OE2 1 
ATOM   542 N N   . VAL A 1 68 ? 2.753   12.118  -2.402  1.00 17.69 ? 84  VAL A N   1 
ATOM   543 C CA  . VAL A 1 68 ? 4.155   12.395  -2.093  1.00 18.24 ? 84  VAL A CA  1 
ATOM   544 C C   . VAL A 1 68 ? 5.034   11.686  -3.119  1.00 17.29 ? 84  VAL A C   1 
ATOM   545 O O   . VAL A 1 68 ? 4.591   10.743  -3.773  1.00 19.72 ? 84  VAL A O   1 
ATOM   546 C CB  . VAL A 1 68 ? 4.540   11.906  -0.672  1.00 19.62 ? 84  VAL A CB  1 
ATOM   547 C CG1 . VAL A 1 68 ? 3.742   12.672  0.376   1.00 23.39 ? 84  VAL A CG1 1 
ATOM   548 C CG2 . VAL A 1 68 ? 4.278   10.410  -0.542  1.00 22.82 ? 84  VAL A CG2 1 
ATOM   549 N N   . GLY A 1 69 ? 6.272   12.150  -3.268  1.00 17.03 ? 85  GLY A N   1 
ATOM   550 C CA  . GLY A 1 69 ? 7.156   11.562  -4.259  1.00 16.68 ? 85  GLY A CA  1 
ATOM   551 C C   . GLY A 1 69 ? 7.918   10.370  -3.712  1.00 17.38 ? 85  GLY A C   1 
ATOM   552 O O   . GLY A 1 69 ? 8.369   9.500   -4.459  1.00 17.40 ? 85  GLY A O   1 
ATOM   553 N N   . SER A 1 70 ? 8.064   10.331  -2.396  1.00 17.25 ? 86  SER A N   1 
ATOM   554 C CA  . SER A 1 70 ? 8.752   9.231   -1.737  1.00 17.78 ? 86  SER A CA  1 
ATOM   555 C C   . SER A 1 70 ? 8.210   9.097   -0.325  1.00 16.44 ? 86  SER A C   1 
ATOM   556 O O   . SER A 1 70 ? 7.673   10.055  0.241   1.00 17.22 ? 86  SER A O   1 
ATOM   557 C CB  . SER A 1 70 ? 10.259  9.505   -1.684  1.00 21.29 ? 86  SER A CB  1 
ATOM   558 O OG  . SER A 1 70 ? 10.816  9.532   -2.986  1.00 28.08 ? 86  SER A OG  1 
ATOM   559 N N   . PHE A 1 71 ? 8.338   7.910   0.249   1.00 14.83 ? 87  PHE A N   1 
ATOM   560 C CA  . PHE A 1 71 ? 8.055   7.745   1.670   1.00 15.09 ? 87  PHE A CA  1 
ATOM   561 C C   . PHE A 1 71 ? 8.911   6.653   2.277   1.00 15.49 ? 87  PHE A C   1 
ATOM   562 O O   . PHE A 1 71 ? 9.545   5.878   1.562   1.00 15.24 ? 87  PHE A O   1 
ATOM   563 C CB  . PHE A 1 71 ? 6.567   7.435   1.913   1.00 16.57 ? 87  PHE A CB  1 
ATOM   564 C CG  . PHE A 1 71 ? 6.121   6.089   1.394   1.00 19.54 ? 87  PHE A CG  1 
ATOM   565 C CD1 . PHE A 1 71 ? 6.042   4.995   2.241   1.00 20.84 ? 87  PHE A CD1 1 
ATOM   566 C CD2 . PHE A 1 71 ? 5.747   5.930   0.070   1.00 19.43 ? 87  PHE A CD2 1 
ATOM   567 C CE1 . PHE A 1 71 ? 5.597   3.765   1.777   1.00 23.86 ? 87  PHE A CE1 1 
ATOM   568 C CE2 . PHE A 1 71 ? 5.301   4.703   -0.400  1.00 20.53 ? 87  PHE A CE2 1 
ATOM   569 C CZ  . PHE A 1 71 ? 5.226   3.621   0.454   1.00 22.28 ? 87  PHE A CZ  1 
ATOM   570 N N   . SER A 1 72 ? 8.928   6.610   3.604   1.00 13.34 ? 88  SER A N   1 
ATOM   571 C CA  . SER A 1 72 ? 9.622   5.555   4.327   1.00 15.17 ? 88  SER A CA  1 
ATOM   572 C C   . SER A 1 72 ? 8.620   4.562   4.897   1.00 14.73 ? 88  SER A C   1 
ATOM   573 O O   . SER A 1 72 ? 7.601   4.949   5.475   1.00 16.29 ? 88  SER A O   1 
ATOM   574 C CB  . SER A 1 72 ? 10.441  6.161   5.469   1.00 16.33 ? 88  SER A CB  1 
ATOM   575 O OG  . SER A 1 72 ? 10.969  5.143   6.299   1.00 16.99 ? 88  SER A OG  1 
ATOM   576 N N   . VAL A 1 73 ? 8.912   3.273   4.748   1.00 14.73 ? 89  VAL A N   1 
ATOM   577 C CA  . VAL A 1 73 ? 8.040   2.250   5.297   1.00 17.22 ? 89  VAL A CA  1 
ATOM   578 C C   . VAL A 1 73 ? 7.953   2.401   6.816   1.00 18.68 ? 89  VAL A C   1 
ATOM   579 O O   . VAL A 1 73 ? 6.966   1.997   7.431   1.00 20.29 ? 89  VAL A O   1 
ATOM   580 C CB  . VAL A 1 73 ? 8.551   0.834   4.923   1.00 18.73 ? 89  VAL A CB  1 
ATOM   581 C CG1 . VAL A 1 73 ? 7.652   -0.226  5.534   1.00 21.40 ? 89  VAL A CG1 1 
ATOM   582 C CG2 . VAL A 1 73 ? 8.575   0.684   3.399   1.00 19.68 ? 89  VAL A CG2 1 
ATOM   583 N N   . LYS A 1 74 ? 8.975   3.014   7.408   1.00 19.82 ? 90  LYS A N   1 
ATOM   584 C CA  . LYS A 1 74 ? 9.015   3.257   8.851   1.00 20.79 ? 90  LYS A CA  1 
ATOM   585 C C   . LYS A 1 74 ? 8.317   4.561   9.272   1.00 21.66 ? 90  LYS A C   1 
ATOM   586 O O   . LYS A 1 74 ? 8.252   4.883   10.463  1.00 22.41 ? 90  LYS A O   1 
ATOM   587 C CB  . LYS A 1 74 ? 10.467  3.285   9.333   1.00 22.50 ? 90  LYS A CB  1 
ATOM   588 C CG  . LYS A 1 74 ? 11.261  2.023   9.040   1.00 25.89 ? 90  LYS A CG  1 
ATOM   589 C CD  . LYS A 1 74 ? 12.715  2.208   9.450   1.00 31.21 ? 90  LYS A CD  1 
ATOM   590 C CE  . LYS A 1 74 ? 13.570  1.014   9.071   1.00 35.35 ? 90  LYS A CE  1 
ATOM   591 N NZ  . LYS A 1 74 ? 14.998  1.245   9.420   1.00 37.52 ? 90  LYS A NZ  1 
ATOM   592 N N   . ASN A 1 75 ? 7.808   5.311   8.297   1.00 21.52 ? 91  ASN A N   1 
ATOM   593 C CA  . ASN A 1 75 ? 7.038   6.535   8.557   1.00 21.12 ? 91  ASN A CA  1 
ATOM   594 C C   . ASN A 1 75 ? 5.794   6.489   7.665   1.00 22.25 ? 91  ASN A C   1 
ATOM   595 O O   . ASN A 1 75 ? 5.620   7.327   6.782   1.00 22.63 ? 91  ASN A O   1 
ATOM   596 C CB  . ASN A 1 75 ? 7.890   7.766   8.218   1.00 21.24 ? 91  ASN A CB  1 
ATOM   597 C CG  . ASN A 1 75 ? 7.247   9.084   8.655   1.00 24.19 ? 91  ASN A CG  1 
ATOM   598 O OD1 . ASN A 1 75 ? 6.195   9.099   9.286   1.00 26.95 ? 91  ASN A OD1 1 
ATOM   599 N ND2 . ASN A 1 75 ? 7.891   10.196  8.314   1.00 27.97 ? 91  ASN A ND2 1 
ATOM   600 N N   . PRO A 1 76 ? 4.920   5.500   7.898   1.00 22.94 ? 92  PRO A N   1 
ATOM   601 C CA  . PRO A 1 76 ? 3.838   5.094   6.991   1.00 24.72 ? 92  PRO A CA  1 
ATOM   602 C C   . PRO A 1 76 ? 2.629   6.023   6.962   1.00 23.61 ? 92  PRO A C   1 
ATOM   603 O O   . PRO A 1 76 ? 1.638   5.731   6.294   1.00 24.85 ? 92  PRO A O   1 
ATOM   604 C CB  . PRO A 1 76 ? 3.465   3.704   7.487   1.00 24.64 ? 92  PRO A CB  1 
ATOM   605 C CG  . PRO A 1 76 ? 3.793   3.742   8.946   1.00 26.49 ? 92  PRO A CG  1 
ATOM   606 C CD  . PRO A 1 76 ? 5.006   4.617   9.074   1.00 24.56 ? 92  PRO A CD  1 
ATOM   607 N N   . SER A 1 77 ? 2.705   7.135   7.686   1.00 23.21 ? 93  SER A N   1 
ATOM   608 C CA  . SER A 1 77 ? 1.569   8.047   7.774   1.00 23.32 ? 93  SER A CA  1 
ATOM   609 C C   . SER A 1 77 ? 0.913   8.370   6.425   1.00 23.13 ? 93  SER A C   1 
ATOM   610 O O   . SER A 1 77 ? -0.310  8.310   6.301   1.00 21.68 ? 93  SER A O   1 
ATOM   611 C CB  . SER A 1 77 ? 1.989   9.349   8.461   1.00 26.24 ? 93  SER A CB  1 
ATOM   612 O OG  . SER A 1 77 ? 0.871   10.201  8.628   1.00 29.65 ? 93  SER A OG  1 
ATOM   613 N N   . PRO A 1 78 ? 1.710   8.715   5.398   1.00 21.88 ? 94  PRO A N   1 
ATOM   614 C CA  . PRO A 1 78 ? 1.134   9.048   4.086   1.00 21.24 ? 94  PRO A CA  1 
ATOM   615 C C   . PRO A 1 78 ? 0.304   7.900   3.528   1.00 21.65 ? 94  PRO A C   1 
ATOM   616 O O   . PRO A 1 78 ? -0.676  8.110   2.807   1.00 20.67 ? 94  PRO A O   1 
ATOM   617 C CB  . PRO A 1 78 ? 2.355   9.327   3.210   1.00 22.73 ? 94  PRO A CB  1 
ATOM   618 C CG  . PRO A 1 78 ? 3.443   9.667   4.175   1.00 23.45 ? 94  PRO A CG  1 
ATOM   619 C CD  . PRO A 1 78 ? 3.177   8.845   5.400   1.00 22.54 ? 94  PRO A CD  1 
ATOM   620 N N   . LEU A 1 79 ? 0.709   6.680   3.858   1.00 21.62 ? 95  LEU A N   1 
ATOM   621 C CA  . LEU A 1 79 ? 0.014   5.503   3.363   1.00 22.66 ? 95  LEU A CA  1 
ATOM   622 C C   . LEU A 1 79 ? -1.338  5.357   4.058   1.00 22.63 ? 95  LEU A C   1 
ATOM   623 O O   . LEU A 1 79 ? -2.357  5.122   3.410   1.00 21.76 ? 95  LEU A O   1 
ATOM   624 C CB  . LEU A 1 79 ? 0.862   4.256   3.604   1.00 23.84 ? 95  LEU A CB  1 
ATOM   625 C CG  . LEU A 1 79 ? 0.398   3.006   2.856   1.00 29.66 ? 95  LEU A CG  1 
ATOM   626 C CD1 . LEU A 1 79 ? 0.603   3.189   1.357   1.00 30.49 ? 95  LEU A CD1 1 
ATOM   627 C CD2 . LEU A 1 79 ? 1.188   1.814   3.343   1.00 33.79 ? 95  LEU A CD2 1 
ATOM   628 N N   . TYR A 1 80 ? -1.354  5.508   5.376   1.00 23.13 ? 96  TYR A N   1 
ATOM   629 C CA  . TYR A 1 80 ? -2.605  5.392   6.115   1.00 24.97 ? 96  TYR A CA  1 
ATOM   630 C C   . TYR A 1 80 ? -3.564  6.531   5.788   1.00 24.78 ? 96  TYR A C   1 
ATOM   631 O O   . TYR A 1 80 ? -4.778  6.331   5.753   1.00 24.08 ? 96  TYR A O   1 
ATOM   632 C CB  . TYR A 1 80 ? -2.338  5.352   7.621   1.00 28.50 ? 96  TYR A CB  1 
ATOM   633 C CG  . TYR A 1 80 ? -1.607  4.104   8.070   1.00 33.87 ? 96  TYR A CG  1 
ATOM   634 C CD1 . TYR A 1 80 ? -0.398  4.188   8.744   1.00 37.97 ? 96  TYR A CD1 1 
ATOM   635 C CD2 . TYR A 1 80 ? -2.126  2.842   7.810   1.00 37.51 ? 96  TYR A CD2 1 
ATOM   636 C CE1 . TYR A 1 80 ? 0.278   3.051   9.148   1.00 39.91 ? 96  TYR A CE1 1 
ATOM   637 C CE2 . TYR A 1 80 ? -1.455  1.696   8.210   1.00 40.46 ? 96  TYR A CE2 1 
ATOM   638 C CZ  . TYR A 1 80 ? -0.254  1.810   8.878   1.00 40.22 ? 96  TYR A CZ  1 
ATOM   639 O OH  . TYR A 1 80 ? 0.418   0.678   9.278   1.00 45.46 ? 96  TYR A OH  1 
ATOM   640 N N   . GLU A 1 81 ? -3.028  7.725   5.542   1.00 22.77 ? 97  GLU A N   1 
ATOM   641 C CA  . GLU A 1 81 ? -3.877  8.848   5.151   1.00 23.83 ? 97  GLU A CA  1 
ATOM   642 C C   . GLU A 1 81 ? -4.473  8.620   3.767   1.00 23.11 ? 97  GLU A C   1 
ATOM   643 O O   . GLU A 1 81 ? -5.621  8.978   3.518   1.00 24.06 ? 97  GLU A O   1 
ATOM   644 C CB  . GLU A 1 81 ? -3.087  10.160  5.166   1.00 26.38 ? 97  GLU A CB  1 
ATOM   645 C CG  . GLU A 1 81 ? -2.659  10.609  6.555   1.00 32.16 ? 97  GLU A CG  1 
ATOM   646 C CD  . GLU A 1 81 ? -3.837  10.923  7.462   1.00 37.21 ? 97  GLU A CD  1 
ATOM   647 O OE1 . GLU A 1 81 ? -3.732  10.678  8.682   1.00 39.57 ? 97  GLU A OE1 1 
ATOM   648 O OE2 . GLU A 1 81 ? -4.867  11.417  6.954   1.00 39.16 ? 97  GLU A OE2 1 
ATOM   649 N N   . MET A 1 82 ? -3.694  8.020   2.871   1.00 21.23 ? 98  MET A N   1 
ATOM   650 C CA  . MET A 1 82 ? -4.197  7.660   1.548   1.00 23.33 ? 98  MET A CA  1 
ATOM   651 C C   . MET A 1 82 ? -5.331  6.645   1.669   1.00 24.12 ? 98  MET A C   1 
ATOM   652 O O   . MET A 1 82 ? -6.359  6.768   1.001   1.00 24.92 ? 98  MET A O   1 
ATOM   653 C CB  . MET A 1 82 ? -3.070  7.069   0.691   1.00 23.49 ? 98  MET A CB  1 
ATOM   654 C CG  . MET A 1 82 ? -3.493  6.719   -0.741  1.00 24.49 ? 98  MET A CG  1 
ATOM   655 S SD  . MET A 1 82 ? -4.217  5.065   -0.906  1.00 26.15 ? 98  MET A SD  1 
ATOM   656 C CE  . MET A 1 82 ? -2.791  4.047   -0.495  1.00 24.81 ? 98  MET A CE  1 
ATOM   657 N N   . LEU A 1 83 ? -5.143  5.647   2.527   1.00 24.57 ? 99  LEU A N   1 
ATOM   658 C CA  . LEU A 1 83 ? -6.153  4.604   2.701   1.00 28.03 ? 99  LEU A CA  1 
ATOM   659 C C   . LEU A 1 83 ? -7.449  5.165   3.280   1.00 30.26 ? 99  LEU A C   1 
ATOM   660 O O   . LEU A 1 83 ? -8.541  4.702   2.947   1.00 30.68 ? 99  LEU A O   1 
ATOM   661 C CB  . LEU A 1 83 ? -5.616  3.493   3.608   1.00 27.27 ? 99  LEU A CB  1 
ATOM   662 C CG  . LEU A 1 83 ? -4.445  2.697   3.022   1.00 29.84 ? 99  LEU A CG  1 
ATOM   663 C CD1 . LEU A 1 83 ? -4.020  1.598   3.988   1.00 31.43 ? 99  LEU A CD1 1 
ATOM   664 C CD2 . LEU A 1 83 ? -4.860  2.102   1.685   1.00 29.25 ? 99  LEU A CD2 1 
ATOM   665 N N   . LYS A 1 84 ? -7.332  6.170   4.139   1.00 30.95 ? 100 LYS A N   1 
ATOM   666 C CA  . LYS A 1 84 ? -8.518  6.816   4.683   1.00 33.21 ? 100 LYS A CA  1 
ATOM   667 C C   . LYS A 1 84 ? -9.311  7.507   3.577   1.00 33.26 ? 100 LYS A C   1 
ATOM   668 O O   . LYS A 1 84 ? -10.541 7.484   3.583   1.00 34.35 ? 100 LYS A O   1 
ATOM   669 C CB  . LYS A 1 84 ? -8.122  7.825   5.763   1.00 35.73 ? 100 LYS A CB  1 
ATOM   670 C CG  . LYS A 1 84 ? -7.544  7.179   7.012   1.00 39.55 ? 100 LYS A CG  1 
ATOM   671 C CD  . LYS A 1 84 ? -7.209  8.216   8.075   1.00 43.22 ? 100 LYS A CD  1 
ATOM   672 C CE  . LYS A 1 84 ? -6.609  7.562   9.311   1.00 45.34 ? 100 LYS A CE  1 
ATOM   673 N NZ  . LYS A 1 84 ? -6.133  8.568   10.305  1.00 48.24 ? 100 LYS A NZ  1 
ATOM   674 N N   . ARG A 1 85 ? -8.608  8.103   2.620   1.00 31.60 ? 101 ARG A N   1 
ATOM   675 C CA  . ARG A 1 85 ? -9.260  8.764   1.495   1.00 31.19 ? 101 ARG A CA  1 
ATOM   676 C C   . ARG A 1 85 ? -9.825  7.774   0.478   1.00 31.72 ? 101 ARG A C   1 
ATOM   677 O O   . ARG A 1 85 ? -10.724 8.115   -0.289  1.00 32.78 ? 101 ARG A O   1 
ATOM   678 C CB  . ARG A 1 85 ? -8.279  9.697   0.775   1.00 31.54 ? 101 ARG A CB  1 
ATOM   679 C CG  . ARG A 1 85 ? -7.749  10.843  1.615   1.00 30.73 ? 101 ARG A CG  1 
ATOM   680 C CD  . ARG A 1 85 ? -6.991  11.844  0.751   1.00 30.30 ? 101 ARG A CD  1 
ATOM   681 N NE  . ARG A 1 85 ? -5.783  11.268  0.161   1.00 28.25 ? 101 ARG A NE  1 
ATOM   682 C CZ  . ARG A 1 85 ? -4.593  11.267  0.753   1.00 27.89 ? 101 ARG A CZ  1 
ATOM   683 N NH1 . ARG A 1 85 ? -4.450  11.812  1.953   1.00 25.61 ? 101 ARG A NH1 1 
ATOM   684 N NH2 . ARG A 1 85 ? -3.546  10.719  0.147   1.00 26.84 ? 101 ARG A NH2 1 
ATOM   685 N N   . ASN A 1 86 ? -9.295  6.553   0.462   1.00 31.21 ? 102 ASN A N   1 
ATOM   686 C CA  . ASN A 1 86 ? -9.584  5.623   -0.628  1.00 31.78 ? 102 ASN A CA  1 
ATOM   687 C C   . ASN A 1 86 ? -10.194 4.292   -0.201  1.00 32.81 ? 102 ASN A C   1 
ATOM   688 O O   . ASN A 1 86 ? -10.222 3.343   -0.982  1.00 33.12 ? 102 ASN A O   1 
ATOM   689 C CB  . ASN A 1 86 ? -8.313  5.354   -1.439  1.00 30.52 ? 102 ASN A CB  1 
ATOM   690 C CG  . ASN A 1 86 ? -7.944  6.513   -2.340  1.00 30.48 ? 102 ASN A CG  1 
ATOM   691 O OD1 . ASN A 1 86 ? -8.468  6.646   -3.448  1.00 31.30 ? 102 ASN A OD1 1 
ATOM   692 N ND2 . ASN A 1 86 ? -7.037  7.363   -1.871  1.00 29.02 ? 102 ASN A ND2 1 
ATOM   693 N N   . LEU A 1 87 ? -10.679 4.215   1.033   1.00 34.10 ? 103 LEU A N   1 
ATOM   694 C CA  . LEU A 1 87 ? -11.354 3.009   1.493   1.00 35.68 ? 103 LEU A CA  1 
ATOM   695 C C   . LEU A 1 87 ? -12.740 3.323   2.041   1.00 38.24 ? 103 LEU A C   1 
ATOM   696 O O   . LEU A 1 87 ? -12.890 4.144   2.945   1.00 39.02 ? 103 LEU A O   1 
ATOM   697 C CB  . LEU A 1 87 ? -10.527 2.308   2.572   1.00 34.44 ? 103 LEU A CB  1 
ATOM   698 C CG  . LEU A 1 87 ? -9.218  1.651   2.129   1.00 32.72 ? 103 LEU A CG  1 
ATOM   699 C CD1 . LEU A 1 87 ? -8.607  0.899   3.301   1.00 32.87 ? 103 LEU A CD1 1 
ATOM   700 C CD2 . LEU A 1 87 ? -9.486  0.703   0.970   1.00 32.77 ? 103 LEU A CD2 1 
ATOM   701 N N   . VAL A 1 88 ? -13.752 2.664   1.485   1.00 40.07 ? 104 VAL A N   1 
ATOM   702 C CA  . VAL A 1 88 ? -15.100 2.731   2.030   1.00 41.62 ? 104 VAL A CA  1 
ATOM   703 C C   . VAL A 1 88 ? -15.287 1.614   3.048   1.00 42.42 ? 104 VAL A C   1 
ATOM   704 O O   . VAL A 1 88 ? -15.091 0.440   2.736   1.00 42.10 ? 104 VAL A O   1 
ATOM   705 C CB  . VAL A 1 88 ? -16.159 2.574   0.924   1.00 42.69 ? 104 VAL A CB  1 
ATOM   706 C CG1 . VAL A 1 88 ? -17.554 2.587   1.536   1.00 44.15 ? 104 VAL A CG1 1 
ATOM   707 C CG2 . VAL A 1 88 ? -16.016 3.693   -0.091  1.00 42.11 ? 104 VAL A CG2 1 
ATOM   708 N N   . ILE A 1 89 ? -15.662 1.985   4.267   1.00 43.65 ? 105 ILE A N   1 
ATOM   709 C CA  . ILE A 1 89 ? -15.821 1.012   5.340   1.00 44.93 ? 105 ILE A CA  1 
ATOM   710 C C   . ILE A 1 89 ? -17.179 0.331   5.224   1.00 45.68 ? 105 ILE A C   1 
ATOM   711 O O   . ILE A 1 89 ? -18.210 0.997   5.124   1.00 45.35 ? 105 ILE A O   1 
ATOM   712 C CB  . ILE A 1 89 ? -15.726 1.683   6.723   1.00 45.16 ? 105 ILE A CB  1 
ATOM   713 C CG1 . ILE A 1 89 ? -14.455 2.528   6.804   1.00 45.39 ? 105 ILE A CG1 1 
ATOM   714 C CG2 . ILE A 1 89 ? -15.721 0.624   7.814   1.00 45.53 ? 105 ILE A CG2 1 
ATOM   715 C CD1 . ILE A 1 89 ? -13.195 1.770   6.460   1.00 46.31 ? 105 ILE A CD1 1 
ATOM   716 N N   . LEU A 1 90 ? -17.175 -0.997  5.233   1.00 47.04 ? 106 LEU A N   1 
ATOM   717 C CA  . LEU A 1 90 ? -18.409 -1.760  5.099   1.00 48.47 ? 106 LEU A CA  1 
ATOM   718 C C   . LEU A 1 90 ? -18.844 -2.306  6.453   1.00 49.71 ? 106 LEU A C   1 
ATOM   719 O O   . LEU A 1 90 ? -18.072 -2.152  7.423   1.00 51.04 ? 106 LEU A O   1 
ATOM   720 C CB  . LEU A 1 90 ? -18.208 -2.913  4.113   1.00 47.64 ? 106 LEU A CB  1 
ATOM   721 C CG  . LEU A 1 90 ? -17.728 -2.532  2.710   1.00 46.77 ? 106 LEU A CG  1 
ATOM   722 C CD1 . LEU A 1 90 ? -17.500 -3.791  1.893   1.00 46.45 ? 106 LEU A CD1 1 
ATOM   723 C CD2 . LEU A 1 90 ? -18.753 -1.635  2.038   1.00 46.36 ? 106 LEU A CD2 1 
ATOM   724 O OXT . LEU A 1 90 ? -19.948 -2.886  6.528   1.00 52.03 ? 106 LEU A OXT 1 
HETATM 725 C C   . ACE B 2 1  ? 18.839  -4.213  5.490   1.00 27.06 ? 16  ACE B C   1 
HETATM 726 O O   . ACE B 2 1  ? 19.481  -5.096  4.926   1.00 29.65 ? 16  ACE B O   1 
HETATM 727 C CH3 . ACE B 2 1  ? 19.529  -2.973  6.032   1.00 28.74 ? 16  ACE B CH3 1 
ATOM   728 N N   . LEU B 2 2  ? 17.524  -4.282  5.658   1.00 25.15 ? 17  LEU B N   1 
ATOM   729 C CA  . LEU B 2 2  ? 16.748  -5.439  5.229   1.00 22.90 ? 17  LEU B CA  1 
ATOM   730 C C   . LEU B 2 2  ? 16.278  -5.280  3.783   1.00 20.27 ? 17  LEU B C   1 
ATOM   731 O O   . LEU B 2 2  ? 16.535  -4.262  3.146   1.00 21.15 ? 17  LEU B O   1 
ATOM   732 C CB  . LEU B 2 2  ? 15.536  -5.614  6.144   1.00 23.31 ? 17  LEU B CB  1 
ATOM   733 C CG  . LEU B 2 2  ? 15.853  -5.743  7.637   1.00 25.43 ? 17  LEU B CG  1 
ATOM   734 C CD1 . LEU B 2 2  ? 14.563  -5.852  8.438   1.00 26.09 ? 17  LEU B CD1 1 
ATOM   735 C CD2 . LEU B 2 2  ? 16.729  -6.965  7.857   1.00 25.48 ? 17  LEU B CD2 1 
ATOM   736 N N   . THR B 2 3  ? 15.596  -6.296  3.268   1.00 19.87 ? 18  THR B N   1 
ATOM   737 C CA  . THR B 2 3  ? 14.997  -6.203  1.942   1.00 18.57 ? 18  THR B CA  1 
ATOM   738 C C   . THR B 2 3  ? 13.643  -5.522  2.059   1.00 17.69 ? 18  THR B C   1 
ATOM   739 O O   . THR B 2 3  ? 13.054  -5.478  3.141   1.00 17.57 ? 18  THR B O   1 
ATOM   740 C CB  . THR B 2 3  ? 14.783  -7.591  1.312   1.00 20.30 ? 18  THR B CB  1 
ATOM   741 O OG1 . THR B 2 3  ? 13.813  -8.322  2.070   1.00 21.87 ? 18  THR B OG1 1 
ATOM   742 C CG2 . THR B 2 3  ? 16.100  -8.369  1.282   1.00 20.75 ? 18  THR B CG2 1 
ATOM   743 N N   . PHE B 2 4  ? 13.140  -4.985  0.950   1.00 15.40 ? 19  PHE B N   1 
ATOM   744 C CA  . PHE B 2 4  ? 11.833  -4.350  0.995   1.00 15.55 ? 19  PHE B CA  1 
ATOM   745 C C   . PHE B 2 4  ? 10.762  -5.320  1.491   1.00 17.19 ? 19  PHE B C   1 
ATOM   746 O O   . PHE B 2 4  ? 9.916   -4.955  2.311   1.00 15.98 ? 19  PHE B O   1 
ATOM   747 C CB  . PHE B 2 4  ? 11.432  -3.805  -0.384  1.00 14.37 ? 19  PHE B CB  1 
ATOM   748 C CG  . PHE B 2 4  ? 10.014  -3.323  -0.433  1.00 13.53 ? 19  PHE B CG  1 
ATOM   749 C CD1 . PHE B 2 4  ? 9.659   -2.126  0.178   1.00 13.20 ? 19  PHE B CD1 1 
ATOM   750 C CD2 . PHE B 2 4  ? 9.019   -4.106  -0.998  1.00 15.77 ? 19  PHE B CD2 1 
ATOM   751 C CE1 . PHE B 2 4  ? 8.336   -1.719  0.233   1.00 15.08 ? 19  PHE B CE1 1 
ATOM   752 C CE2 . PHE B 2 4  ? 7.689   -3.706  -0.949  1.00 16.35 ? 19  PHE B CE2 1 
ATOM   753 C CZ  . PHE B 2 4  ? 7.346   -2.510  -0.327  1.00 15.74 ? 19  PHE B CZ  1 
HETATM 754 O O   . 0EH B 2 5  ? 8.779   -7.645  3.594   1.00 18.42 ? 20  0EH B O   1 
HETATM 755 C C   . 0EH B 2 5  ? 9.842   -7.619  2.979   1.00 17.32 ? 20  0EH B C   1 
HETATM 756 C CA  . 0EH B 2 5  ? 9.865   -7.587  1.457   1.00 16.86 ? 20  0EH B CA  1 
HETATM 757 C CAA . 0EH B 2 5  ? 10.286  -8.955  0.925   1.00 16.71 ? 20  0EH B CAA 1 
HETATM 758 C CAB . 0EH B 2 5  ? 8.521   -7.213  0.825   1.00 18.26 ? 20  0EH B CAB 1 
HETATM 759 N N   . 0EH B 2 5  ? 10.796  -6.559  0.998   1.00 15.91 ? 20  0EH B N   1 
HETATM 760 C CAO . 0EH B 2 5  ? 7.425   -8.292  0.922   1.00 21.10 ? 20  0EH B CAO 1 
HETATM 761 C CAP . 0EH B 2 5  ? 6.110   -7.767  0.309   1.00 23.65 ? 20  0EH B CAP 1 
HETATM 762 C CAQ . 0EH B 2 5  ? 5.068   -8.891  0.195   1.00 27.83 ? 20  0EH B CAQ 1 
HETATM 763 C CAR . 0EH B 2 5  ? 4.556   -9.302  1.580   1.00 30.32 ? 20  0EH B CAR 1 
HETATM 764 C CAS . 0EH B 2 5  ? 3.806   -8.137  2.239   1.00 31.73 ? 20  0EH B CAS 1 
HETATM 765 C CAT . 0EH B 2 5  ? 3.240   -8.551  3.576   1.00 33.73 ? 20  0EH B CAT 1 
ATOM   766 N N   . GLU B 2 6  ? 11.025  -7.622  3.582   1.00 17.29 ? 21  GLU B N   1 
ATOM   767 C CA  . GLU B 2 6  ? 11.121  -7.754  5.033   1.00 17.65 ? 21  GLU B CA  1 
ATOM   768 C C   . GLU B 2 6  ? 10.584  -6.521  5.752   1.00 19.32 ? 21  GLU B C   1 
ATOM   769 O O   . GLU B 2 6  ? 9.888   -6.645  6.756   1.00 19.76 ? 21  GLU B O   1 
ATOM   770 C CB  . GLU B 2 6  ? 12.566  -8.030  5.442   1.00 19.03 ? 21  GLU B CB  1 
ATOM   771 C CG  . GLU B 2 6  ? 13.047  -9.391  4.952   1.00 23.27 ? 21  GLU B CG  1 
ATOM   772 C CD  . GLU B 2 6  ? 14.513  -9.645  5.216   1.00 26.48 ? 21  GLU B CD  1 
ATOM   773 O OE1 . GLU B 2 6  ? 15.339  -8.742  4.967   1.00 26.83 ? 21  GLU B OE1 1 
ATOM   774 O OE2 . GLU B 2 6  ? 14.843  -10.761 5.672   1.00 32.98 ? 21  GLU B OE2 1 
ATOM   775 N N   . TYR B 2 7  ? 10.886  -5.334  5.232   1.00 18.74 ? 22  TYR B N   1 
ATOM   776 C CA  . TYR B 2 7  ? 10.334  -4.115  5.824   1.00 17.84 ? 22  TYR B CA  1 
ATOM   777 C C   . TYR B 2 7  ? 8.818   -4.061  5.730   1.00 17.37 ? 22  TYR B C   1 
ATOM   778 O O   . TYR B 2 7  ? 8.142   -3.695  6.696   1.00 18.31 ? 22  TYR B O   1 
ATOM   779 C CB  . TYR B 2 7  ? 10.916  -2.871  5.155   1.00 16.05 ? 22  TYR B CB  1 
ATOM   780 C CG  . TYR B 2 7  ? 12.322  -2.565  5.586   1.00 18.74 ? 22  TYR B CG  1 
ATOM   781 C CD1 . TYR B 2 7  ? 13.348  -2.468  4.658   1.00 17.67 ? 22  TYR B CD1 1 
ATOM   782 C CD2 . TYR B 2 7  ? 12.628  -2.370  6.928   1.00 20.94 ? 22  TYR B CD2 1 
ATOM   783 C CE1 . TYR B 2 7  ? 14.636  -2.186  5.051   1.00 19.01 ? 22  TYR B CE1 1 
ATOM   784 C CE2 . TYR B 2 7  ? 13.915  -2.089  7.328   1.00 20.49 ? 22  TYR B CE2 1 
ATOM   785 C CZ  . TYR B 2 7  ? 14.914  -1.999  6.388   1.00 20.88 ? 22  TYR B CZ  1 
ATOM   786 O OH  . TYR B 2 7  ? 16.204  -1.731  6.786   1.00 23.44 ? 22  TYR B OH  1 
ATOM   787 N N   . TRP B 2 8  ? 8.273   -4.412  4.570   1.00 16.45 ? 23  TRP B N   1 
ATOM   788 C CA  . TRP B 2 8  ? 6.830   -4.328  4.407   1.00 16.34 ? 23  TRP B CA  1 
ATOM   789 C C   . TRP B 2 8  ? 6.124   -5.372  5.263   1.00 17.46 ? 23  TRP B C   1 
ATOM   790 O O   . TRP B 2 8  ? 5.046   -5.121  5.800   1.00 20.02 ? 23  TRP B O   1 
ATOM   791 C CB  . TRP B 2 8  ? 6.431   -4.514  2.945   1.00 17.64 ? 23  TRP B CB  1 
ATOM   792 C CG  . TRP B 2 8  ? 5.054   -4.001  2.682   1.00 15.98 ? 23  TRP B CG  1 
ATOM   793 C CD1 . TRP B 2 8  ? 3.890   -4.717  2.695   1.00 16.98 ? 23  TRP B CD1 1 
ATOM   794 C CD2 . TRP B 2 8  ? 4.687   -2.643  2.409   1.00 15.91 ? 23  TRP B CD2 1 
ATOM   795 N NE1 . TRP B 2 8  ? 2.823   -3.883  2.449   1.00 18.13 ? 23  TRP B NE1 1 
ATOM   796 C CE2 . TRP B 2 8  ? 3.289   -2.606  2.267   1.00 17.33 ? 23  TRP B CE2 1 
ATOM   797 C CE3 . TRP B 2 8  ? 5.413   -1.454  2.268   1.00 16.34 ? 23  TRP B CE3 1 
ATOM   798 C CZ2 . TRP B 2 8  ? 2.596   -1.430  1.990   1.00 17.99 ? 23  TRP B CZ2 1 
ATOM   799 C CZ3 . TRP B 2 8  ? 4.720   -0.282  1.993   1.00 18.83 ? 23  TRP B CZ3 1 
ATOM   800 C CH2 . TRP B 2 8  ? 3.328   -0.282  1.856   1.00 19.16 ? 23  TRP B CH2 1 
ATOM   801 N N   . ALA B 2 9  ? 6.736   -6.544  5.393   1.00 17.88 ? 24  ALA B N   1 
ATOM   802 C CA  . ALA B 2 9  ? 6.156   -7.603  6.211   1.00 21.64 ? 24  ALA B CA  1 
ATOM   803 C C   . ALA B 2 9  ? 5.991   -7.123  7.654   1.00 21.98 ? 24  ALA B C   1 
ATOM   804 O O   . ALA B 2 9  ? 4.996   -7.440  8.313   1.00 23.82 ? 24  ALA B O   1 
ATOM   805 C CB  . ALA B 2 9  ? 7.041   -8.837  6.170   1.00 20.62 ? 24  ALA B CB  1 
ATOM   806 N N   . GLN B 2 10 ? 6.963   -6.357  8.136   1.00 24.58 ? 25  GLN B N   1 
ATOM   807 C CA  . GLN B 2 10 ? 6.894   -5.789  9.484   1.00 27.85 ? 25  GLN B CA  1 
ATOM   808 C C   . GLN B 2 10 ? 5.741   -4.805  9.584   1.00 29.08 ? 25  GLN B C   1 
ATOM   809 O O   . GLN B 2 10 ? 5.027   -4.759  10.587  1.00 29.55 ? 25  GLN B O   1 
ATOM   810 C CB  . GLN B 2 10 ? 8.185   -5.047  9.830   1.00 30.68 ? 25  GLN B CB  1 
ATOM   811 C CG  . GLN B 2 10 ? 9.420   -5.911  9.938   1.00 35.44 ? 25  GLN B CG  1 
ATOM   812 C CD  . GLN B 2 10 ? 10.638  -5.106  10.351  1.00 39.70 ? 25  GLN B CD  1 
ATOM   813 O OE1 . GLN B 2 10 ? 11.596  -5.643  10.910  1.00 42.36 ? 25  GLN B OE1 1 
ATOM   814 N NE2 . GLN B 2 10 ? 10.606  -3.805  10.080  1.00 41.97 ? 25  GLN B NE2 1 
HETATM 815 N N   . 2JH B 2 11 ? 5.573   -4.005  8.540   1.00 28.81 ? 26  2JH B N   1 
HETATM 816 C CA  . 2JH B 2 11 ? 4.538   -2.985  8.522   1.00 31.33 ? 26  2JH B CA  1 
HETATM 817 C CB  . 2JH B 2 11 ? 4.747   -2.058  7.325   1.00 31.50 ? 26  2JH B CB  1 
HETATM 818 C C   . 2JH B 2 11 ? 3.163   -3.645  8.454   1.00 32.10 ? 26  2JH B C   1 
HETATM 819 O O   . 2JH B 2 11 ? 2.235   -3.237  9.153   1.00 32.97 ? 26  2JH B O   1 
HETATM 820 C CG  . 2JH B 2 11 ? 3.899   -0.787  7.271   1.00 32.22 ? 26  2JH B CG  1 
HETATM 821 C CD1 . 2JH B 2 11 ? 4.116   0.210   6.164   1.00 32.01 ? 26  2JH B CD1 1 
HETATM 822 C CD2 . 2JH B 2 11 ? 2.449   -0.967  6.880   1.00 32.43 ? 26  2JH B CD2 1 
HETATM 823 C CE  . 2JH B 2 11 ? 2.623   0.074   5.728   1.00 32.87 ? 26  2JH B CE  1 
HETATM 824 C C   . MK8 B 2 12 ? 1.377   -6.026  8.808   1.00 37.74 ? 27  MK8 B C   1 
HETATM 825 N N   . MK8 B 2 12 ? 3.045   -4.674  7.621   1.00 32.88 ? 27  MK8 B N   1 
HETATM 826 O O   . MK8 B 2 12 ? 0.218   -5.931  9.215   1.00 37.08 ? 27  MK8 B O   1 
HETATM 827 C CA  . MK8 B 2 12 ? 1.794   -5.411  7.475   1.00 35.42 ? 27  MK8 B CA  1 
HETATM 828 C CB  . MK8 B 2 12 ? 2.141   -6.517  6.477   1.00 34.16 ? 27  MK8 B CB  1 
HETATM 829 C CD  . MK8 B 2 12 ? 1.431   -8.631  5.293   1.00 34.93 ? 27  MK8 B CD  1 
HETATM 830 C CE  . MK8 B 2 12 ? 2.005   -8.209  3.967   1.00 34.84 ? 27  MK8 B CE  1 
HETATM 831 C CG  . MK8 B 2 12 ? 0.952   -7.411  6.096   1.00 35.44 ? 27  MK8 B CG  1 
HETATM 832 C CB1 . MK8 B 2 12 ? 0.694   -4.485  6.955   1.00 35.23 ? 27  MK8 B CB1 1 
ATOM   833 N N   . SER B 2 13 ? 2.333   -6.651  9.488   1.00 40.26 ? 28  SER B N   1 
ATOM   834 C CA  . SER B 2 13 ? 2.064   -7.316  10.757  1.00 44.10 ? 28  SER B CA  1 
ATOM   835 C C   . SER B 2 13 ? 1.600   -6.322  11.814  1.00 46.48 ? 28  SER B C   1 
ATOM   836 O O   . SER B 2 13 ? 0.849   -6.680  12.724  1.00 47.53 ? 28  SER B O   1 
ATOM   837 C CB  . SER B 2 13 ? 3.320   -8.039  11.252  1.00 44.39 ? 28  SER B CB  1 
ATOM   838 O OG  . SER B 2 13 ? 3.664   -9.111  10.392  1.00 46.75 ? 28  SER B OG  1 
ATOM   839 N N   . ALA B 2 14 ? 2.050   -5.077  11.695  1.00 47.93 ? 29  ALA B N   1 
ATOM   840 C CA  . ALA B 2 14 ? 1.690   -4.044  12.660  1.00 50.13 ? 29  ALA B CA  1 
ATOM   841 C C   . ALA B 2 14 ? 0.255   -3.585  12.437  1.00 52.11 ? 29  ALA B C   1 
ATOM   842 O O   . ALA B 2 14 ? -0.554  -3.577  13.363  1.00 52.75 ? 29  ALA B O   1 
ATOM   843 C CB  . ALA B 2 14 ? 2.644   -2.863  12.540  1.00 49.45 ? 29  ALA B CB  1 
ATOM   844 N N   . ALA B 2 15 ? -0.059  -3.207  11.203  1.00 54.24 ? 30  ALA B N   1 
ATOM   845 C CA  . ALA B 2 15 ? -1.397  -2.739  10.865  1.00 56.87 ? 30  ALA B CA  1 
ATOM   846 C C   . ALA B 2 15 ? -2.394  -3.892  10.913  1.00 58.33 ? 30  ALA B C   1 
ATOM   847 O O   . ALA B 2 15 ? -3.331  -3.822  11.737  1.00 59.32 ? 30  ALA B O   1 
ATOM   848 C CB  . ALA B 2 15 ? -1.394  -2.108  9.479   1.00 57.27 ? 30  ALA B CB  1 
ATOM   849 O OXT . ALA B 2 15 ? -2.224  -4.852  10.132  1.00 59.86 ? 30  ALA B OXT 1 
HETATM 850 O O   . HOH C 3 .  ? 11.584  -7.414  -4.289  1.00 18.28 ? 201 HOH A O   1 
HETATM 851 O O   . HOH C 3 .  ? 9.751   -7.186  -10.663 1.00 18.26 ? 202 HOH A O   1 
HETATM 852 O O   . HOH C 3 .  ? -1.170  10.439  1.546   1.00 22.67 ? 203 HOH A O   1 
HETATM 853 O O   . HOH C 3 .  ? 7.316   8.514   5.016   1.00 21.46 ? 204 HOH A O   1 
HETATM 854 O O   . HOH C 3 .  ? 17.578  0.061   4.662   1.00 24.20 ? 205 HOH A O   1 
HETATM 855 O O   . HOH C 3 .  ? -3.540  6.672   -9.284  1.00 27.02 ? 206 HOH A O   1 
HETATM 856 O O   . HOH C 3 .  ? 4.296   7.675   10.043  1.00 32.50 ? 207 HOH A O   1 
HETATM 857 O O   . HOH C 3 .  ? -4.684  4.250   -10.010 1.00 29.11 ? 208 HOH A O   1 
HETATM 858 O O   . HOH C 3 .  ? 9.660   9.722   6.118   1.00 35.72 ? 209 HOH A O   1 
HETATM 859 O O   . HOH C 3 .  ? 7.964   0.196   -12.327 1.00 33.72 ? 210 HOH A O   1 
HETATM 860 O O   . HOH C 3 .  ? 11.095  4.142   -8.060  1.00 33.13 ? 211 HOH A O   1 
HETATM 861 O O   . HOH C 3 .  ? 11.322  0.711   -11.054 1.00 35.93 ? 212 HOH A O   1 
HETATM 862 O O   . HOH C 3 .  ? -0.984  14.256  1.731   1.00 33.93 ? 213 HOH A O   1 
HETATM 863 O O   . HOH C 3 .  ? -6.435  13.351  3.677   1.00 45.67 ? 214 HOH A O   1 
HETATM 864 O O   . HOH C 3 .  ? 13.511  2.795   -6.962  1.00 29.14 ? 215 HOH A O   1 
HETATM 865 O O   . HOH C 3 .  ? -4.804  11.530  -4.551  1.00 36.64 ? 216 HOH A O   1 
HETATM 866 O O   . HOH C 3 .  ? -1.543  13.779  -6.130  1.00 38.24 ? 217 HOH A O   1 
HETATM 867 O O   . HOH C 3 .  ? 13.728  -2.718  -12.983 1.00 36.35 ? 218 HOH A O   1 
HETATM 868 O O   . HOH C 3 .  ? -6.763  5.210   -11.481 1.00 38.85 ? 219 HOH A O   1 
HETATM 869 O O   . HOH C 3 .  ? 6.467   2.949   -12.177 1.00 31.85 ? 220 HOH A O   1 
HETATM 870 O O   . HOH C 3 .  ? -8.990  8.829   -4.796  1.00 41.47 ? 221 HOH A O   1 
HETATM 871 O O   . HOH C 3 .  ? 17.313  2.995   -6.208  1.00 36.35 ? 222 HOH A O   1 
HETATM 872 O O   . HOH C 3 .  ? 3.412   10.076  -8.914  1.00 30.84 ? 223 HOH A O   1 
HETATM 873 O O   . HOH C 3 .  ? 1.796   8.061   -12.896 1.00 45.41 ? 224 HOH A O   1 
HETATM 874 O O   . HOH C 3 .  ? -1.949  12.398  3.226   1.00 49.23 ? 225 HOH A O   1 
HETATM 875 O O   . HOH C 3 .  ? 8.108   6.363   -9.458  1.00 44.92 ? 226 HOH A O   1 
HETATM 876 O O   . HOH C 3 .  ? -5.950  9.951   -2.511  1.00 32.36 ? 227 HOH A O   1 
HETATM 877 O O   . HOH C 3 .  ? 8.564   13.212  -1.011  1.00 44.33 ? 228 HOH A O   1 
HETATM 878 O O   . HOH C 3 .  ? 6.592   10.974  2.652   1.00 32.66 ? 229 HOH A O   1 
HETATM 879 O O   . HOH C 3 .  ? 0.246   -6.980  -13.403 1.00 39.04 ? 230 HOH A O   1 
HETATM 880 O O   . HOH C 3 .  ? -3.443  2.568   -11.667 1.00 37.83 ? 231 HOH A O   1 
HETATM 881 O O   . HOH C 3 .  ? 0.656   0.497   -13.325 1.00 55.84 ? 232 HOH A O   1 
HETATM 882 O O   . HOH C 3 .  ? 4.756   -12.307 -1.582  1.00 54.43 ? 233 HOH A O   1 
HETATM 883 O O   . HOH C 3 .  ? 20.472  -2.879  1.989   1.00 52.75 ? 234 HOH A O   1 
HETATM 884 O O   . HOH C 3 .  ? -11.234 11.225  -1.340  1.00 55.08 ? 235 HOH A O   1 
HETATM 885 O O   . HOH C 3 .  ? -4.196  11.136  -10.749 1.00 43.51 ? 236 HOH A O   1 
HETATM 886 O O   . HOH C 3 .  ? 22.654  -1.023  -4.779  1.00 59.90 ? 237 HOH A O   1 
HETATM 887 O O   . HOH C 3 .  ? -14.470 5.277   -6.726  1.00 47.91 ? 238 HOH A O   1 
HETATM 888 O O   . HOH C 3 .  ? -11.968 5.477   5.073   1.00 41.19 ? 239 HOH A O   1 
HETATM 889 O O   . HOH C 3 .  ? -6.928  10.743  5.132   1.00 41.93 ? 240 HOH A O   1 
HETATM 890 O O   . HOH C 3 .  ? -14.253 1.102   -6.455  1.00 43.54 ? 241 HOH A O   1 
HETATM 891 O O   . HOH C 3 .  ? 4.881   10.920  -14.690 1.00 61.34 ? 242 HOH A O   1 
HETATM 892 O O   . HOH C 3 .  ? 15.326  -5.252  -7.086  0.50 30.28 ? 243 HOH A O   1 
HETATM 893 O O   . HOH C 3 .  ? -9.680  -4.489  8.080   1.00 45.83 ? 244 HOH A O   1 
HETATM 894 O O   . HOH C 3 .  ? -11.222 0.626   -10.756 1.00 46.88 ? 245 HOH A O   1 
HETATM 895 O O   . HOH C 3 .  ? 16.252  1.147   -9.259  1.00 53.13 ? 246 HOH A O   1 
HETATM 896 O O   . HOH C 3 .  ? -5.313  8.803   -8.735  1.00 40.05 ? 247 HOH A O   1 
HETATM 897 O O   . HOH C 3 .  ? -1.033  9.490   10.534  1.00 60.82 ? 248 HOH A O   1 
HETATM 898 O O   . HOH C 3 .  ? -12.761 -4.344  -11.345 1.00 60.11 ? 249 HOH A O   1 
HETATM 899 O O   . HOH C 3 .  ? 19.437  3.694   6.709   1.00 54.38 ? 250 HOH A O   1 
HETATM 900 O O   . HOH C 3 .  ? -7.012  7.879   -11.139 1.00 36.68 ? 251 HOH A O   1 
HETATM 901 O O   . HOH C 3 .  ? 6.218   10.872  5.165   1.00 46.46 ? 252 HOH A O   1 
HETATM 902 O O   . HOH C 3 .  ? 14.292  -3.946  -15.329 1.00 38.47 ? 253 HOH A O   1 
HETATM 903 O O   . HOH C 3 .  ? 10.988  3.325   -10.435 1.00 39.00 ? 254 HOH A O   1 
HETATM 904 O O   . HOH C 3 .  ? -2.564  15.959  -7.429  1.00 48.36 ? 255 HOH A O   1 
HETATM 905 O O   . HOH C 3 .  ? -9.294  13.985  2.682   1.00 44.85 ? 256 HOH A O   1 
HETATM 906 O O   . HOH C 3 .  ? -4.453  14.939  -5.923  1.00 47.68 ? 257 HOH A O   1 
HETATM 907 O O   . HOH C 3 .  ? -3.442  4.371   -13.674 1.00 53.10 ? 258 HOH A O   1 
HETATM 908 O O   . HOH C 3 .  ? -8.619  10.921  -2.955  1.00 49.93 ? 259 HOH A O   1 
HETATM 909 O O   . HOH C 3 .  ? -11.925 -5.629  13.486  1.00 57.12 ? 260 HOH A O   1 
HETATM 910 O O   . HOH C 3 .  ? 19.756  1.375   5.451   1.00 43.16 ? 261 HOH A O   1 
HETATM 911 O O   . HOH C 3 .  ? -7.349  -5.879  8.680   1.00 45.71 ? 262 HOH A O   1 
HETATM 912 O O   . HOH C 3 .  ? 11.258  11.949  -4.062  1.00 49.17 ? 263 HOH A O   1 
HETATM 913 O O   . HOH C 3 .  ? 4.960   -1.512  -15.253 1.00 48.19 ? 264 HOH A O   1 
HETATM 914 O O   . HOH C 3 .  ? 6.241   0.943   9.722   1.00 45.45 ? 265 HOH A O   1 
HETATM 915 O O   . HOH C 3 .  ? 17.944  -3.542  -9.004  1.00 52.43 ? 266 HOH A O   1 
HETATM 916 O O   . HOH C 3 .  ? -6.168  -8.716  -10.700 1.00 46.65 ? 267 HOH A O   1 
HETATM 917 O O   . HOH C 3 .  ? -0.860  -11.256 -5.952  1.00 45.01 ? 268 HOH A O   1 
HETATM 918 O O   . HOH C 3 .  ? 4.432   0.768   -16.424 1.00 55.27 ? 269 HOH A O   1 
HETATM 919 O O   . HOH C 3 .  ? 20.408  -3.559  -4.641  1.00 54.09 ? 270 HOH A O   1 
HETATM 920 O O   . HOH C 3 .  ? 3.695   2.751   -14.733 1.00 49.11 ? 271 HOH A O   1 
HETATM 921 O O   . HOH C 3 .  ? -14.693 -9.672  -3.372  1.00 46.46 ? 272 HOH A O   1 
HETATM 922 O O   . HOH C 3 .  ? 2.777   -1.796  -13.719 1.00 47.51 ? 273 HOH A O   1 
HETATM 923 O O   . HOH C 3 .  ? 20.735  2.532   -7.654  1.00 55.81 ? 274 HOH A O   1 
HETATM 924 O O   . HOH C 3 .  ? 3.385   7.792   12.492  1.00 54.56 ? 275 HOH A O   1 
HETATM 925 O O   . HOH C 3 .  ? 13.648  9.819   -6.160  1.00 46.78 ? 276 HOH A O   1 
HETATM 926 O O   . HOH C 3 .  ? 11.519  -0.692  -13.637 1.00 54.22 ? 277 HOH A O   1 
HETATM 927 O O   . HOH C 3 .  ? 23.384  -0.941  -2.191  1.00 56.14 ? 278 HOH A O   1 
HETATM 928 O O   . HOH C 3 .  ? 3.688   14.285  -14.884 1.00 47.85 ? 279 HOH A O   1 
HETATM 929 O O   . HOH C 3 .  ? 8.340   4.569   -11.303 1.00 45.73 ? 280 HOH A O   1 
HETATM 930 O O   . HOH C 3 .  ? 7.019   14.104  -13.412 1.00 49.51 ? 281 HOH A O   1 
HETATM 931 O O   . HOH C 3 .  ? -12.959 7.284   2.050   1.00 49.46 ? 282 HOH A O   1 
HETATM 932 O O   . HOH C 3 .  ? -8.051  10.954  11.083  1.00 51.43 ? 283 HOH A O   1 
HETATM 933 O O   . HOH C 3 .  ? -0.273  -13.123 -3.542  0.50 30.18 ? 284 HOH A O   1 
HETATM 934 O O   . HOH C 3 .  ? -6.983  -10.266 6.598   1.00 53.72 ? 285 HOH A O   1 
HETATM 935 O O   . HOH C 3 .  ? 19.897  5.395   -1.527  1.00 51.14 ? 286 HOH A O   1 
HETATM 936 O O   . HOH C 3 .  ? -7.476  12.069  8.610   1.00 53.73 ? 287 HOH A O   1 
HETATM 937 O O   . HOH C 3 .  ? -1.383  -9.115  -12.130 1.00 53.35 ? 288 HOH A O   1 
HETATM 938 O O   . HOH C 3 .  ? 17.777  6.914   0.222   1.00 48.46 ? 289 HOH A O   1 
HETATM 939 O O   . HOH C 3 .  ? 15.360  -3.241  -8.750  1.00 41.59 ? 290 HOH A O   1 
HETATM 940 O O   . HOH C 3 .  ? -0.899  1.353   -11.343 1.00 44.11 ? 291 HOH A O   1 
HETATM 941 O O   . HOH C 3 .  ? 0.547   8.555   12.458  1.00 53.86 ? 292 HOH A O   1 
HETATM 942 O O   . HOH C 3 .  ? 16.234  -1.434  -12.150 1.00 53.46 ? 293 HOH A O   1 
HETATM 943 O O   . HOH C 3 .  ? -1.209  16.017  3.616   1.00 58.04 ? 294 HOH A O   1 
HETATM 944 O O   . HOH C 3 .  ? 20.420  -2.684  -8.241  0.50 49.74 ? 295 HOH A O   1 
HETATM 945 O O   . HOH C 3 .  ? 6.464   5.456   -15.994 1.00 49.71 ? 296 HOH A O   1 
HETATM 946 O O   . HOH C 3 .  ? 6.432   2.986   -15.066 1.00 43.16 ? 297 HOH A O   1 
HETATM 947 O O   . HOH C 3 .  ? 9.424   6.022   -13.709 1.00 46.90 ? 298 HOH A O   1 
HETATM 948 O O   . HOH C 3 .  ? 9.108   3.232   12.567  1.00 48.04 ? 299 HOH A O   1 
HETATM 949 O O   . HOH C 3 .  ? -10.172 14.038  0.327   1.00 51.82 ? 300 HOH A O   1 
HETATM 950 O O   . HOH C 3 .  ? -10.709 12.179  3.771   1.00 52.33 ? 301 HOH A O   1 
HETATM 951 O O   . HOH D 3 .  ? 17.897  -1.929  2.871   1.00 20.93 ? 101 HOH B O   1 
HETATM 952 O O   . HOH D 3 .  ? 13.507  -10.848 1.275   1.00 21.10 ? 102 HOH B O   1 
HETATM 953 O O   . HOH D 3 .  ? 9.991   -8.866  8.215   1.00 29.44 ? 103 HOH B O   1 
HETATM 954 O O   . HOH D 3 .  ? 9.057   -1.819  8.547   1.00 27.01 ? 104 HOH B O   1 
HETATM 955 O O   . HOH D 3 .  ? 18.049  -9.134  4.533   1.00 38.76 ? 105 HOH B O   1 
HETATM 956 O O   . HOH D 3 .  ? 3.676   -10.080 7.872   1.00 39.85 ? 106 HOH B O   1 
HETATM 957 O O   . HOH D 3 .  ? 9.473   -10.841 3.995   1.00 39.33 ? 107 HOH B O   1 
HETATM 958 O O   . HOH D 3 .  ? 17.411  -10.747 7.527   1.00 53.95 ? 108 HOH B O   1 
HETATM 959 O O   . HOH D 3 .  ? 14.045  -4.356  11.943  1.00 45.54 ? 109 HOH B O   1 
HETATM 960 O O   . HOH D 3 .  ? 16.957  -1.942  9.406   1.00 47.65 ? 110 HOH B O   1 
HETATM 961 O O   . HOH D 3 .  ? 22.033  -4.183  3.989   1.00 52.16 ? 111 HOH B O   1 
HETATM 962 O O   . HOH D 3 .  ? 9.904   -11.249 6.663   1.00 36.06 ? 112 HOH B O   1 
HETATM 963 O O   . HOH D 3 .  ? 6.426   -12.157 4.017   1.00 38.39 ? 113 HOH B O   1 
HETATM 964 O O   . HOH D 3 .  ? 7.682   -9.360  9.961   1.00 39.04 ? 114 HOH B O   1 
HETATM 965 O O   . HOH D 3 .  ? 18.006  -11.308 3.142   1.00 39.02 ? 115 HOH B O   1 
HETATM 966 O O   . HOH D 3 .  ? 15.895  -12.247 1.610   1.00 34.96 ? 116 HOH B O   1 
HETATM 967 O O   . HOH D 3 .  ? 5.161   -6.263  12.743  1.00 55.18 ? 117 HOH B O   1 
HETATM 968 O O   . HOH D 3 .  ? 8.210   -0.775  10.708  1.00 39.69 ? 118 HOH B O   1 
HETATM 969 O O   . HOH D 3 .  ? 19.200  -7.001  2.853   1.00 40.63 ? 119 HOH B O   1 
HETATM 970 O O   . HOH D 3 .  ? 11.994  -1.429  10.451  1.00 55.99 ? 120 HOH B O   1 
HETATM 971 O O   . HOH D 3 .  ? 4.201   -13.142 2.307   1.00 48.61 ? 121 HOH B O   1 
HETATM 972 O O   . HOH D 3 .  ? 7.474   -12.529 7.302   1.00 51.18 ? 122 HOH B O   1 
HETATM 973 O O   . HOH D 3 .  ? 13.844  -9.971  8.398   1.00 46.13 ? 123 HOH B O   1 
HETATM 974 O O   . HOH D 3 .  ? 11.202  -12.170 2.530   1.00 30.88 ? 124 HOH B O   1 
# 
